data_3CLJ
# 
_entry.id   3CLJ 
# 
_audit_conform.dict_name       mmcif_pdbx.dic 
_audit_conform.dict_version    5.387 
_audit_conform.dict_location   http://mmcif.pdb.org/dictionaries/ascii/mmcif_pdbx.dic 
# 
loop_
_database_2.database_id 
_database_2.database_code 
_database_2.pdbx_database_accession 
_database_2.pdbx_DOI 
PDB   3CLJ         pdb_00003clj 10.2210/pdb3clj/pdb 
RCSB  RCSB046921   ?            ?                   
WWPDB D_1000046921 ?            ?                   
# 
loop_
_pdbx_audit_revision_history.ordinal 
_pdbx_audit_revision_history.data_content_type 
_pdbx_audit_revision_history.major_revision 
_pdbx_audit_revision_history.minor_revision 
_pdbx_audit_revision_history.revision_date 
1 'Structure model' 1 0 2008-07-29 
2 'Structure model' 1 1 2011-07-13 
3 'Structure model' 1 2 2024-02-21 
# 
_pdbx_audit_revision_details.ordinal             1 
_pdbx_audit_revision_details.revision_ordinal    1 
_pdbx_audit_revision_details.data_content_type   'Structure model' 
_pdbx_audit_revision_details.provider            repository 
_pdbx_audit_revision_details.type                'Initial release' 
_pdbx_audit_revision_details.description         ? 
_pdbx_audit_revision_details.details             ? 
# 
loop_
_pdbx_audit_revision_group.ordinal 
_pdbx_audit_revision_group.revision_ordinal 
_pdbx_audit_revision_group.data_content_type 
_pdbx_audit_revision_group.group 
1 2 'Structure model' Advisory                    
2 2 'Structure model' 'Version format compliance' 
3 3 'Structure model' 'Data collection'           
4 3 'Structure model' 'Database references'       
5 3 'Structure model' 'Derived calculations'      
# 
loop_
_pdbx_audit_revision_category.ordinal 
_pdbx_audit_revision_category.revision_ordinal 
_pdbx_audit_revision_category.data_content_type 
_pdbx_audit_revision_category.category 
1 3 'Structure model' chem_comp_atom     
2 3 'Structure model' chem_comp_bond     
3 3 'Structure model' database_2         
4 3 'Structure model' struct_ref_seq_dif 
5 3 'Structure model' struct_site        
# 
loop_
_pdbx_audit_revision_item.ordinal 
_pdbx_audit_revision_item.revision_ordinal 
_pdbx_audit_revision_item.data_content_type 
_pdbx_audit_revision_item.item 
1 3 'Structure model' '_database_2.pdbx_DOI'                
2 3 'Structure model' '_database_2.pdbx_database_accession' 
3 3 'Structure model' '_struct_ref_seq_dif.details'         
4 3 'Structure model' '_struct_site.pdbx_auth_asym_id'      
5 3 'Structure model' '_struct_site.pdbx_auth_comp_id'      
6 3 'Structure model' '_struct_site.pdbx_auth_seq_id'       
# 
_pdbx_database_status.status_code                     REL 
_pdbx_database_status.entry_id                        3CLJ 
_pdbx_database_status.recvd_initial_deposition_date   2008-03-19 
_pdbx_database_status.deposit_site                    RCSB 
_pdbx_database_status.process_site                    RCSB 
_pdbx_database_status.status_code_sf                  REL 
_pdbx_database_status.status_code_mr                  ? 
_pdbx_database_status.SG_entry                        ? 
_pdbx_database_status.pdb_format_compatible           Y 
_pdbx_database_status.status_code_cs                  ? 
_pdbx_database_status.status_code_nmr_data            ? 
_pdbx_database_status.methods_development_category    ? 
# 
loop_
_audit_author.name 
_audit_author.pdbx_ordinal 
'Vasiljeva, L.'  1 
'Kim, M.'        2 
'Mutschler, H.'  3 
'Buratowski, S.' 4 
'Meinhart, A.'   5 
# 
_citation.id                        primary 
_citation.title                     
'The Nrd1-Nab3-Sen1 termination complex interacts with the Ser5-phosphorylated RNA polymerase II C-terminal domain.' 
_citation.journal_abbrev            Nat.Struct.Mol.Biol. 
_citation.journal_volume            15 
_citation.page_first                795 
_citation.page_last                 804 
_citation.year                      2008 
_citation.journal_id_ASTM           ? 
_citation.country                   US 
_citation.journal_id_ISSN           1545-9993 
_citation.journal_id_CSD            ? 
_citation.book_publisher            ? 
_citation.pdbx_database_id_PubMed   18660819 
_citation.pdbx_database_id_DOI      10.1038/nsmb.1468 
# 
loop_
_citation_author.citation_id 
_citation_author.name 
_citation_author.ordinal 
_citation_author.identifier_ORCID 
primary 'Vasiljeva, L.'  1 ? 
primary 'Kim, M.'        2 ? 
primary 'Mutschler, H.'  3 ? 
primary 'Buratowski, S.' 4 ? 
primary 'Meinhart, A.'   5 ? 
# 
loop_
_entity.id 
_entity.type 
_entity.src_method 
_entity.pdbx_description 
_entity.formula_weight 
_entity.pdbx_number_of_molecules 
_entity.pdbx_ec 
_entity.pdbx_mutation 
_entity.pdbx_fragment 
_entity.details 
1 polymer     man 'Protein NRD1' 17725.107 1  ? ? 'CTD-interacting domain, unp residues 6-151' ? 
2 non-polymer syn 'SULFATE ION'  96.063    1  ? ? ?                                            ? 
3 non-polymer syn GLYCEROL       92.094    4  ? ? ?                                            ? 
4 water       nat water          18.015    56 ? ? ?                                            ? 
# 
_entity_poly.entity_id                      1 
_entity_poly.type                           'polypeptide(L)' 
_entity_poly.nstd_linkage                   no 
_entity_poly.nstd_monomer                   no 
_entity_poly.pdbx_seq_one_letter_code       
;MDFQNFVATLESFKDLKSGISGSRIKKLTTYALDHIDIESKIISLIIDYSRLCPDSHKLGSLYIIDSIGRAYLDETRSNS
NSSSNKPGTCAHAINTLGEVIQELLSDAIAKSNQDHKEKIRMLLDIWDRSGLFQKSYLNAIRSKCFAAALEHHHHHH
;
_entity_poly.pdbx_seq_one_letter_code_can   
;MDFQNFVATLESFKDLKSGISGSRIKKLTTYALDHIDIESKIISLIIDYSRLCPDSHKLGSLYIIDSIGRAYLDETRSNS
NSSSNKPGTCAHAINTLGEVIQELLSDAIAKSNQDHKEKIRMLLDIWDRSGLFQKSYLNAIRSKCFAAALEHHHHHH
;
_entity_poly.pdbx_strand_id                 A 
_entity_poly.pdbx_target_identifier         ? 
# 
loop_
_pdbx_entity_nonpoly.entity_id 
_pdbx_entity_nonpoly.name 
_pdbx_entity_nonpoly.comp_id 
2 'SULFATE ION' SO4 
3 GLYCEROL      GOL 
4 water         HOH 
# 
loop_
_entity_poly_seq.entity_id 
_entity_poly_seq.num 
_entity_poly_seq.mon_id 
_entity_poly_seq.hetero 
1 1   MET n 
1 2   ASP n 
1 3   PHE n 
1 4   GLN n 
1 5   ASN n 
1 6   PHE n 
1 7   VAL n 
1 8   ALA n 
1 9   THR n 
1 10  LEU n 
1 11  GLU n 
1 12  SER n 
1 13  PHE n 
1 14  LYS n 
1 15  ASP n 
1 16  LEU n 
1 17  LYS n 
1 18  SER n 
1 19  GLY n 
1 20  ILE n 
1 21  SER n 
1 22  GLY n 
1 23  SER n 
1 24  ARG n 
1 25  ILE n 
1 26  LYS n 
1 27  LYS n 
1 28  LEU n 
1 29  THR n 
1 30  THR n 
1 31  TYR n 
1 32  ALA n 
1 33  LEU n 
1 34  ASP n 
1 35  HIS n 
1 36  ILE n 
1 37  ASP n 
1 38  ILE n 
1 39  GLU n 
1 40  SER n 
1 41  LYS n 
1 42  ILE n 
1 43  ILE n 
1 44  SER n 
1 45  LEU n 
1 46  ILE n 
1 47  ILE n 
1 48  ASP n 
1 49  TYR n 
1 50  SER n 
1 51  ARG n 
1 52  LEU n 
1 53  CYS n 
1 54  PRO n 
1 55  ASP n 
1 56  SER n 
1 57  HIS n 
1 58  LYS n 
1 59  LEU n 
1 60  GLY n 
1 61  SER n 
1 62  LEU n 
1 63  TYR n 
1 64  ILE n 
1 65  ILE n 
1 66  ASP n 
1 67  SER n 
1 68  ILE n 
1 69  GLY n 
1 70  ARG n 
1 71  ALA n 
1 72  TYR n 
1 73  LEU n 
1 74  ASP n 
1 75  GLU n 
1 76  THR n 
1 77  ARG n 
1 78  SER n 
1 79  ASN n 
1 80  SER n 
1 81  ASN n 
1 82  SER n 
1 83  SER n 
1 84  SER n 
1 85  ASN n 
1 86  LYS n 
1 87  PRO n 
1 88  GLY n 
1 89  THR n 
1 90  CYS n 
1 91  ALA n 
1 92  HIS n 
1 93  ALA n 
1 94  ILE n 
1 95  ASN n 
1 96  THR n 
1 97  LEU n 
1 98  GLY n 
1 99  GLU n 
1 100 VAL n 
1 101 ILE n 
1 102 GLN n 
1 103 GLU n 
1 104 LEU n 
1 105 LEU n 
1 106 SER n 
1 107 ASP n 
1 108 ALA n 
1 109 ILE n 
1 110 ALA n 
1 111 LYS n 
1 112 SER n 
1 113 ASN n 
1 114 GLN n 
1 115 ASP n 
1 116 HIS n 
1 117 LYS n 
1 118 GLU n 
1 119 LYS n 
1 120 ILE n 
1 121 ARG n 
1 122 MET n 
1 123 LEU n 
1 124 LEU n 
1 125 ASP n 
1 126 ILE n 
1 127 TRP n 
1 128 ASP n 
1 129 ARG n 
1 130 SER n 
1 131 GLY n 
1 132 LEU n 
1 133 PHE n 
1 134 GLN n 
1 135 LYS n 
1 136 SER n 
1 137 TYR n 
1 138 LEU n 
1 139 ASN n 
1 140 ALA n 
1 141 ILE n 
1 142 ARG n 
1 143 SER n 
1 144 LYS n 
1 145 CYS n 
1 146 PHE n 
1 147 ALA n 
1 148 ALA n 
1 149 ALA n 
1 150 LEU n 
1 151 GLU n 
1 152 HIS n 
1 153 HIS n 
1 154 HIS n 
1 155 HIS n 
1 156 HIS n 
1 157 HIS n 
# 
_entity_src_gen.entity_id                          1 
_entity_src_gen.pdbx_src_id                        1 
_entity_src_gen.pdbx_alt_source_flag               sample 
_entity_src_gen.pdbx_seq_type                      ? 
_entity_src_gen.pdbx_beg_seq_num                   ? 
_entity_src_gen.pdbx_end_seq_num                   ? 
_entity_src_gen.gene_src_common_name               
;Baker's yeast
;
_entity_src_gen.gene_src_genus                     ? 
_entity_src_gen.pdbx_gene_src_gene                 NRD1 
_entity_src_gen.gene_src_species                   ? 
_entity_src_gen.gene_src_strain                    ? 
_entity_src_gen.gene_src_tissue                    ? 
_entity_src_gen.gene_src_tissue_fraction           ? 
_entity_src_gen.gene_src_details                   ? 
_entity_src_gen.pdbx_gene_src_fragment             ? 
_entity_src_gen.pdbx_gene_src_scientific_name      'Saccharomyces cerevisiae' 
_entity_src_gen.pdbx_gene_src_ncbi_taxonomy_id     ? 
_entity_src_gen.pdbx_gene_src_variant              ? 
_entity_src_gen.pdbx_gene_src_cell_line            ? 
_entity_src_gen.pdbx_gene_src_atcc                 ? 
_entity_src_gen.pdbx_gene_src_organ                ? 
_entity_src_gen.pdbx_gene_src_organelle            ? 
_entity_src_gen.pdbx_gene_src_cell                 ? 
_entity_src_gen.pdbx_gene_src_cellular_location    ? 
_entity_src_gen.host_org_common_name               ? 
_entity_src_gen.pdbx_host_org_scientific_name      'Escherichia coli' 
_entity_src_gen.pdbx_host_org_ncbi_taxonomy_id     ? 
_entity_src_gen.host_org_genus                     ? 
_entity_src_gen.pdbx_host_org_gene                 ? 
_entity_src_gen.pdbx_host_org_organ                ? 
_entity_src_gen.host_org_species                   ? 
_entity_src_gen.pdbx_host_org_tissue               ? 
_entity_src_gen.pdbx_host_org_tissue_fraction      ? 
_entity_src_gen.pdbx_host_org_strain               'BL21(DE3)-RIL' 
_entity_src_gen.pdbx_host_org_variant              ? 
_entity_src_gen.pdbx_host_org_cell_line            ? 
_entity_src_gen.pdbx_host_org_atcc                 ? 
_entity_src_gen.pdbx_host_org_culture_collection   ? 
_entity_src_gen.pdbx_host_org_cell                 ? 
_entity_src_gen.pdbx_host_org_organelle            ? 
_entity_src_gen.pdbx_host_org_cellular_location    ? 
_entity_src_gen.pdbx_host_org_vector_type          plasmid 
_entity_src_gen.pdbx_host_org_vector               ? 
_entity_src_gen.host_org_details                   ? 
_entity_src_gen.expression_system_id               ? 
_entity_src_gen.plasmid_name                       pET28b 
_entity_src_gen.plasmid_details                    ? 
_entity_src_gen.pdbx_description                   ? 
# 
loop_
_chem_comp.id 
_chem_comp.type 
_chem_comp.mon_nstd_flag 
_chem_comp.name 
_chem_comp.pdbx_synonyms 
_chem_comp.formula 
_chem_comp.formula_weight 
ALA 'L-peptide linking' y ALANINE         ?                               'C3 H7 N O2'     89.093  
ARG 'L-peptide linking' y ARGININE        ?                               'C6 H15 N4 O2 1' 175.209 
ASN 'L-peptide linking' y ASPARAGINE      ?                               'C4 H8 N2 O3'    132.118 
ASP 'L-peptide linking' y 'ASPARTIC ACID' ?                               'C4 H7 N O4'     133.103 
CYS 'L-peptide linking' y CYSTEINE        ?                               'C3 H7 N O2 S'   121.158 
GLN 'L-peptide linking' y GLUTAMINE       ?                               'C5 H10 N2 O3'   146.144 
GLU 'L-peptide linking' y 'GLUTAMIC ACID' ?                               'C5 H9 N O4'     147.129 
GLY 'peptide linking'   y GLYCINE         ?                               'C2 H5 N O2'     75.067  
GOL non-polymer         . GLYCEROL        'GLYCERIN; PROPANE-1,2,3-TRIOL' 'C3 H8 O3'       92.094  
HIS 'L-peptide linking' y HISTIDINE       ?                               'C6 H10 N3 O2 1' 156.162 
HOH non-polymer         . WATER           ?                               'H2 O'           18.015  
ILE 'L-peptide linking' y ISOLEUCINE      ?                               'C6 H13 N O2'    131.173 
LEU 'L-peptide linking' y LEUCINE         ?                               'C6 H13 N O2'    131.173 
LYS 'L-peptide linking' y LYSINE          ?                               'C6 H15 N2 O2 1' 147.195 
MET 'L-peptide linking' y METHIONINE      ?                               'C5 H11 N O2 S'  149.211 
PHE 'L-peptide linking' y PHENYLALANINE   ?                               'C9 H11 N O2'    165.189 
PRO 'L-peptide linking' y PROLINE         ?                               'C5 H9 N O2'     115.130 
SER 'L-peptide linking' y SERINE          ?                               'C3 H7 N O3'     105.093 
SO4 non-polymer         . 'SULFATE ION'   ?                               'O4 S -2'        96.063  
THR 'L-peptide linking' y THREONINE       ?                               'C4 H9 N O3'     119.119 
TRP 'L-peptide linking' y TRYPTOPHAN      ?                               'C11 H12 N2 O2'  204.225 
TYR 'L-peptide linking' y TYROSINE        ?                               'C9 H11 N O3'    181.189 
VAL 'L-peptide linking' y VALINE          ?                               'C5 H11 N O2'    117.146 
# 
loop_
_pdbx_poly_seq_scheme.asym_id 
_pdbx_poly_seq_scheme.entity_id 
_pdbx_poly_seq_scheme.seq_id 
_pdbx_poly_seq_scheme.mon_id 
_pdbx_poly_seq_scheme.ndb_seq_num 
_pdbx_poly_seq_scheme.pdb_seq_num 
_pdbx_poly_seq_scheme.auth_seq_num 
_pdbx_poly_seq_scheme.pdb_mon_id 
_pdbx_poly_seq_scheme.auth_mon_id 
_pdbx_poly_seq_scheme.pdb_strand_id 
_pdbx_poly_seq_scheme.pdb_ins_code 
_pdbx_poly_seq_scheme.hetero 
A 1 1   MET 1   5   5   MET MET A . n 
A 1 2   ASP 2   6   6   ASP ASP A . n 
A 1 3   PHE 3   7   7   PHE PHE A . n 
A 1 4   GLN 4   8   8   GLN GLN A . n 
A 1 5   ASN 5   9   9   ASN ASN A . n 
A 1 6   PHE 6   10  10  PHE PHE A . n 
A 1 7   VAL 7   11  11  VAL VAL A . n 
A 1 8   ALA 8   12  12  ALA ALA A . n 
A 1 9   THR 9   13  13  THR THR A . n 
A 1 10  LEU 10  14  14  LEU LEU A . n 
A 1 11  GLU 11  15  15  GLU GLU A . n 
A 1 12  SER 12  16  16  SER SER A . n 
A 1 13  PHE 13  17  17  PHE PHE A . n 
A 1 14  LYS 14  18  18  LYS LYS A . n 
A 1 15  ASP 15  19  19  ASP ASP A . n 
A 1 16  LEU 16  20  20  LEU LEU A . n 
A 1 17  LYS 17  21  21  LYS LYS A . n 
A 1 18  SER 18  22  22  SER SER A . n 
A 1 19  GLY 19  23  23  GLY GLY A . n 
A 1 20  ILE 20  24  24  ILE ILE A . n 
A 1 21  SER 21  25  25  SER SER A . n 
A 1 22  GLY 22  26  26  GLY GLY A . n 
A 1 23  SER 23  27  27  SER SER A . n 
A 1 24  ARG 24  28  28  ARG ARG A . n 
A 1 25  ILE 25  29  29  ILE ILE A . n 
A 1 26  LYS 26  30  30  LYS LYS A . n 
A 1 27  LYS 27  31  31  LYS LYS A . n 
A 1 28  LEU 28  32  32  LEU LEU A . n 
A 1 29  THR 29  33  33  THR THR A . n 
A 1 30  THR 30  34  34  THR THR A . n 
A 1 31  TYR 31  35  35  TYR TYR A . n 
A 1 32  ALA 32  36  36  ALA ALA A . n 
A 1 33  LEU 33  37  37  LEU LEU A . n 
A 1 34  ASP 34  38  38  ASP ASP A . n 
A 1 35  HIS 35  39  39  HIS HIS A . n 
A 1 36  ILE 36  40  40  ILE ILE A . n 
A 1 37  ASP 37  41  41  ASP ASP A . n 
A 1 38  ILE 38  42  42  ILE ILE A . n 
A 1 39  GLU 39  43  43  GLU GLU A . n 
A 1 40  SER 40  44  44  SER SER A . n 
A 1 41  LYS 41  45  45  LYS LYS A . n 
A 1 42  ILE 42  46  46  ILE ILE A . n 
A 1 43  ILE 43  47  47  ILE ILE A . n 
A 1 44  SER 44  48  48  SER SER A . n 
A 1 45  LEU 45  49  49  LEU LEU A . n 
A 1 46  ILE 46  50  50  ILE ILE A . n 
A 1 47  ILE 47  51  51  ILE ILE A . n 
A 1 48  ASP 48  52  52  ASP ASP A . n 
A 1 49  TYR 49  53  53  TYR TYR A . n 
A 1 50  SER 50  54  54  SER SER A . n 
A 1 51  ARG 51  55  55  ARG ARG A . n 
A 1 52  LEU 52  56  56  LEU LEU A . n 
A 1 53  CYS 53  57  57  CYS CYS A . n 
A 1 54  PRO 54  58  58  PRO PRO A . n 
A 1 55  ASP 55  59  59  ASP ASP A . n 
A 1 56  SER 56  60  60  SER SER A . n 
A 1 57  HIS 57  61  61  HIS HIS A . n 
A 1 58  LYS 58  62  62  LYS LYS A . n 
A 1 59  LEU 59  63  63  LEU LEU A . n 
A 1 60  GLY 60  64  64  GLY GLY A . n 
A 1 61  SER 61  65  65  SER SER A . n 
A 1 62  LEU 62  66  66  LEU LEU A . n 
A 1 63  TYR 63  67  67  TYR TYR A . n 
A 1 64  ILE 64  68  68  ILE ILE A . n 
A 1 65  ILE 65  69  69  ILE ILE A . n 
A 1 66  ASP 66  70  70  ASP ASP A . n 
A 1 67  SER 67  71  71  SER SER A . n 
A 1 68  ILE 68  72  72  ILE ILE A . n 
A 1 69  GLY 69  73  73  GLY GLY A . n 
A 1 70  ARG 70  74  74  ARG ARG A . n 
A 1 71  ALA 71  75  75  ALA ALA A . n 
A 1 72  TYR 72  76  76  TYR TYR A . n 
A 1 73  LEU 73  77  77  LEU LEU A . n 
A 1 74  ASP 74  78  78  ASP ASP A . n 
A 1 75  GLU 75  79  79  GLU GLU A . n 
A 1 76  THR 76  80  80  THR THR A . n 
A 1 77  ARG 77  81  81  ARG ARG A . n 
A 1 78  SER 78  82  82  SER SER A . n 
A 1 79  ASN 79  83  83  ASN ASN A . n 
A 1 80  SER 80  84  ?   ?   ?   A . n 
A 1 81  ASN 81  85  ?   ?   ?   A . n 
A 1 82  SER 82  86  ?   ?   ?   A . n 
A 1 83  SER 83  87  ?   ?   ?   A . n 
A 1 84  SER 84  88  88  SER SER A . n 
A 1 85  ASN 85  89  89  ASN ASN A . n 
A 1 86  LYS 86  90  90  LYS LYS A . n 
A 1 87  PRO 87  91  91  PRO PRO A . n 
A 1 88  GLY 88  92  92  GLY GLY A . n 
A 1 89  THR 89  93  93  THR THR A . n 
A 1 90  CYS 90  94  94  CYS CYS A . n 
A 1 91  ALA 91  95  95  ALA ALA A . n 
A 1 92  HIS 92  96  96  HIS HIS A . n 
A 1 93  ALA 93  97  97  ALA ALA A . n 
A 1 94  ILE 94  98  98  ILE ILE A . n 
A 1 95  ASN 95  99  99  ASN ASN A . n 
A 1 96  THR 96  100 100 THR THR A . n 
A 1 97  LEU 97  101 101 LEU LEU A . n 
A 1 98  GLY 98  102 102 GLY GLY A . n 
A 1 99  GLU 99  103 103 GLU GLU A . n 
A 1 100 VAL 100 104 104 VAL VAL A . n 
A 1 101 ILE 101 105 105 ILE ILE A . n 
A 1 102 GLN 102 106 106 GLN GLN A . n 
A 1 103 GLU 103 107 107 GLU GLU A . n 
A 1 104 LEU 104 108 108 LEU LEU A . n 
A 1 105 LEU 105 109 109 LEU LEU A . n 
A 1 106 SER 106 110 110 SER SER A . n 
A 1 107 ASP 107 111 111 ASP ASP A . n 
A 1 108 ALA 108 112 112 ALA ALA A . n 
A 1 109 ILE 109 113 113 ILE ILE A . n 
A 1 110 ALA 110 114 114 ALA ALA A . n 
A 1 111 LYS 111 115 115 LYS LYS A . n 
A 1 112 SER 112 116 116 SER SER A . n 
A 1 113 ASN 113 117 117 ASN ASN A . n 
A 1 114 GLN 114 118 118 GLN GLN A . n 
A 1 115 ASP 115 119 119 ASP ASP A . n 
A 1 116 HIS 116 120 120 HIS HIS A . n 
A 1 117 LYS 117 121 121 LYS LYS A . n 
A 1 118 GLU 118 122 122 GLU GLU A . n 
A 1 119 LYS 119 123 123 LYS LYS A . n 
A 1 120 ILE 120 124 124 ILE ILE A . n 
A 1 121 ARG 121 125 125 ARG ARG A . n 
A 1 122 MET 122 126 126 MET MET A . n 
A 1 123 LEU 123 127 127 LEU LEU A . n 
A 1 124 LEU 124 128 128 LEU LEU A . n 
A 1 125 ASP 125 129 129 ASP ASP A . n 
A 1 126 ILE 126 130 130 ILE ILE A . n 
A 1 127 TRP 127 131 131 TRP TRP A . n 
A 1 128 ASP 128 132 132 ASP ASP A . n 
A 1 129 ARG 129 133 133 ARG ARG A . n 
A 1 130 SER 130 134 134 SER SER A . n 
A 1 131 GLY 131 135 135 GLY GLY A . n 
A 1 132 LEU 132 136 136 LEU LEU A . n 
A 1 133 PHE 133 137 137 PHE PHE A . n 
A 1 134 GLN 134 138 138 GLN GLN A . n 
A 1 135 LYS 135 139 139 LYS LYS A . n 
A 1 136 SER 136 140 140 SER SER A . n 
A 1 137 TYR 137 141 141 TYR TYR A . n 
A 1 138 LEU 138 142 142 LEU LEU A . n 
A 1 139 ASN 139 143 143 ASN ASN A . n 
A 1 140 ALA 140 144 144 ALA ALA A . n 
A 1 141 ILE 141 145 145 ILE ILE A . n 
A 1 142 ARG 142 146 146 ARG ARG A . n 
A 1 143 SER 143 147 147 SER SER A . n 
A 1 144 LYS 144 148 148 LYS LYS A . n 
A 1 145 CYS 145 149 149 CYS CYS A . n 
A 1 146 PHE 146 150 150 PHE PHE A . n 
A 1 147 ALA 147 151 151 ALA ALA A . n 
A 1 148 ALA 148 152 152 ALA ALA A . n 
A 1 149 ALA 149 153 153 ALA ALA A . n 
A 1 150 LEU 150 154 154 LEU LEU A . n 
A 1 151 GLU 151 155 ?   ?   ?   A . n 
A 1 152 HIS 152 156 ?   ?   ?   A . n 
A 1 153 HIS 153 157 ?   ?   ?   A . n 
A 1 154 HIS 154 158 ?   ?   ?   A . n 
A 1 155 HIS 155 159 ?   ?   ?   A . n 
A 1 156 HIS 156 160 ?   ?   ?   A . n 
A 1 157 HIS 157 161 ?   ?   ?   A . n 
# 
loop_
_pdbx_nonpoly_scheme.asym_id 
_pdbx_nonpoly_scheme.entity_id 
_pdbx_nonpoly_scheme.mon_id 
_pdbx_nonpoly_scheme.ndb_seq_num 
_pdbx_nonpoly_scheme.pdb_seq_num 
_pdbx_nonpoly_scheme.auth_seq_num 
_pdbx_nonpoly_scheme.pdb_mon_id 
_pdbx_nonpoly_scheme.auth_mon_id 
_pdbx_nonpoly_scheme.pdb_strand_id 
_pdbx_nonpoly_scheme.pdb_ins_code 
B 2 SO4 1  200 200 SO4 SUL A . 
C 3 GOL 1  300 300 GOL GOL A . 
D 3 GOL 1  301 301 GOL GOL A . 
E 3 GOL 1  302 302 GOL GOL A . 
F 3 GOL 1  303 303 GOL GOL A . 
G 4 HOH 1  304 1   HOH HOH A . 
G 4 HOH 2  305 2   HOH HOH A . 
G 4 HOH 3  306 3   HOH HOH A . 
G 4 HOH 4  307 4   HOH HOH A . 
G 4 HOH 5  308 5   HOH HOH A . 
G 4 HOH 6  309 6   HOH HOH A . 
G 4 HOH 7  310 7   HOH HOH A . 
G 4 HOH 8  311 8   HOH HOH A . 
G 4 HOH 9  312 9   HOH HOH A . 
G 4 HOH 10 313 10  HOH HOH A . 
G 4 HOH 11 314 11  HOH HOH A . 
G 4 HOH 12 315 12  HOH HOH A . 
G 4 HOH 13 316 13  HOH HOH A . 
G 4 HOH 14 317 14  HOH HOH A . 
G 4 HOH 15 318 15  HOH HOH A . 
G 4 HOH 16 319 16  HOH HOH A . 
G 4 HOH 17 320 17  HOH HOH A . 
G 4 HOH 18 321 18  HOH HOH A . 
G 4 HOH 19 322 19  HOH HOH A . 
G 4 HOH 20 323 20  HOH HOH A . 
G 4 HOH 21 324 21  HOH HOH A . 
G 4 HOH 22 325 22  HOH HOH A . 
G 4 HOH 23 326 23  HOH HOH A . 
G 4 HOH 24 327 24  HOH HOH A . 
G 4 HOH 25 328 25  HOH HOH A . 
G 4 HOH 26 329 26  HOH HOH A . 
G 4 HOH 27 330 27  HOH HOH A . 
G 4 HOH 28 331 28  HOH HOH A . 
G 4 HOH 29 332 30  HOH HOH A . 
G 4 HOH 30 333 31  HOH HOH A . 
G 4 HOH 31 334 33  HOH HOH A . 
G 4 HOH 32 335 34  HOH HOH A . 
G 4 HOH 33 336 35  HOH HOH A . 
G 4 HOH 34 337 39  HOH HOH A . 
G 4 HOH 35 338 40  HOH HOH A . 
G 4 HOH 36 339 42  HOH HOH A . 
G 4 HOH 37 340 43  HOH HOH A . 
G 4 HOH 38 341 44  HOH HOH A . 
G 4 HOH 39 342 45  HOH HOH A . 
G 4 HOH 40 343 46  HOH HOH A . 
G 4 HOH 41 344 47  HOH HOH A . 
G 4 HOH 42 345 48  HOH HOH A . 
G 4 HOH 43 346 49  HOH HOH A . 
G 4 HOH 44 347 52  HOH HOH A . 
G 4 HOH 45 348 53  HOH HOH A . 
G 4 HOH 46 349 56  HOH HOH A . 
G 4 HOH 47 350 57  HOH HOH A . 
G 4 HOH 48 351 59  HOH HOH A . 
G 4 HOH 49 352 60  HOH HOH A . 
G 4 HOH 50 353 61  HOH HOH A . 
G 4 HOH 51 354 62  HOH HOH A . 
G 4 HOH 52 355 67  HOH HOH A . 
G 4 HOH 53 356 68  HOH HOH A . 
G 4 HOH 54 357 69  HOH HOH A . 
G 4 HOH 55 358 70  HOH HOH A . 
G 4 HOH 56 359 71  HOH HOH A . 
# 
loop_
_software.name 
_software.classification 
_software.version 
_software.citation_id 
_software.pdbx_ordinal 
REFMAC refinement       5.2.0005 ? 1 
XDS    'data reduction' .        ? 2 
XDS    'data scaling'   .        ? 3 
SOLVE  phasing          .        ? 4 
# 
_cell.entry_id           3CLJ 
_cell.length_a           80.200 
_cell.length_b           80.200 
_cell.length_c           62.670 
_cell.angle_alpha        90.00 
_cell.angle_beta         90.00 
_cell.angle_gamma        120.00 
_cell.Z_PDB              6 
_cell.pdbx_unique_axis   ? 
_cell.length_a_esd       ? 
_cell.length_b_esd       ? 
_cell.length_c_esd       ? 
_cell.angle_alpha_esd    ? 
_cell.angle_beta_esd     ? 
_cell.angle_gamma_esd    ? 
# 
_symmetry.entry_id                         3CLJ 
_symmetry.space_group_name_H-M             'P 32 2 1' 
_symmetry.pdbx_full_space_group_name_H-M   ? 
_symmetry.cell_setting                     ? 
_symmetry.Int_Tables_number                154 
_symmetry.space_group_name_Hall            ? 
# 
_exptl.entry_id          3CLJ 
_exptl.method            'X-RAY DIFFRACTION' 
_exptl.crystals_number   1 
# 
_exptl_crystal.id                    1 
_exptl_crystal.density_meas          ? 
_exptl_crystal.density_Matthews      3.28 
_exptl_crystal.density_percent_sol   62.53 
_exptl_crystal.description           ? 
_exptl_crystal.F_000                 ? 
_exptl_crystal.preparation           ? 
# 
_exptl_crystal_grow.crystal_id      1 
_exptl_crystal_grow.method          'VAPOR DIFFUSION, HANGING DROP' 
_exptl_crystal_grow.temp            293 
_exptl_crystal_grow.temp_details    ? 
_exptl_crystal_grow.pH              5.5 
_exptl_crystal_grow.pdbx_details    
'100 mM Na-citrate buffer, 1.4 M (NH4)2SO4, pH 5.5, VAPOR DIFFUSION, HANGING DROP, temperature 293K' 
_exptl_crystal_grow.pdbx_pH_range   . 
# 
_diffrn.id                     1 
_diffrn.ambient_temp           100 
_diffrn.ambient_temp_details   ? 
_diffrn.crystal_id             1 
# 
_diffrn_detector.diffrn_id              1 
_diffrn_detector.detector               CCD 
_diffrn_detector.type                   'MARMOSAIC 225 mm CCD' 
_diffrn_detector.pdbx_collection_date   ? 
_diffrn_detector.details                ? 
# 
_diffrn_radiation.diffrn_id                        1 
_diffrn_radiation.wavelength_id                    1 
_diffrn_radiation.pdbx_monochromatic_or_laue_m_l   M 
_diffrn_radiation.monochromator                    ? 
_diffrn_radiation.pdbx_diffrn_protocol             'SINGLE WAVELENGTH' 
_diffrn_radiation.pdbx_scattering_type             x-ray 
# 
_diffrn_radiation_wavelength.id           1 
_diffrn_radiation_wavelength.wavelength   1.07176 
_diffrn_radiation_wavelength.wt           1.0 
# 
_diffrn_source.diffrn_id                   1 
_diffrn_source.source                      SYNCHROTRON 
_diffrn_source.type                        'SLS BEAMLINE X10SA' 
_diffrn_source.pdbx_synchrotron_site       SLS 
_diffrn_source.pdbx_synchrotron_beamline   X10SA 
_diffrn_source.pdbx_wavelength             ? 
_diffrn_source.pdbx_wavelength_list        1.07176 
# 
_reflns.entry_id                     3CLJ 
_reflns.observed_criterion_sigma_F   ? 
_reflns.observed_criterion_sigma_I   ? 
_reflns.d_resolution_high            2.1 
_reflns.d_resolution_low             20 
_reflns.number_all                   ? 
_reflns.number_obs                   13057 
_reflns.percent_possible_obs         99 
_reflns.pdbx_Rmerge_I_obs            0.035 
_reflns.pdbx_Rsym_value              ? 
_reflns.pdbx_netI_over_sigmaI        19.3 
_reflns.B_iso_Wilson_estimate        ? 
_reflns.pdbx_redundancy              3 
_reflns.R_free_details               ? 
_reflns.limit_h_max                  ? 
_reflns.limit_h_min                  ? 
_reflns.limit_k_max                  ? 
_reflns.limit_k_min                  ? 
_reflns.limit_l_max                  ? 
_reflns.limit_l_min                  ? 
_reflns.observed_criterion_F_max     ? 
_reflns.observed_criterion_F_min     ? 
_reflns.pdbx_chi_squared             ? 
_reflns.pdbx_scaling_rejects         ? 
_reflns.pdbx_ordinal                 1 
_reflns.pdbx_diffrn_id               1 
# 
_reflns_shell.d_res_high             2.1 
_reflns_shell.d_res_low              2.15 
_reflns_shell.percent_possible_all   100 
_reflns_shell.Rmerge_I_obs           0.236 
_reflns_shell.pdbx_Rsym_value        ? 
_reflns_shell.meanI_over_sigI_obs    4.7 
_reflns_shell.pdbx_redundancy        ? 
_reflns_shell.percent_possible_obs   ? 
_reflns_shell.number_unique_all      752 
_reflns_shell.number_measured_all    ? 
_reflns_shell.number_measured_obs    ? 
_reflns_shell.number_unique_obs      ? 
_reflns_shell.pdbx_chi_squared       ? 
_reflns_shell.pdbx_ordinal           1 
_reflns_shell.pdbx_diffrn_id         1 
# 
_refine.entry_id                                 3CLJ 
_refine.ls_number_reflns_obs                     13057 
_refine.ls_number_reflns_all                     ? 
_refine.pdbx_ls_sigma_I                          0 
_refine.pdbx_ls_sigma_F                          0 
_refine.pdbx_data_cutoff_high_absF               ? 
_refine.pdbx_data_cutoff_low_absF                ? 
_refine.pdbx_data_cutoff_high_rms_absF           ? 
_refine.ls_d_res_low                             20 
_refine.ls_d_res_high                            2.1 
_refine.ls_percent_reflns_obs                    99.35 
_refine.ls_R_factor_obs                          0.19288 
_refine.ls_R_factor_all                          ? 
_refine.ls_R_factor_R_work                       0.19 
_refine.ls_R_factor_R_free                       0.22 
_refine.ls_R_factor_R_free_error                 ? 
_refine.ls_R_factor_R_free_error_details         ? 
_refine.ls_percent_reflns_R_free                 5.1 
_refine.ls_number_reflns_R_free                  705 
_refine.ls_number_parameters                     ? 
_refine.ls_number_restraints                     ? 
_refine.occupancy_min                            ? 
_refine.occupancy_max                            ? 
_refine.correlation_coeff_Fo_to_Fc               0.955 
_refine.correlation_coeff_Fo_to_Fc_free          0.944 
_refine.B_iso_mean                               47.037 
_refine.aniso_B[1][1]                            1.91 
_refine.aniso_B[2][2]                            1.91 
_refine.aniso_B[3][3]                            -2.86 
_refine.aniso_B[1][2]                            0.95 
_refine.aniso_B[1][3]                            0.00 
_refine.aniso_B[2][3]                            0.00 
_refine.solvent_model_details                    MASK 
_refine.solvent_model_param_ksol                 ? 
_refine.solvent_model_param_bsol                 ? 
_refine.pdbx_solvent_vdw_probe_radii             1.20 
_refine.pdbx_solvent_ion_probe_radii             0.80 
_refine.pdbx_solvent_shrinkage_radii             0.80 
_refine.pdbx_ls_cross_valid_method               THROUGHOUT 
_refine.details                                  
;HYDROGENS HAVE BEEN ADDED IN THE RIDING POSITIONS. Phases were derived after rigid body refinement using a model previously determined by MAD.
;
_refine.pdbx_starting_model                      ? 
_refine.pdbx_method_to_determine_struct          ? 
_refine.pdbx_isotropic_thermal_model             ? 
_refine.pdbx_stereochemistry_target_values       'MAXIMUM LIKELIHOOD' 
_refine.pdbx_stereochem_target_val_spec_case     ? 
_refine.pdbx_R_Free_selection_details            RANDOM 
_refine.pdbx_overall_ESU_R                       0.162 
_refine.pdbx_overall_ESU_R_Free                  0.147 
_refine.overall_SU_ML                            0.113 
_refine.overall_SU_B                             8.084 
_refine.ls_redundancy_reflns_obs                 ? 
_refine.B_iso_min                                ? 
_refine.B_iso_max                                ? 
_refine.overall_SU_R_Cruickshank_DPI             ? 
_refine.overall_SU_R_free                        ? 
_refine.ls_wR_factor_R_free                      ? 
_refine.ls_wR_factor_R_work                      ? 
_refine.overall_FOM_free_R_set                   ? 
_refine.overall_FOM_work_R_set                   ? 
_refine.pdbx_overall_phase_error                 ? 
_refine.pdbx_refine_id                           'X-RAY DIFFRACTION' 
_refine.pdbx_TLS_residual_ADP_flag               'LIKELY RESIDUAL' 
_refine.pdbx_diffrn_id                           1 
_refine.pdbx_overall_SU_R_free_Cruickshank_DPI   ? 
_refine.pdbx_overall_SU_R_Blow_DPI               ? 
_refine.pdbx_overall_SU_R_free_Blow_DPI          ? 
# 
_refine_hist.pdbx_refine_id                   'X-RAY DIFFRACTION' 
_refine_hist.cycle_id                         LAST 
_refine_hist.pdbx_number_atoms_protein        1149 
_refine_hist.pdbx_number_atoms_nucleic_acid   0 
_refine_hist.pdbx_number_atoms_ligand         29 
_refine_hist.number_atoms_solvent             56 
_refine_hist.number_atoms_total               1234 
_refine_hist.d_res_high                       2.1 
_refine_hist.d_res_low                        20 
# 
loop_
_refine_ls_restr.type 
_refine_ls_restr.dev_ideal 
_refine_ls_restr.dev_ideal_target 
_refine_ls_restr.weight 
_refine_ls_restr.number 
_refine_ls_restr.pdbx_refine_id 
_refine_ls_restr.pdbx_restraint_function 
r_bond_refined_d             0.021  0.022  ? 1216 'X-RAY DIFFRACTION' ? 
r_bond_other_d               ?      ?      ? ?    'X-RAY DIFFRACTION' ? 
r_angle_refined_deg          1.714  1.984  ? 1629 'X-RAY DIFFRACTION' ? 
r_angle_other_deg            ?      ?      ? ?    'X-RAY DIFFRACTION' ? 
r_dihedral_angle_1_deg       5.395  5.000  ? 146  'X-RAY DIFFRACTION' ? 
r_dihedral_angle_2_deg       42.660 24.364 ? 55   'X-RAY DIFFRACTION' ? 
r_dihedral_angle_3_deg       17.296 15.000 ? 234  'X-RAY DIFFRACTION' ? 
r_dihedral_angle_4_deg       16.548 15.000 ? 8    'X-RAY DIFFRACTION' ? 
r_chiral_restr               0.124  0.200  ? 185  'X-RAY DIFFRACTION' ? 
r_gen_planes_refined         0.008  0.020  ? 865  'X-RAY DIFFRACTION' ? 
r_gen_planes_other           ?      ?      ? ?    'X-RAY DIFFRACTION' ? 
r_nbd_refined                0.225  0.200  ? 598  'X-RAY DIFFRACTION' ? 
r_nbd_other                  ?      ?      ? ?    'X-RAY DIFFRACTION' ? 
r_nbtor_refined              0.293  0.200  ? 843  'X-RAY DIFFRACTION' ? 
r_nbtor_other                ?      ?      ? ?    'X-RAY DIFFRACTION' ? 
r_xyhbond_nbd_refined        0.120  0.200  ? 65   'X-RAY DIFFRACTION' ? 
r_xyhbond_nbd_other          ?      ?      ? ?    'X-RAY DIFFRACTION' ? 
r_metal_ion_refined          ?      ?      ? ?    'X-RAY DIFFRACTION' ? 
r_metal_ion_other            ?      ?      ? ?    'X-RAY DIFFRACTION' ? 
r_symmetry_vdw_refined       0.193  0.200  ? 34   'X-RAY DIFFRACTION' ? 
r_symmetry_vdw_other         ?      ?      ? ?    'X-RAY DIFFRACTION' ? 
r_symmetry_hbond_refined     0.151  0.200  ? 11   'X-RAY DIFFRACTION' ? 
r_symmetry_hbond_other       ?      ?      ? ?    'X-RAY DIFFRACTION' ? 
r_symmetry_metal_ion_refined ?      ?      ? ?    'X-RAY DIFFRACTION' ? 
r_symmetry_metal_ion_other   ?      ?      ? ?    'X-RAY DIFFRACTION' ? 
r_mcbond_it                  0.961  1.500  ? 761  'X-RAY DIFFRACTION' ? 
r_mcbond_other               ?      ?      ? ?    'X-RAY DIFFRACTION' ? 
r_mcangle_it                 1.526  2.000  ? 1177 'X-RAY DIFFRACTION' ? 
r_scbond_it                  2.623  3.000  ? 520  'X-RAY DIFFRACTION' ? 
r_scangle_it                 3.749  4.500  ? 451  'X-RAY DIFFRACTION' ? 
r_rigid_bond_restr           ?      ?      ? ?    'X-RAY DIFFRACTION' ? 
r_sphericity_free            ?      ?      ? ?    'X-RAY DIFFRACTION' ? 
r_sphericity_bonded          ?      ?      ? ?    'X-RAY DIFFRACTION' ? 
# 
_refine_ls_shell.pdbx_total_number_of_bins_used   20 
_refine_ls_shell.d_res_high                       2.1 
_refine_ls_shell.d_res_low                        2.146 
_refine_ls_shell.number_reflns_R_work             783 
_refine_ls_shell.R_factor_R_work                  0.266 
_refine_ls_shell.percent_reflns_obs               100.00 
_refine_ls_shell.R_factor_R_free                  0.373 
_refine_ls_shell.R_factor_R_free_error            ? 
_refine_ls_shell.percent_reflns_R_free            ? 
_refine_ls_shell.number_reflns_R_free             36 
_refine_ls_shell.number_reflns_all                ? 
_refine_ls_shell.R_factor_all                     ? 
_refine_ls_shell.number_reflns_obs                ? 
_refine_ls_shell.redundancy_reflns_obs            ? 
_refine_ls_shell.pdbx_refine_id                   'X-RAY DIFFRACTION' 
# 
_struct.entry_id                  3CLJ 
_struct.title                     'Structure of the RNA polymerase II CTD-interacting domain of Nrd1' 
_struct.pdbx_model_details        ? 
_struct.pdbx_CASP_flag            ? 
_struct.pdbx_model_type_details   ? 
# 
_struct_keywords.entry_id        3CLJ 
_struct_keywords.pdbx_keywords   'RNA BINDING PROTEIN' 
_struct_keywords.text            
'CTD-interacting domain, Nucleus, Phosphoprotein, RNA POLYMERASE II binding protein, RNA BINDING PROTEIN' 
# 
loop_
_struct_asym.id 
_struct_asym.pdbx_blank_PDB_chainid_flag 
_struct_asym.pdbx_modified 
_struct_asym.entity_id 
_struct_asym.details 
A N N 1 ? 
B N N 2 ? 
C N N 3 ? 
D N N 3 ? 
E N N 3 ? 
F N N 3 ? 
G N N 4 ? 
# 
_struct_ref.id                         1 
_struct_ref.db_name                    UNP 
_struct_ref.db_code                    NRD1_YEAST 
_struct_ref.pdbx_db_accession          P53617 
_struct_ref.entity_id                  1 
_struct_ref.pdbx_seq_one_letter_code   
;DFQNFVATLESFKDLKSGISGSRIKKLTTYALDHIDIESKIISLIIDYSRLCPDSHKLGSLYIIDSIGRAYLDETRSNSN
SSSNKPGTCAHAINTLGEVIQELLSDAIAKSNQDHKEKIRMLLDIWDRSGLFQKSYLNAIRSKCFA
;
_struct_ref.pdbx_align_begin           6 
_struct_ref.pdbx_db_isoform            ? 
# 
_struct_ref_seq.align_id                      1 
_struct_ref_seq.ref_id                        1 
_struct_ref_seq.pdbx_PDB_id_code              3CLJ 
_struct_ref_seq.pdbx_strand_id                A 
_struct_ref_seq.seq_align_beg                 2 
_struct_ref_seq.pdbx_seq_align_beg_ins_code   ? 
_struct_ref_seq.seq_align_end                 147 
_struct_ref_seq.pdbx_seq_align_end_ins_code   ? 
_struct_ref_seq.pdbx_db_accession             P53617 
_struct_ref_seq.db_align_beg                  6 
_struct_ref_seq.pdbx_db_align_beg_ins_code    ? 
_struct_ref_seq.db_align_end                  151 
_struct_ref_seq.pdbx_db_align_end_ins_code    ? 
_struct_ref_seq.pdbx_auth_seq_align_beg       6 
_struct_ref_seq.pdbx_auth_seq_align_end       151 
# 
loop_
_struct_ref_seq_dif.align_id 
_struct_ref_seq_dif.pdbx_pdb_id_code 
_struct_ref_seq_dif.mon_id 
_struct_ref_seq_dif.pdbx_pdb_strand_id 
_struct_ref_seq_dif.seq_num 
_struct_ref_seq_dif.pdbx_pdb_ins_code 
_struct_ref_seq_dif.pdbx_seq_db_name 
_struct_ref_seq_dif.pdbx_seq_db_accession_code 
_struct_ref_seq_dif.db_mon_id 
_struct_ref_seq_dif.pdbx_seq_db_seq_num 
_struct_ref_seq_dif.details 
_struct_ref_seq_dif.pdbx_auth_seq_num 
_struct_ref_seq_dif.pdbx_ordinal 
1 3CLJ MET A 1   ? UNP P53617 ? ? 'expression tag' 5   1  
1 3CLJ ALA A 148 ? UNP P53617 ? ? 'expression tag' 152 2  
1 3CLJ ALA A 149 ? UNP P53617 ? ? 'expression tag' 153 3  
1 3CLJ LEU A 150 ? UNP P53617 ? ? 'expression tag' 154 4  
1 3CLJ GLU A 151 ? UNP P53617 ? ? 'expression tag' 155 5  
1 3CLJ HIS A 152 ? UNP P53617 ? ? 'expression tag' 156 6  
1 3CLJ HIS A 153 ? UNP P53617 ? ? 'expression tag' 157 7  
1 3CLJ HIS A 154 ? UNP P53617 ? ? 'expression tag' 158 8  
1 3CLJ HIS A 155 ? UNP P53617 ? ? 'expression tag' 159 9  
1 3CLJ HIS A 156 ? UNP P53617 ? ? 'expression tag' 160 10 
1 3CLJ HIS A 157 ? UNP P53617 ? ? 'expression tag' 161 11 
# 
_pdbx_struct_assembly.id                   1 
_pdbx_struct_assembly.details              software_defined_assembly 
_pdbx_struct_assembly.method_details       PISA 
_pdbx_struct_assembly.oligomeric_details   monomeric 
_pdbx_struct_assembly.oligomeric_count     1 
# 
_pdbx_struct_assembly_gen.assembly_id       1 
_pdbx_struct_assembly_gen.oper_expression   1 
_pdbx_struct_assembly_gen.asym_id_list      A,B,C,D,E,F,G 
# 
_pdbx_struct_oper_list.id                   1 
_pdbx_struct_oper_list.type                 'identity operation' 
_pdbx_struct_oper_list.name                 1_555 
_pdbx_struct_oper_list.symmetry_operation   x,y,z 
_pdbx_struct_oper_list.matrix[1][1]         1.0000000000 
_pdbx_struct_oper_list.matrix[1][2]         0.0000000000 
_pdbx_struct_oper_list.matrix[1][3]         0.0000000000 
_pdbx_struct_oper_list.vector[1]            0.0000000000 
_pdbx_struct_oper_list.matrix[2][1]         0.0000000000 
_pdbx_struct_oper_list.matrix[2][2]         1.0000000000 
_pdbx_struct_oper_list.matrix[2][3]         0.0000000000 
_pdbx_struct_oper_list.vector[2]            0.0000000000 
_pdbx_struct_oper_list.matrix[3][1]         0.0000000000 
_pdbx_struct_oper_list.matrix[3][2]         0.0000000000 
_pdbx_struct_oper_list.matrix[3][3]         1.0000000000 
_pdbx_struct_oper_list.vector[3]            0.0000000000 
# 
_struct_biol.id   1 
# 
loop_
_struct_conf.conf_type_id 
_struct_conf.id 
_struct_conf.pdbx_PDB_helix_id 
_struct_conf.beg_label_comp_id 
_struct_conf.beg_label_asym_id 
_struct_conf.beg_label_seq_id 
_struct_conf.pdbx_beg_PDB_ins_code 
_struct_conf.end_label_comp_id 
_struct_conf.end_label_asym_id 
_struct_conf.end_label_seq_id 
_struct_conf.pdbx_end_PDB_ins_code 
_struct_conf.beg_auth_comp_id 
_struct_conf.beg_auth_asym_id 
_struct_conf.beg_auth_seq_id 
_struct_conf.end_auth_comp_id 
_struct_conf.end_auth_asym_id 
_struct_conf.end_auth_seq_id 
_struct_conf.pdbx_PDB_helix_class 
_struct_conf.details 
_struct_conf.pdbx_PDB_helix_length 
HELX_P HELX_P1 1 ASP A 2   ? SER A 12  ? ASP A 6   SER A 16  1 ? 11 
HELX_P HELX_P2 2 PHE A 13  ? LEU A 16  ? PHE A 17  LEU A 20  5 ? 4  
HELX_P HELX_P3 3 SER A 21  ? HIS A 35  ? SER A 25  HIS A 39  1 ? 15 
HELX_P HELX_P4 4 ILE A 38  ? CYS A 53  ? ILE A 42  CYS A 57  1 ? 16 
HELX_P HELX_P5 5 PRO A 54  ? SER A 56  ? PRO A 58  SER A 60  5 ? 3  
HELX_P HELX_P6 6 HIS A 57  ? SER A 78  ? HIS A 61  SER A 82  1 ? 22 
HELX_P HELX_P7 7 THR A 89  ? SER A 112 ? THR A 93  SER A 116 1 ? 24 
HELX_P HELX_P8 8 ASN A 113 ? GLY A 131 ? ASN A 117 GLY A 135 1 ? 19 
HELX_P HELX_P9 9 SER A 143 ? LEU A 150 ? SER A 147 LEU A 154 1 ? 8  
# 
_struct_conf_type.id          HELX_P 
_struct_conf_type.criteria    ? 
_struct_conf_type.reference   ? 
# 
loop_
_struct_site.id 
_struct_site.pdbx_evidence_code 
_struct_site.pdbx_auth_asym_id 
_struct_site.pdbx_auth_comp_id 
_struct_site.pdbx_auth_seq_id 
_struct_site.pdbx_auth_ins_code 
_struct_site.pdbx_num_residues 
_struct_site.details 
AC1 Software A SO4 200 ? 4 'BINDING SITE FOR RESIDUE SO4 A 200' 
AC2 Software A GOL 300 ? 6 'BINDING SITE FOR RESIDUE GOL A 300' 
AC3 Software A GOL 301 ? 4 'BINDING SITE FOR RESIDUE GOL A 301' 
AC4 Software A GOL 302 ? 5 'BINDING SITE FOR RESIDUE GOL A 302' 
AC5 Software A GOL 303 ? 4 'BINDING SITE FOR RESIDUE GOL A 303' 
# 
loop_
_struct_site_gen.id 
_struct_site_gen.site_id 
_struct_site_gen.pdbx_num_res 
_struct_site_gen.label_comp_id 
_struct_site_gen.label_asym_id 
_struct_site_gen.label_seq_id 
_struct_site_gen.pdbx_auth_ins_code 
_struct_site_gen.auth_comp_id 
_struct_site_gen.auth_asym_id 
_struct_site_gen.auth_seq_id 
_struct_site_gen.label_atom_id 
_struct_site_gen.label_alt_id 
_struct_site_gen.symmetry 
_struct_site_gen.details 
1  AC1 4 LEU A 16  ? LEU A 20  . ? 1_555 ? 
2  AC1 4 LYS A 17  ? LYS A 21  . ? 1_555 ? 
3  AC1 4 SER A 18  ? SER A 22  . ? 1_555 ? 
4  AC1 4 HOH G .   ? HOH A 322 . ? 1_555 ? 
5  AC2 6 SER A 18  ? SER A 22  . ? 1_555 ? 
6  AC2 6 ILE A 20  ? ILE A 24  . ? 1_555 ? 
7  AC2 6 HIS A 116 ? HIS A 120 . ? 1_555 ? 
8  AC2 6 LYS A 119 ? LYS A 123 . ? 1_555 ? 
9  AC2 6 HOH G .   ? HOH A 320 . ? 1_555 ? 
10 AC2 6 HOH G .   ? HOH A 321 . ? 1_555 ? 
11 AC3 4 SER A 21  ? SER A 25  . ? 1_555 ? 
12 AC3 4 SER A 23  ? SER A 27  . ? 1_555 ? 
13 AC3 4 ARG A 24  ? ARG A 28  . ? 1_555 ? 
14 AC3 4 GLN A 134 ? GLN A 138 . ? 3_655 ? 
15 AC4 5 GLU A 75  ? GLU A 79  . ? 1_555 ? 
16 AC4 5 THR A 76  ? THR A 80  . ? 1_555 ? 
17 AC4 5 THR A 89  ? THR A 93  . ? 1_555 ? 
18 AC4 5 CYS A 90  ? CYS A 94  . ? 1_555 ? 
19 AC4 5 ALA A 91  ? ALA A 95  . ? 1_555 ? 
20 AC5 4 ASP A 2   ? ASP A 6   . ? 1_555 ? 
21 AC5 4 PHE A 3   ? PHE A 7   . ? 1_555 ? 
22 AC5 4 TYR A 31  ? TYR A 35  . ? 1_555 ? 
23 AC5 4 HIS A 35  ? HIS A 39  . ? 1_555 ? 
# 
loop_
_pdbx_validate_torsion.id 
_pdbx_validate_torsion.PDB_model_num 
_pdbx_validate_torsion.auth_comp_id 
_pdbx_validate_torsion.auth_asym_id 
_pdbx_validate_torsion.auth_seq_id 
_pdbx_validate_torsion.PDB_ins_code 
_pdbx_validate_torsion.label_alt_id 
_pdbx_validate_torsion.phi 
_pdbx_validate_torsion.psi 
1 1 PRO A 58  ? ? -49.75 150.63 
2 1 PHE A 137 ? ? 71.50  36.77  
# 
_pdbx_refine_tls.id               1 
_pdbx_refine_tls.details          ? 
_pdbx_refine_tls.method           refined 
_pdbx_refine_tls.origin_x         -0.1140 
_pdbx_refine_tls.origin_y         -0.0734 
_pdbx_refine_tls.origin_z         -0.1037 
_pdbx_refine_tls.T[1][1]          -0.2377 
_pdbx_refine_tls.T[2][2]          -0.1771 
_pdbx_refine_tls.T[3][3]          -0.1591 
_pdbx_refine_tls.T[1][2]          0.0010 
_pdbx_refine_tls.T[1][3]          0.0559 
_pdbx_refine_tls.T[2][3]          -0.0095 
_pdbx_refine_tls.L[1][1]          4.2481 
_pdbx_refine_tls.L[2][2]          5.3916 
_pdbx_refine_tls.L[3][3]          4.6610 
_pdbx_refine_tls.L[1][2]          2.9021 
_pdbx_refine_tls.L[1][3]          0.9387 
_pdbx_refine_tls.L[2][3]          1.8892 
_pdbx_refine_tls.S[1][1]          -0.1054 
_pdbx_refine_tls.S[1][2]          -0.1141 
_pdbx_refine_tls.S[1][3]          -0.3619 
_pdbx_refine_tls.S[2][1]          -0.0385 
_pdbx_refine_tls.S[2][2]          -0.1413 
_pdbx_refine_tls.S[2][3]          -0.2170 
_pdbx_refine_tls.S[3][1]          0.0162 
_pdbx_refine_tls.S[3][2]          -0.0019 
_pdbx_refine_tls.S[3][3]          0.2467 
_pdbx_refine_tls.pdbx_refine_id   'X-RAY DIFFRACTION' 
# 
_pdbx_refine_tls_group.id                  1 
_pdbx_refine_tls_group.refine_tls_id       1 
_pdbx_refine_tls_group.beg_auth_asym_id    A 
_pdbx_refine_tls_group.beg_auth_seq_id     5 
_pdbx_refine_tls_group.beg_label_asym_id   A 
_pdbx_refine_tls_group.beg_label_seq_id    1 
_pdbx_refine_tls_group.end_auth_asym_id    A 
_pdbx_refine_tls_group.end_auth_seq_id     154 
_pdbx_refine_tls_group.end_label_asym_id   A 
_pdbx_refine_tls_group.end_label_seq_id    150 
_pdbx_refine_tls_group.selection           ? 
_pdbx_refine_tls_group.pdbx_refine_id      'X-RAY DIFFRACTION' 
_pdbx_refine_tls_group.selection_details   ? 
# 
loop_
_pdbx_unobs_or_zero_occ_residues.id 
_pdbx_unobs_or_zero_occ_residues.PDB_model_num 
_pdbx_unobs_or_zero_occ_residues.polymer_flag 
_pdbx_unobs_or_zero_occ_residues.occupancy_flag 
_pdbx_unobs_or_zero_occ_residues.auth_asym_id 
_pdbx_unobs_or_zero_occ_residues.auth_comp_id 
_pdbx_unobs_or_zero_occ_residues.auth_seq_id 
_pdbx_unobs_or_zero_occ_residues.PDB_ins_code 
_pdbx_unobs_or_zero_occ_residues.label_asym_id 
_pdbx_unobs_or_zero_occ_residues.label_comp_id 
_pdbx_unobs_or_zero_occ_residues.label_seq_id 
1  1 Y 1 A SER 84  ? A SER 80  
2  1 Y 1 A ASN 85  ? A ASN 81  
3  1 Y 1 A SER 86  ? A SER 82  
4  1 Y 1 A SER 87  ? A SER 83  
5  1 Y 1 A GLU 155 ? A GLU 151 
6  1 Y 1 A HIS 156 ? A HIS 152 
7  1 Y 1 A HIS 157 ? A HIS 153 
8  1 Y 1 A HIS 158 ? A HIS 154 
9  1 Y 1 A HIS 159 ? A HIS 155 
10 1 Y 1 A HIS 160 ? A HIS 156 
11 1 Y 1 A HIS 161 ? A HIS 157 
# 
loop_
_chem_comp_atom.comp_id 
_chem_comp_atom.atom_id 
_chem_comp_atom.type_symbol 
_chem_comp_atom.pdbx_aromatic_flag 
_chem_comp_atom.pdbx_stereo_config 
_chem_comp_atom.pdbx_ordinal 
ALA N    N N N 1   
ALA CA   C N S 2   
ALA C    C N N 3   
ALA O    O N N 4   
ALA CB   C N N 5   
ALA OXT  O N N 6   
ALA H    H N N 7   
ALA H2   H N N 8   
ALA HA   H N N 9   
ALA HB1  H N N 10  
ALA HB2  H N N 11  
ALA HB3  H N N 12  
ALA HXT  H N N 13  
ARG N    N N N 14  
ARG CA   C N S 15  
ARG C    C N N 16  
ARG O    O N N 17  
ARG CB   C N N 18  
ARG CG   C N N 19  
ARG CD   C N N 20  
ARG NE   N N N 21  
ARG CZ   C N N 22  
ARG NH1  N N N 23  
ARG NH2  N N N 24  
ARG OXT  O N N 25  
ARG H    H N N 26  
ARG H2   H N N 27  
ARG HA   H N N 28  
ARG HB2  H N N 29  
ARG HB3  H N N 30  
ARG HG2  H N N 31  
ARG HG3  H N N 32  
ARG HD2  H N N 33  
ARG HD3  H N N 34  
ARG HE   H N N 35  
ARG HH11 H N N 36  
ARG HH12 H N N 37  
ARG HH21 H N N 38  
ARG HH22 H N N 39  
ARG HXT  H N N 40  
ASN N    N N N 41  
ASN CA   C N S 42  
ASN C    C N N 43  
ASN O    O N N 44  
ASN CB   C N N 45  
ASN CG   C N N 46  
ASN OD1  O N N 47  
ASN ND2  N N N 48  
ASN OXT  O N N 49  
ASN H    H N N 50  
ASN H2   H N N 51  
ASN HA   H N N 52  
ASN HB2  H N N 53  
ASN HB3  H N N 54  
ASN HD21 H N N 55  
ASN HD22 H N N 56  
ASN HXT  H N N 57  
ASP N    N N N 58  
ASP CA   C N S 59  
ASP C    C N N 60  
ASP O    O N N 61  
ASP CB   C N N 62  
ASP CG   C N N 63  
ASP OD1  O N N 64  
ASP OD2  O N N 65  
ASP OXT  O N N 66  
ASP H    H N N 67  
ASP H2   H N N 68  
ASP HA   H N N 69  
ASP HB2  H N N 70  
ASP HB3  H N N 71  
ASP HD2  H N N 72  
ASP HXT  H N N 73  
CYS N    N N N 74  
CYS CA   C N R 75  
CYS C    C N N 76  
CYS O    O N N 77  
CYS CB   C N N 78  
CYS SG   S N N 79  
CYS OXT  O N N 80  
CYS H    H N N 81  
CYS H2   H N N 82  
CYS HA   H N N 83  
CYS HB2  H N N 84  
CYS HB3  H N N 85  
CYS HG   H N N 86  
CYS HXT  H N N 87  
GLN N    N N N 88  
GLN CA   C N S 89  
GLN C    C N N 90  
GLN O    O N N 91  
GLN CB   C N N 92  
GLN CG   C N N 93  
GLN CD   C N N 94  
GLN OE1  O N N 95  
GLN NE2  N N N 96  
GLN OXT  O N N 97  
GLN H    H N N 98  
GLN H2   H N N 99  
GLN HA   H N N 100 
GLN HB2  H N N 101 
GLN HB3  H N N 102 
GLN HG2  H N N 103 
GLN HG3  H N N 104 
GLN HE21 H N N 105 
GLN HE22 H N N 106 
GLN HXT  H N N 107 
GLU N    N N N 108 
GLU CA   C N S 109 
GLU C    C N N 110 
GLU O    O N N 111 
GLU CB   C N N 112 
GLU CG   C N N 113 
GLU CD   C N N 114 
GLU OE1  O N N 115 
GLU OE2  O N N 116 
GLU OXT  O N N 117 
GLU H    H N N 118 
GLU H2   H N N 119 
GLU HA   H N N 120 
GLU HB2  H N N 121 
GLU HB3  H N N 122 
GLU HG2  H N N 123 
GLU HG3  H N N 124 
GLU HE2  H N N 125 
GLU HXT  H N N 126 
GLY N    N N N 127 
GLY CA   C N N 128 
GLY C    C N N 129 
GLY O    O N N 130 
GLY OXT  O N N 131 
GLY H    H N N 132 
GLY H2   H N N 133 
GLY HA2  H N N 134 
GLY HA3  H N N 135 
GLY HXT  H N N 136 
GOL C1   C N N 137 
GOL O1   O N N 138 
GOL C2   C N N 139 
GOL O2   O N N 140 
GOL C3   C N N 141 
GOL O3   O N N 142 
GOL H11  H N N 143 
GOL H12  H N N 144 
GOL HO1  H N N 145 
GOL H2   H N N 146 
GOL HO2  H N N 147 
GOL H31  H N N 148 
GOL H32  H N N 149 
GOL HO3  H N N 150 
HIS N    N N N 151 
HIS CA   C N S 152 
HIS C    C N N 153 
HIS O    O N N 154 
HIS CB   C N N 155 
HIS CG   C Y N 156 
HIS ND1  N Y N 157 
HIS CD2  C Y N 158 
HIS CE1  C Y N 159 
HIS NE2  N Y N 160 
HIS OXT  O N N 161 
HIS H    H N N 162 
HIS H2   H N N 163 
HIS HA   H N N 164 
HIS HB2  H N N 165 
HIS HB3  H N N 166 
HIS HD1  H N N 167 
HIS HD2  H N N 168 
HIS HE1  H N N 169 
HIS HE2  H N N 170 
HIS HXT  H N N 171 
HOH O    O N N 172 
HOH H1   H N N 173 
HOH H2   H N N 174 
ILE N    N N N 175 
ILE CA   C N S 176 
ILE C    C N N 177 
ILE O    O N N 178 
ILE CB   C N S 179 
ILE CG1  C N N 180 
ILE CG2  C N N 181 
ILE CD1  C N N 182 
ILE OXT  O N N 183 
ILE H    H N N 184 
ILE H2   H N N 185 
ILE HA   H N N 186 
ILE HB   H N N 187 
ILE HG12 H N N 188 
ILE HG13 H N N 189 
ILE HG21 H N N 190 
ILE HG22 H N N 191 
ILE HG23 H N N 192 
ILE HD11 H N N 193 
ILE HD12 H N N 194 
ILE HD13 H N N 195 
ILE HXT  H N N 196 
LEU N    N N N 197 
LEU CA   C N S 198 
LEU C    C N N 199 
LEU O    O N N 200 
LEU CB   C N N 201 
LEU CG   C N N 202 
LEU CD1  C N N 203 
LEU CD2  C N N 204 
LEU OXT  O N N 205 
LEU H    H N N 206 
LEU H2   H N N 207 
LEU HA   H N N 208 
LEU HB2  H N N 209 
LEU HB3  H N N 210 
LEU HG   H N N 211 
LEU HD11 H N N 212 
LEU HD12 H N N 213 
LEU HD13 H N N 214 
LEU HD21 H N N 215 
LEU HD22 H N N 216 
LEU HD23 H N N 217 
LEU HXT  H N N 218 
LYS N    N N N 219 
LYS CA   C N S 220 
LYS C    C N N 221 
LYS O    O N N 222 
LYS CB   C N N 223 
LYS CG   C N N 224 
LYS CD   C N N 225 
LYS CE   C N N 226 
LYS NZ   N N N 227 
LYS OXT  O N N 228 
LYS H    H N N 229 
LYS H2   H N N 230 
LYS HA   H N N 231 
LYS HB2  H N N 232 
LYS HB3  H N N 233 
LYS HG2  H N N 234 
LYS HG3  H N N 235 
LYS HD2  H N N 236 
LYS HD3  H N N 237 
LYS HE2  H N N 238 
LYS HE3  H N N 239 
LYS HZ1  H N N 240 
LYS HZ2  H N N 241 
LYS HZ3  H N N 242 
LYS HXT  H N N 243 
MET N    N N N 244 
MET CA   C N S 245 
MET C    C N N 246 
MET O    O N N 247 
MET CB   C N N 248 
MET CG   C N N 249 
MET SD   S N N 250 
MET CE   C N N 251 
MET OXT  O N N 252 
MET H    H N N 253 
MET H2   H N N 254 
MET HA   H N N 255 
MET HB2  H N N 256 
MET HB3  H N N 257 
MET HG2  H N N 258 
MET HG3  H N N 259 
MET HE1  H N N 260 
MET HE2  H N N 261 
MET HE3  H N N 262 
MET HXT  H N N 263 
PHE N    N N N 264 
PHE CA   C N S 265 
PHE C    C N N 266 
PHE O    O N N 267 
PHE CB   C N N 268 
PHE CG   C Y N 269 
PHE CD1  C Y N 270 
PHE CD2  C Y N 271 
PHE CE1  C Y N 272 
PHE CE2  C Y N 273 
PHE CZ   C Y N 274 
PHE OXT  O N N 275 
PHE H    H N N 276 
PHE H2   H N N 277 
PHE HA   H N N 278 
PHE HB2  H N N 279 
PHE HB3  H N N 280 
PHE HD1  H N N 281 
PHE HD2  H N N 282 
PHE HE1  H N N 283 
PHE HE2  H N N 284 
PHE HZ   H N N 285 
PHE HXT  H N N 286 
PRO N    N N N 287 
PRO CA   C N S 288 
PRO C    C N N 289 
PRO O    O N N 290 
PRO CB   C N N 291 
PRO CG   C N N 292 
PRO CD   C N N 293 
PRO OXT  O N N 294 
PRO H    H N N 295 
PRO HA   H N N 296 
PRO HB2  H N N 297 
PRO HB3  H N N 298 
PRO HG2  H N N 299 
PRO HG3  H N N 300 
PRO HD2  H N N 301 
PRO HD3  H N N 302 
PRO HXT  H N N 303 
SER N    N N N 304 
SER CA   C N S 305 
SER C    C N N 306 
SER O    O N N 307 
SER CB   C N N 308 
SER OG   O N N 309 
SER OXT  O N N 310 
SER H    H N N 311 
SER H2   H N N 312 
SER HA   H N N 313 
SER HB2  H N N 314 
SER HB3  H N N 315 
SER HG   H N N 316 
SER HXT  H N N 317 
SO4 S    S N N 318 
SO4 O1   O N N 319 
SO4 O2   O N N 320 
SO4 O3   O N N 321 
SO4 O4   O N N 322 
THR N    N N N 323 
THR CA   C N S 324 
THR C    C N N 325 
THR O    O N N 326 
THR CB   C N R 327 
THR OG1  O N N 328 
THR CG2  C N N 329 
THR OXT  O N N 330 
THR H    H N N 331 
THR H2   H N N 332 
THR HA   H N N 333 
THR HB   H N N 334 
THR HG1  H N N 335 
THR HG21 H N N 336 
THR HG22 H N N 337 
THR HG23 H N N 338 
THR HXT  H N N 339 
TRP N    N N N 340 
TRP CA   C N S 341 
TRP C    C N N 342 
TRP O    O N N 343 
TRP CB   C N N 344 
TRP CG   C Y N 345 
TRP CD1  C Y N 346 
TRP CD2  C Y N 347 
TRP NE1  N Y N 348 
TRP CE2  C Y N 349 
TRP CE3  C Y N 350 
TRP CZ2  C Y N 351 
TRP CZ3  C Y N 352 
TRP CH2  C Y N 353 
TRP OXT  O N N 354 
TRP H    H N N 355 
TRP H2   H N N 356 
TRP HA   H N N 357 
TRP HB2  H N N 358 
TRP HB3  H N N 359 
TRP HD1  H N N 360 
TRP HE1  H N N 361 
TRP HE3  H N N 362 
TRP HZ2  H N N 363 
TRP HZ3  H N N 364 
TRP HH2  H N N 365 
TRP HXT  H N N 366 
TYR N    N N N 367 
TYR CA   C N S 368 
TYR C    C N N 369 
TYR O    O N N 370 
TYR CB   C N N 371 
TYR CG   C Y N 372 
TYR CD1  C Y N 373 
TYR CD2  C Y N 374 
TYR CE1  C Y N 375 
TYR CE2  C Y N 376 
TYR CZ   C Y N 377 
TYR OH   O N N 378 
TYR OXT  O N N 379 
TYR H    H N N 380 
TYR H2   H N N 381 
TYR HA   H N N 382 
TYR HB2  H N N 383 
TYR HB3  H N N 384 
TYR HD1  H N N 385 
TYR HD2  H N N 386 
TYR HE1  H N N 387 
TYR HE2  H N N 388 
TYR HH   H N N 389 
TYR HXT  H N N 390 
VAL N    N N N 391 
VAL CA   C N S 392 
VAL C    C N N 393 
VAL O    O N N 394 
VAL CB   C N N 395 
VAL CG1  C N N 396 
VAL CG2  C N N 397 
VAL OXT  O N N 398 
VAL H    H N N 399 
VAL H2   H N N 400 
VAL HA   H N N 401 
VAL HB   H N N 402 
VAL HG11 H N N 403 
VAL HG12 H N N 404 
VAL HG13 H N N 405 
VAL HG21 H N N 406 
VAL HG22 H N N 407 
VAL HG23 H N N 408 
VAL HXT  H N N 409 
# 
loop_
_chem_comp_bond.comp_id 
_chem_comp_bond.atom_id_1 
_chem_comp_bond.atom_id_2 
_chem_comp_bond.value_order 
_chem_comp_bond.pdbx_aromatic_flag 
_chem_comp_bond.pdbx_stereo_config 
_chem_comp_bond.pdbx_ordinal 
ALA N   CA   sing N N 1   
ALA N   H    sing N N 2   
ALA N   H2   sing N N 3   
ALA CA  C    sing N N 4   
ALA CA  CB   sing N N 5   
ALA CA  HA   sing N N 6   
ALA C   O    doub N N 7   
ALA C   OXT  sing N N 8   
ALA CB  HB1  sing N N 9   
ALA CB  HB2  sing N N 10  
ALA CB  HB3  sing N N 11  
ALA OXT HXT  sing N N 12  
ARG N   CA   sing N N 13  
ARG N   H    sing N N 14  
ARG N   H2   sing N N 15  
ARG CA  C    sing N N 16  
ARG CA  CB   sing N N 17  
ARG CA  HA   sing N N 18  
ARG C   O    doub N N 19  
ARG C   OXT  sing N N 20  
ARG CB  CG   sing N N 21  
ARG CB  HB2  sing N N 22  
ARG CB  HB3  sing N N 23  
ARG CG  CD   sing N N 24  
ARG CG  HG2  sing N N 25  
ARG CG  HG3  sing N N 26  
ARG CD  NE   sing N N 27  
ARG CD  HD2  sing N N 28  
ARG CD  HD3  sing N N 29  
ARG NE  CZ   sing N N 30  
ARG NE  HE   sing N N 31  
ARG CZ  NH1  sing N N 32  
ARG CZ  NH2  doub N N 33  
ARG NH1 HH11 sing N N 34  
ARG NH1 HH12 sing N N 35  
ARG NH2 HH21 sing N N 36  
ARG NH2 HH22 sing N N 37  
ARG OXT HXT  sing N N 38  
ASN N   CA   sing N N 39  
ASN N   H    sing N N 40  
ASN N   H2   sing N N 41  
ASN CA  C    sing N N 42  
ASN CA  CB   sing N N 43  
ASN CA  HA   sing N N 44  
ASN C   O    doub N N 45  
ASN C   OXT  sing N N 46  
ASN CB  CG   sing N N 47  
ASN CB  HB2  sing N N 48  
ASN CB  HB3  sing N N 49  
ASN CG  OD1  doub N N 50  
ASN CG  ND2  sing N N 51  
ASN ND2 HD21 sing N N 52  
ASN ND2 HD22 sing N N 53  
ASN OXT HXT  sing N N 54  
ASP N   CA   sing N N 55  
ASP N   H    sing N N 56  
ASP N   H2   sing N N 57  
ASP CA  C    sing N N 58  
ASP CA  CB   sing N N 59  
ASP CA  HA   sing N N 60  
ASP C   O    doub N N 61  
ASP C   OXT  sing N N 62  
ASP CB  CG   sing N N 63  
ASP CB  HB2  sing N N 64  
ASP CB  HB3  sing N N 65  
ASP CG  OD1  doub N N 66  
ASP CG  OD2  sing N N 67  
ASP OD2 HD2  sing N N 68  
ASP OXT HXT  sing N N 69  
CYS N   CA   sing N N 70  
CYS N   H    sing N N 71  
CYS N   H2   sing N N 72  
CYS CA  C    sing N N 73  
CYS CA  CB   sing N N 74  
CYS CA  HA   sing N N 75  
CYS C   O    doub N N 76  
CYS C   OXT  sing N N 77  
CYS CB  SG   sing N N 78  
CYS CB  HB2  sing N N 79  
CYS CB  HB3  sing N N 80  
CYS SG  HG   sing N N 81  
CYS OXT HXT  sing N N 82  
GLN N   CA   sing N N 83  
GLN N   H    sing N N 84  
GLN N   H2   sing N N 85  
GLN CA  C    sing N N 86  
GLN CA  CB   sing N N 87  
GLN CA  HA   sing N N 88  
GLN C   O    doub N N 89  
GLN C   OXT  sing N N 90  
GLN CB  CG   sing N N 91  
GLN CB  HB2  sing N N 92  
GLN CB  HB3  sing N N 93  
GLN CG  CD   sing N N 94  
GLN CG  HG2  sing N N 95  
GLN CG  HG3  sing N N 96  
GLN CD  OE1  doub N N 97  
GLN CD  NE2  sing N N 98  
GLN NE2 HE21 sing N N 99  
GLN NE2 HE22 sing N N 100 
GLN OXT HXT  sing N N 101 
GLU N   CA   sing N N 102 
GLU N   H    sing N N 103 
GLU N   H2   sing N N 104 
GLU CA  C    sing N N 105 
GLU CA  CB   sing N N 106 
GLU CA  HA   sing N N 107 
GLU C   O    doub N N 108 
GLU C   OXT  sing N N 109 
GLU CB  CG   sing N N 110 
GLU CB  HB2  sing N N 111 
GLU CB  HB3  sing N N 112 
GLU CG  CD   sing N N 113 
GLU CG  HG2  sing N N 114 
GLU CG  HG3  sing N N 115 
GLU CD  OE1  doub N N 116 
GLU CD  OE2  sing N N 117 
GLU OE2 HE2  sing N N 118 
GLU OXT HXT  sing N N 119 
GLY N   CA   sing N N 120 
GLY N   H    sing N N 121 
GLY N   H2   sing N N 122 
GLY CA  C    sing N N 123 
GLY CA  HA2  sing N N 124 
GLY CA  HA3  sing N N 125 
GLY C   O    doub N N 126 
GLY C   OXT  sing N N 127 
GLY OXT HXT  sing N N 128 
GOL C1  O1   sing N N 129 
GOL C1  C2   sing N N 130 
GOL C1  H11  sing N N 131 
GOL C1  H12  sing N N 132 
GOL O1  HO1  sing N N 133 
GOL C2  O2   sing N N 134 
GOL C2  C3   sing N N 135 
GOL C2  H2   sing N N 136 
GOL O2  HO2  sing N N 137 
GOL C3  O3   sing N N 138 
GOL C3  H31  sing N N 139 
GOL C3  H32  sing N N 140 
GOL O3  HO3  sing N N 141 
HIS N   CA   sing N N 142 
HIS N   H    sing N N 143 
HIS N   H2   sing N N 144 
HIS CA  C    sing N N 145 
HIS CA  CB   sing N N 146 
HIS CA  HA   sing N N 147 
HIS C   O    doub N N 148 
HIS C   OXT  sing N N 149 
HIS CB  CG   sing N N 150 
HIS CB  HB2  sing N N 151 
HIS CB  HB3  sing N N 152 
HIS CG  ND1  sing Y N 153 
HIS CG  CD2  doub Y N 154 
HIS ND1 CE1  doub Y N 155 
HIS ND1 HD1  sing N N 156 
HIS CD2 NE2  sing Y N 157 
HIS CD2 HD2  sing N N 158 
HIS CE1 NE2  sing Y N 159 
HIS CE1 HE1  sing N N 160 
HIS NE2 HE2  sing N N 161 
HIS OXT HXT  sing N N 162 
HOH O   H1   sing N N 163 
HOH O   H2   sing N N 164 
ILE N   CA   sing N N 165 
ILE N   H    sing N N 166 
ILE N   H2   sing N N 167 
ILE CA  C    sing N N 168 
ILE CA  CB   sing N N 169 
ILE CA  HA   sing N N 170 
ILE C   O    doub N N 171 
ILE C   OXT  sing N N 172 
ILE CB  CG1  sing N N 173 
ILE CB  CG2  sing N N 174 
ILE CB  HB   sing N N 175 
ILE CG1 CD1  sing N N 176 
ILE CG1 HG12 sing N N 177 
ILE CG1 HG13 sing N N 178 
ILE CG2 HG21 sing N N 179 
ILE CG2 HG22 sing N N 180 
ILE CG2 HG23 sing N N 181 
ILE CD1 HD11 sing N N 182 
ILE CD1 HD12 sing N N 183 
ILE CD1 HD13 sing N N 184 
ILE OXT HXT  sing N N 185 
LEU N   CA   sing N N 186 
LEU N   H    sing N N 187 
LEU N   H2   sing N N 188 
LEU CA  C    sing N N 189 
LEU CA  CB   sing N N 190 
LEU CA  HA   sing N N 191 
LEU C   O    doub N N 192 
LEU C   OXT  sing N N 193 
LEU CB  CG   sing N N 194 
LEU CB  HB2  sing N N 195 
LEU CB  HB3  sing N N 196 
LEU CG  CD1  sing N N 197 
LEU CG  CD2  sing N N 198 
LEU CG  HG   sing N N 199 
LEU CD1 HD11 sing N N 200 
LEU CD1 HD12 sing N N 201 
LEU CD1 HD13 sing N N 202 
LEU CD2 HD21 sing N N 203 
LEU CD2 HD22 sing N N 204 
LEU CD2 HD23 sing N N 205 
LEU OXT HXT  sing N N 206 
LYS N   CA   sing N N 207 
LYS N   H    sing N N 208 
LYS N   H2   sing N N 209 
LYS CA  C    sing N N 210 
LYS CA  CB   sing N N 211 
LYS CA  HA   sing N N 212 
LYS C   O    doub N N 213 
LYS C   OXT  sing N N 214 
LYS CB  CG   sing N N 215 
LYS CB  HB2  sing N N 216 
LYS CB  HB3  sing N N 217 
LYS CG  CD   sing N N 218 
LYS CG  HG2  sing N N 219 
LYS CG  HG3  sing N N 220 
LYS CD  CE   sing N N 221 
LYS CD  HD2  sing N N 222 
LYS CD  HD3  sing N N 223 
LYS CE  NZ   sing N N 224 
LYS CE  HE2  sing N N 225 
LYS CE  HE3  sing N N 226 
LYS NZ  HZ1  sing N N 227 
LYS NZ  HZ2  sing N N 228 
LYS NZ  HZ3  sing N N 229 
LYS OXT HXT  sing N N 230 
MET N   CA   sing N N 231 
MET N   H    sing N N 232 
MET N   H2   sing N N 233 
MET CA  C    sing N N 234 
MET CA  CB   sing N N 235 
MET CA  HA   sing N N 236 
MET C   O    doub N N 237 
MET C   OXT  sing N N 238 
MET CB  CG   sing N N 239 
MET CB  HB2  sing N N 240 
MET CB  HB3  sing N N 241 
MET CG  SD   sing N N 242 
MET CG  HG2  sing N N 243 
MET CG  HG3  sing N N 244 
MET SD  CE   sing N N 245 
MET CE  HE1  sing N N 246 
MET CE  HE2  sing N N 247 
MET CE  HE3  sing N N 248 
MET OXT HXT  sing N N 249 
PHE N   CA   sing N N 250 
PHE N   H    sing N N 251 
PHE N   H2   sing N N 252 
PHE CA  C    sing N N 253 
PHE CA  CB   sing N N 254 
PHE CA  HA   sing N N 255 
PHE C   O    doub N N 256 
PHE C   OXT  sing N N 257 
PHE CB  CG   sing N N 258 
PHE CB  HB2  sing N N 259 
PHE CB  HB3  sing N N 260 
PHE CG  CD1  doub Y N 261 
PHE CG  CD2  sing Y N 262 
PHE CD1 CE1  sing Y N 263 
PHE CD1 HD1  sing N N 264 
PHE CD2 CE2  doub Y N 265 
PHE CD2 HD2  sing N N 266 
PHE CE1 CZ   doub Y N 267 
PHE CE1 HE1  sing N N 268 
PHE CE2 CZ   sing Y N 269 
PHE CE2 HE2  sing N N 270 
PHE CZ  HZ   sing N N 271 
PHE OXT HXT  sing N N 272 
PRO N   CA   sing N N 273 
PRO N   CD   sing N N 274 
PRO N   H    sing N N 275 
PRO CA  C    sing N N 276 
PRO CA  CB   sing N N 277 
PRO CA  HA   sing N N 278 
PRO C   O    doub N N 279 
PRO C   OXT  sing N N 280 
PRO CB  CG   sing N N 281 
PRO CB  HB2  sing N N 282 
PRO CB  HB3  sing N N 283 
PRO CG  CD   sing N N 284 
PRO CG  HG2  sing N N 285 
PRO CG  HG3  sing N N 286 
PRO CD  HD2  sing N N 287 
PRO CD  HD3  sing N N 288 
PRO OXT HXT  sing N N 289 
SER N   CA   sing N N 290 
SER N   H    sing N N 291 
SER N   H2   sing N N 292 
SER CA  C    sing N N 293 
SER CA  CB   sing N N 294 
SER CA  HA   sing N N 295 
SER C   O    doub N N 296 
SER C   OXT  sing N N 297 
SER CB  OG   sing N N 298 
SER CB  HB2  sing N N 299 
SER CB  HB3  sing N N 300 
SER OG  HG   sing N N 301 
SER OXT HXT  sing N N 302 
SO4 S   O1   doub N N 303 
SO4 S   O2   doub N N 304 
SO4 S   O3   sing N N 305 
SO4 S   O4   sing N N 306 
THR N   CA   sing N N 307 
THR N   H    sing N N 308 
THR N   H2   sing N N 309 
THR CA  C    sing N N 310 
THR CA  CB   sing N N 311 
THR CA  HA   sing N N 312 
THR C   O    doub N N 313 
THR C   OXT  sing N N 314 
THR CB  OG1  sing N N 315 
THR CB  CG2  sing N N 316 
THR CB  HB   sing N N 317 
THR OG1 HG1  sing N N 318 
THR CG2 HG21 sing N N 319 
THR CG2 HG22 sing N N 320 
THR CG2 HG23 sing N N 321 
THR OXT HXT  sing N N 322 
TRP N   CA   sing N N 323 
TRP N   H    sing N N 324 
TRP N   H2   sing N N 325 
TRP CA  C    sing N N 326 
TRP CA  CB   sing N N 327 
TRP CA  HA   sing N N 328 
TRP C   O    doub N N 329 
TRP C   OXT  sing N N 330 
TRP CB  CG   sing N N 331 
TRP CB  HB2  sing N N 332 
TRP CB  HB3  sing N N 333 
TRP CG  CD1  doub Y N 334 
TRP CG  CD2  sing Y N 335 
TRP CD1 NE1  sing Y N 336 
TRP CD1 HD1  sing N N 337 
TRP CD2 CE2  doub Y N 338 
TRP CD2 CE3  sing Y N 339 
TRP NE1 CE2  sing Y N 340 
TRP NE1 HE1  sing N N 341 
TRP CE2 CZ2  sing Y N 342 
TRP CE3 CZ3  doub Y N 343 
TRP CE3 HE3  sing N N 344 
TRP CZ2 CH2  doub Y N 345 
TRP CZ2 HZ2  sing N N 346 
TRP CZ3 CH2  sing Y N 347 
TRP CZ3 HZ3  sing N N 348 
TRP CH2 HH2  sing N N 349 
TRP OXT HXT  sing N N 350 
TYR N   CA   sing N N 351 
TYR N   H    sing N N 352 
TYR N   H2   sing N N 353 
TYR CA  C    sing N N 354 
TYR CA  CB   sing N N 355 
TYR CA  HA   sing N N 356 
TYR C   O    doub N N 357 
TYR C   OXT  sing N N 358 
TYR CB  CG   sing N N 359 
TYR CB  HB2  sing N N 360 
TYR CB  HB3  sing N N 361 
TYR CG  CD1  doub Y N 362 
TYR CG  CD2  sing Y N 363 
TYR CD1 CE1  sing Y N 364 
TYR CD1 HD1  sing N N 365 
TYR CD2 CE2  doub Y N 366 
TYR CD2 HD2  sing N N 367 
TYR CE1 CZ   doub Y N 368 
TYR CE1 HE1  sing N N 369 
TYR CE2 CZ   sing Y N 370 
TYR CE2 HE2  sing N N 371 
TYR CZ  OH   sing N N 372 
TYR OH  HH   sing N N 373 
TYR OXT HXT  sing N N 374 
VAL N   CA   sing N N 375 
VAL N   H    sing N N 376 
VAL N   H2   sing N N 377 
VAL CA  C    sing N N 378 
VAL CA  CB   sing N N 379 
VAL CA  HA   sing N N 380 
VAL C   O    doub N N 381 
VAL C   OXT  sing N N 382 
VAL CB  CG1  sing N N 383 
VAL CB  CG2  sing N N 384 
VAL CB  HB   sing N N 385 
VAL CG1 HG11 sing N N 386 
VAL CG1 HG12 sing N N 387 
VAL CG1 HG13 sing N N 388 
VAL CG2 HG21 sing N N 389 
VAL CG2 HG22 sing N N 390 
VAL CG2 HG23 sing N N 391 
VAL OXT HXT  sing N N 392 
# 
_atom_sites.entry_id                    3CLJ 
_atom_sites.fract_transf_matrix[1][1]   -0.00561717 
_atom_sites.fract_transf_matrix[1][2]   0.00598909 
_atom_sites.fract_transf_matrix[1][3]   -0.01182708 
_atom_sites.fract_transf_matrix[2][1]   0.00666776 
_atom_sites.fract_transf_matrix[2][2]   -0.00147159 
_atom_sites.fract_transf_matrix[2][3]   -0.01267588 
_atom_sites.fract_transf_matrix[3][1]   -0.00829467 
_atom_sites.fract_transf_matrix[3][2]   -0.01333798 
_atom_sites.fract_transf_matrix[3][3]   -0.00281471 
_atom_sites.fract_transf_vector[1]      0.365132 
_atom_sites.fract_transf_vector[2]      -0.174446 
_atom_sites.fract_transf_vector[3]      0.235979 
# 
loop_
_atom_type.symbol 
C 
N 
O 
S 
# 
loop_
_atom_site.group_PDB 
_atom_site.id 
_atom_site.type_symbol 
_atom_site.label_atom_id 
_atom_site.label_alt_id 
_atom_site.label_comp_id 
_atom_site.label_asym_id 
_atom_site.label_entity_id 
_atom_site.label_seq_id 
_atom_site.pdbx_PDB_ins_code 
_atom_site.Cartn_x 
_atom_site.Cartn_y 
_atom_site.Cartn_z 
_atom_site.occupancy 
_atom_site.B_iso_or_equiv 
_atom_site.pdbx_formal_charge 
_atom_site.auth_seq_id 
_atom_site.auth_comp_id 
_atom_site.auth_asym_id 
_atom_site.auth_atom_id 
_atom_site.pdbx_PDB_model_num 
ATOM   1    N N   . MET A 1 1   ? 0.343   -17.596 -13.380 1.00 50.09 ? 5   MET A N   1 
ATOM   2    C CA  . MET A 1 1   ? 0.616   -16.126 -13.312 1.00 50.09 ? 5   MET A CA  1 
ATOM   3    C C   . MET A 1 1   ? 2.059   -15.779 -12.941 1.00 49.31 ? 5   MET A C   1 
ATOM   4    O O   . MET A 1 1   ? 2.508   -16.095 -11.832 1.00 49.80 ? 5   MET A O   1 
ATOM   5    C CB  . MET A 1 1   ? -0.310  -15.468 -12.320 1.00 50.09 ? 5   MET A CB  1 
ATOM   6    C CG  . MET A 1 1   ? -0.055  -13.942 -12.171 1.00 50.94 ? 5   MET A CG  1 
ATOM   7    S SD  . MET A 1 1   ? -1.016  -13.271 -10.820 1.00 52.43 ? 5   MET A SD  1 
ATOM   8    C CE  . MET A 1 1   ? -0.672  -11.490 -10.833 1.00 50.54 ? 5   MET A CE  1 
ATOM   9    N N   . ASP A 1 2   ? 2.766   -15.114 -13.857 1.00 47.89 ? 6   ASP A N   1 
ATOM   10   C CA  . ASP A 1 2   ? 4.176   -14.775 -13.665 1.00 46.74 ? 6   ASP A CA  1 
ATOM   11   C C   . ASP A 1 2   ? 4.378   -13.274 -13.373 1.00 46.49 ? 6   ASP A C   1 
ATOM   12   O O   . ASP A 1 2   ? 3.411   -12.519 -13.241 1.00 44.87 ? 6   ASP A O   1 
ATOM   13   C CB  . ASP A 1 2   ? 5.064   -15.262 -14.829 1.00 46.85 ? 6   ASP A CB  1 
ATOM   14   C CG  . ASP A 1 2   ? 4.673   -14.671 -16.193 1.00 47.11 ? 6   ASP A CG  1 
ATOM   15   O OD1 . ASP A 1 2   ? 3.994   -13.630 -16.278 1.00 48.03 ? 6   ASP A OD1 1 
ATOM   16   O OD2 . ASP A 1 2   ? 5.065   -15.270 -17.216 1.00 50.77 ? 6   ASP A OD2 1 
ATOM   17   N N   . PHE A 1 3   ? 5.641   -12.873 -13.249 1.00 45.90 ? 7   PHE A N   1 
ATOM   18   C CA  . PHE A 1 3   ? 5.961   -11.518 -12.916 1.00 45.79 ? 7   PHE A CA  1 
ATOM   19   C C   . PHE A 1 3   ? 5.410   -10.544 -13.949 1.00 45.74 ? 7   PHE A C   1 
ATOM   20   O O   . PHE A 1 3   ? 4.814   -9.529  -13.588 1.00 44.97 ? 7   PHE A O   1 
ATOM   21   C CB  . PHE A 1 3   ? 7.463   -11.268 -12.674 1.00 45.49 ? 7   PHE A CB  1 
ATOM   22   C CG  . PHE A 1 3   ? 7.716   -9.881  -12.125 1.00 47.46 ? 7   PHE A CG  1 
ATOM   23   C CD1 . PHE A 1 3   ? 7.234   -9.528  -10.854 1.00 46.06 ? 7   PHE A CD1 1 
ATOM   24   C CD2 . PHE A 1 3   ? 8.318   -8.909  -12.901 1.00 47.90 ? 7   PHE A CD2 1 
ATOM   25   C CE1 . PHE A 1 3   ? 7.398   -8.247  -10.352 1.00 49.42 ? 7   PHE A CE1 1 
ATOM   26   C CE2 . PHE A 1 3   ? 8.486   -7.627  -12.409 1.00 46.47 ? 7   PHE A CE2 1 
ATOM   27   C CZ  . PHE A 1 3   ? 8.040   -7.286  -11.139 1.00 46.95 ? 7   PHE A CZ  1 
ATOM   28   N N   . GLN A 1 4   ? 5.624   -10.850 -15.227 1.00 45.13 ? 8   GLN A N   1 
ATOM   29   C CA  . GLN A 1 4   ? 5.092   -10.011 -16.283 1.00 45.47 ? 8   GLN A CA  1 
ATOM   30   C C   . GLN A 1 4   ? 3.586   -9.845  -16.178 1.00 44.96 ? 8   GLN A C   1 
ATOM   31   O O   . GLN A 1 4   ? 3.098   -8.760  -16.421 1.00 45.27 ? 8   GLN A O   1 
ATOM   32   C CB  . GLN A 1 4   ? 5.496   -10.497 -17.687 1.00 45.30 ? 8   GLN A CB  1 
ATOM   33   C CG  . GLN A 1 4   ? 6.551   -9.606  -18.393 1.00 49.57 ? 8   GLN A CG  1 
ATOM   34   C CD  . GLN A 1 4   ? 6.534   -8.135  -17.933 1.00 53.06 ? 8   GLN A CD  1 
ATOM   35   O OE1 . GLN A 1 4   ? 5.468   -7.468  -17.855 1.00 56.13 ? 8   GLN A OE1 1 
ATOM   36   N NE2 . GLN A 1 4   ? 7.707   -7.647  -17.562 1.00 53.63 ? 8   GLN A NE2 1 
ATOM   37   N N   . ASN A 1 5   ? 2.860   -10.907 -15.824 1.00 44.73 ? 9   ASN A N   1 
ATOM   38   C CA  . ASN A 1 5   ? 1.410   -10.823 -15.524 1.00 44.87 ? 9   ASN A CA  1 
ATOM   39   C C   . ASN A 1 5   ? 1.131   -9.880  -14.337 1.00 44.92 ? 9   ASN A C   1 
ATOM   40   O O   . ASN A 1 5   ? 0.144   -9.132  -14.348 1.00 44.84 ? 9   ASN A O   1 
ATOM   41   C CB  A ASN A 1 5   ? 0.834   -12.239 -15.271 0.50 44.51 ? 9   ASN A CB  1 
ATOM   42   C CB  B ASN A 1 5   ? 0.781   -12.216 -15.251 0.50 44.58 ? 9   ASN A CB  1 
ATOM   43   C CG  A ASN A 1 5   ? -0.697  -12.277 -15.161 0.50 45.06 ? 9   ASN A CG  1 
ATOM   44   C CG  B ASN A 1 5   ? 1.039   -13.246 -16.368 0.50 44.85 ? 9   ASN A CG  1 
ATOM   45   O OD1 A ASN A 1 5   ? -1.349  -11.300 -14.805 0.50 41.96 ? 9   ASN A OD1 1 
ATOM   46   O OD1 B ASN A 1 5   ? 1.031   -14.459 -16.114 0.50 44.60 ? 9   ASN A OD1 1 
ATOM   47   N ND2 A ASN A 1 5   ? -1.273  -13.451 -15.436 0.50 45.75 ? 9   ASN A ND2 1 
ATOM   48   N ND2 B ASN A 1 5   ? 1.259   -12.777 -17.594 0.50 45.43 ? 9   ASN A ND2 1 
ATOM   49   N N   . PHE A 1 6   ? 1.981   -9.927  -13.305 1.00 45.02 ? 10  PHE A N   1 
ATOM   50   C CA  . PHE A 1 6   ? 1.852   -9.030  -12.165 1.00 45.51 ? 10  PHE A CA  1 
ATOM   51   C C   . PHE A 1 6   ? 1.981   -7.539  -12.564 1.00 45.12 ? 10  PHE A C   1 
ATOM   52   O O   . PHE A 1 6   ? 1.155   -6.709  -12.187 1.00 44.65 ? 10  PHE A O   1 
ATOM   53   C CB  . PHE A 1 6   ? 2.881   -9.354  -11.075 1.00 45.81 ? 10  PHE A CB  1 
ATOM   54   C CG  . PHE A 1 6   ? 2.744   -8.466  -9.846  1.00 46.97 ? 10  PHE A CG  1 
ATOM   55   C CD1 . PHE A 1 6   ? 1.873   -8.811  -8.803  1.00 48.32 ? 10  PHE A CD1 1 
ATOM   56   C CD2 . PHE A 1 6   ? 3.462   -7.255  -9.745  1.00 48.58 ? 10  PHE A CD2 1 
ATOM   57   C CE1 . PHE A 1 6   ? 1.751   -7.999  -7.661  1.00 43.78 ? 10  PHE A CE1 1 
ATOM   58   C CE2 . PHE A 1 6   ? 3.340   -6.457  -8.627  1.00 48.89 ? 10  PHE A CE2 1 
ATOM   59   C CZ  . PHE A 1 6   ? 2.461   -6.830  -7.578  1.00 46.00 ? 10  PHE A CZ  1 
ATOM   60   N N   . VAL A 1 7   ? 3.024   -7.241  -13.332 1.00 44.98 ? 11  VAL A N   1 
ATOM   61   C CA  . VAL A 1 7   ? 3.272   -5.893  -13.870 1.00 44.51 ? 11  VAL A CA  1 
ATOM   62   C C   . VAL A 1 7   ? 2.073   -5.392  -14.690 1.00 45.00 ? 11  VAL A C   1 
ATOM   63   O O   . VAL A 1 7   ? 1.534   -4.322  -14.381 1.00 44.46 ? 11  VAL A O   1 
ATOM   64   C CB  . VAL A 1 7   ? 4.606   -5.840  -14.680 1.00 43.44 ? 11  VAL A CB  1 
ATOM   65   C CG1 . VAL A 1 7   ? 4.775   -4.523  -15.412 1.00 43.26 ? 11  VAL A CG1 1 
ATOM   66   C CG2 . VAL A 1 7   ? 5.761   -6.050  -13.779 1.00 41.55 ? 11  VAL A CG2 1 
ATOM   67   N N   . ALA A 1 8   ? 1.651   -6.175  -15.697 1.00 43.77 ? 12  ALA A N   1 
ATOM   68   C CA  . ALA A 1 8   ? 0.473   -5.854  -16.506 1.00 44.35 ? 12  ALA A CA  1 
ATOM   69   C C   . ALA A 1 8   ? -0.805  -5.696  -15.675 1.00 45.50 ? 12  ALA A C   1 
ATOM   70   O O   . ALA A 1 8   ? -1.601  -4.807  -15.955 1.00 46.76 ? 12  ALA A O   1 
ATOM   71   C CB  . ALA A 1 8   ? 0.272   -6.905  -17.728 1.00 43.96 ? 12  ALA A CB  1 
ATOM   72   N N   . THR A 1 9   ? -1.000  -6.522  -14.646 1.00 45.68 ? 13  THR A N   1 
ATOM   73   C CA  . THR A 1 9   ? -2.194  -6.436  -13.811 1.00 45.92 ? 13  THR A CA  1 
ATOM   74   C C   . THR A 1 9   ? -2.170  -5.153  -12.934 1.00 46.87 ? 13  THR A C   1 
ATOM   75   O O   . THR A 1 9   ? -3.189  -4.432  -12.829 1.00 45.05 ? 13  THR A O   1 
ATOM   76   C CB  . THR A 1 9   ? -2.351  -7.699  -12.935 1.00 46.37 ? 13  THR A CB  1 
ATOM   77   O OG1 . THR A 1 9   ? -2.493  -8.840  -13.804 1.00 47.26 ? 13  THR A OG1 1 
ATOM   78   C CG2 . THR A 1 9   ? -3.554  -7.599  -11.998 1.00 44.21 ? 13  THR A CG2 1 
ATOM   79   N N   . LEU A 1 10  ? -0.991  -4.860  -12.365 1.00 45.78 ? 14  LEU A N   1 
ATOM   80   C CA  . LEU A 1 10  ? -0.791  -3.580  -11.716 1.00 46.18 ? 14  LEU A CA  1 
ATOM   81   C C   . LEU A 1 10  ? -1.014  -2.359  -12.663 1.00 46.38 ? 14  LEU A C   1 
ATOM   82   O O   . LEU A 1 10  ? -1.832  -1.469  -12.337 1.00 46.71 ? 14  LEU A O   1 
ATOM   83   C CB  . LEU A 1 10  ? 0.553   -3.516  -10.957 1.00 45.46 ? 14  LEU A CB  1 
ATOM   84   C CG  . LEU A 1 10  ? 0.723   -2.202  -10.176 1.00 46.13 ? 14  LEU A CG  1 
ATOM   85   C CD1 . LEU A 1 10  ? -0.206  -1.967  -8.949  1.00 42.86 ? 14  LEU A CD1 1 
ATOM   86   C CD2 . LEU A 1 10  ? 2.090   -2.119  -9.781  1.00 47.43 ? 14  LEU A CD2 1 
ATOM   87   N N   . GLU A 1 11  ? -0.301  -2.304  -13.795 1.00 45.08 ? 15  GLU A N   1 
ATOM   88   C CA  . GLU A 1 11  ? -0.537  -1.267  -14.766 1.00 44.91 ? 15  GLU A CA  1 
ATOM   89   C C   . GLU A 1 11  ? -2.023  -1.089  -15.160 1.00 45.47 ? 15  GLU A C   1 
ATOM   90   O O   . GLU A 1 11  ? -2.448  0.046   -15.443 1.00 45.24 ? 15  GLU A O   1 
ATOM   91   C CB  . GLU A 1 11  ? 0.341   -1.467  -16.054 1.00 46.20 ? 15  GLU A CB  1 
ATOM   92   C CG  . GLU A 1 11  ? 1.841   -1.243  -15.848 1.00 42.47 ? 15  GLU A CG  1 
ATOM   93   C CD  . GLU A 1 11  ? 2.731   -1.864  -16.907 1.00 45.78 ? 15  GLU A CD  1 
ATOM   94   O OE1 . GLU A 1 11  ? 2.275   -2.711  -17.725 1.00 47.89 ? 15  GLU A OE1 1 
ATOM   95   O OE2 . GLU A 1 11  ? 3.923   -1.498  -16.918 1.00 45.46 ? 15  GLU A OE2 1 
ATOM   96   N N   . SER A 1 12  ? -2.812  -2.175  -15.221 1.00 45.38 ? 16  SER A N   1 
ATOM   97   C CA  . SER A 1 12  ? -4.210  -2.077  -15.641 1.00 45.61 ? 16  SER A CA  1 
ATOM   98   C C   . SER A 1 12  ? -5.125  -1.252  -14.694 1.00 45.23 ? 16  SER A C   1 
ATOM   99   O O   . SER A 1 12  ? -6.247  -0.916  -15.071 1.00 45.09 ? 16  SER A O   1 
ATOM   100  C CB  . SER A 1 12  ? -4.826  -3.457  -15.909 1.00 45.77 ? 16  SER A CB  1 
ATOM   101  O OG  . SER A 1 12  ? -4.983  -4.176  -14.693 1.00 47.49 ? 16  SER A OG  1 
ATOM   102  N N   . PHE A 1 13  ? -4.658  -0.941  -13.486 1.00 47.06 ? 17  PHE A N   1 
ATOM   103  C CA  . PHE A 1 13  ? -5.428  -0.131  -12.518 1.00 48.17 ? 17  PHE A CA  1 
ATOM   104  C C   . PHE A 1 13  ? -5.697  1.276   -13.044 1.00 49.59 ? 17  PHE A C   1 
ATOM   105  O O   . PHE A 1 13  ? -6.629  1.962   -12.596 1.00 49.79 ? 17  PHE A O   1 
ATOM   106  C CB  . PHE A 1 13  ? -4.742  -0.087  -11.158 1.00 47.79 ? 17  PHE A CB  1 
ATOM   107  C CG  . PHE A 1 13  ? -5.076  -1.274  -10.253 1.00 48.23 ? 17  PHE A CG  1 
ATOM   108  C CD1 . PHE A 1 13  ? -4.495  -2.549  -10.492 1.00 46.39 ? 17  PHE A CD1 1 
ATOM   109  C CD2 . PHE A 1 13  ? -5.947  -1.122  -9.156  1.00 47.94 ? 17  PHE A CD2 1 
ATOM   110  C CE1 . PHE A 1 13  ? -4.761  -3.633  -9.700  1.00 45.25 ? 17  PHE A CE1 1 
ATOM   111  C CE2 . PHE A 1 13  ? -6.247  -2.244  -8.302  1.00 43.91 ? 17  PHE A CE2 1 
ATOM   112  C CZ  . PHE A 1 13  ? -5.652  -3.511  -8.586  1.00 43.61 ? 17  PHE A CZ  1 
ATOM   113  N N   . LYS A 1 14  ? -4.892  1.694   -14.030 1.00 51.59 ? 18  LYS A N   1 
ATOM   114  C CA  . LYS A 1 14  ? -5.088  2.951   -14.771 1.00 52.20 ? 18  LYS A CA  1 
ATOM   115  C C   . LYS A 1 14  ? -6.316  2.912   -15.674 1.00 52.49 ? 18  LYS A C   1 
ATOM   116  O O   . LYS A 1 14  ? -6.982  3.932   -15.892 1.00 53.26 ? 18  LYS A O   1 
ATOM   117  C CB  . LYS A 1 14  ? -3.827  3.298   -15.549 1.00 52.32 ? 18  LYS A CB  1 
ATOM   118  C CG  . LYS A 1 14  ? -2.574  3.409   -14.635 1.00 54.44 ? 18  LYS A CG  1 
ATOM   119  C CD  . LYS A 1 14  ? -1.260  3.601   -15.433 1.00 55.44 ? 18  LYS A CD  1 
ATOM   120  C CE  . LYS A 1 14  ? -0.652  2.253   -15.877 1.00 58.74 ? 18  LYS A CE  1 
ATOM   121  N NZ  . LYS A 1 14  ? 0.008   2.200   -17.290 1.00 56.52 ? 18  LYS A NZ  1 
ATOM   122  N N   . ASP A 1 15  ? -6.647  1.733   -16.182 1.00 52.30 ? 19  ASP A N   1 
ATOM   123  C CA  . ASP A 1 15  ? -7.843  1.576   -16.980 1.00 52.06 ? 19  ASP A CA  1 
ATOM   124  C C   . ASP A 1 15  ? -9.135  1.504   -16.161 1.00 50.62 ? 19  ASP A C   1 
ATOM   125  O O   . ASP A 1 15  ? -10.227 1.476   -16.736 1.00 50.69 ? 19  ASP A O   1 
ATOM   126  C CB  . ASP A 1 15  ? -7.708  0.368   -17.930 1.00 53.67 ? 19  ASP A CB  1 
ATOM   127  C CG  . ASP A 1 15  ? -6.438  0.448   -18.828 1.00 57.09 ? 19  ASP A CG  1 
ATOM   128  O OD1 . ASP A 1 15  ? -5.847  1.550   -18.966 1.00 58.48 ? 19  ASP A OD1 1 
ATOM   129  O OD2 . ASP A 1 15  ? -6.037  -0.602  -19.401 1.00 59.93 ? 19  ASP A OD2 1 
ATOM   130  N N   . LEU A 1 16  ? -9.012  1.467   -14.833 1.00 49.04 ? 20  LEU A N   1 
ATOM   131  C CA  . LEU A 1 16  ? -10.171 1.500   -13.942 1.00 46.49 ? 20  LEU A CA  1 
ATOM   132  C C   . LEU A 1 16  ? -10.467 2.933   -13.591 1.00 45.45 ? 20  LEU A C   1 
ATOM   133  O O   . LEU A 1 16  ? -9.624  3.620   -13.040 1.00 45.36 ? 20  LEU A O   1 
ATOM   134  C CB  . LEU A 1 16  ? -9.929  0.687   -12.664 1.00 45.32 ? 20  LEU A CB  1 
ATOM   135  C CG  . LEU A 1 16  ? -9.660  -0.804  -12.832 1.00 44.78 ? 20  LEU A CG  1 
ATOM   136  C CD1 . LEU A 1 16  ? -9.160  -1.402  -11.505 1.00 43.84 ? 20  LEU A CD1 1 
ATOM   137  C CD2 . LEU A 1 16  ? -10.872 -1.547  -13.462 1.00 43.37 ? 20  LEU A CD2 1 
ATOM   138  N N   . LYS A 1 17  ? -11.679 3.371   -13.890 1.00 45.40 ? 21  LYS A N   1 
ATOM   139  C CA  . LYS A 1 17  ? -12.130 4.720   -13.553 1.00 46.02 ? 21  LYS A CA  1 
ATOM   140  C C   . LYS A 1 17  ? -11.942 5.053   -12.046 1.00 45.66 ? 21  LYS A C   1 
ATOM   141  O O   . LYS A 1 17  ? -11.457 6.153   -11.678 1.00 44.66 ? 21  LYS A O   1 
ATOM   142  C CB  . LYS A 1 17  ? -13.584 4.918   -14.017 1.00 46.95 ? 21  LYS A CB  1 
ATOM   143  C CG  . LYS A 1 17  ? -14.137 6.287   -13.619 1.00 51.04 ? 21  LYS A CG  1 
ATOM   144  C CD  . LYS A 1 17  ? -15.490 6.563   -14.260 1.00 55.84 ? 21  LYS A CD  1 
ATOM   145  C CE  . LYS A 1 17  ? -15.910 8.008   -13.944 1.00 56.67 ? 21  LYS A CE  1 
ATOM   146  N NZ  . LYS A 1 17  ? -17.277 8.304   -14.458 1.00 57.96 ? 21  LYS A NZ  1 
ATOM   147  N N   . SER A 1 18  ? -12.299 4.078   -11.195 1.00 44.45 ? 22  SER A N   1 
ATOM   148  C CA  . SER A 1 18  ? -12.227 4.207   -9.726  1.00 43.46 ? 22  SER A CA  1 
ATOM   149  C C   . SER A 1 18  ? -10.796 4.024   -9.181  1.00 42.71 ? 22  SER A C   1 
ATOM   150  O O   . SER A 1 18  ? -10.511 4.447   -8.057  1.00 43.30 ? 22  SER A O   1 
ATOM   151  C CB  . SER A 1 18  ? -13.154 3.168   -9.070  1.00 42.99 ? 22  SER A CB  1 
ATOM   152  O OG  . SER A 1 18  ? -12.661 1.855   -9.342  1.00 40.17 ? 22  SER A OG  1 
ATOM   153  N N   . GLY A 1 19  ? -9.918  3.376   -9.965  1.00 41.87 ? 23  GLY A N   1 
ATOM   154  C CA  . GLY A 1 19  ? -8.580  2.994   -9.519  1.00 40.86 ? 23  GLY A CA  1 
ATOM   155  C C   . GLY A 1 19  ? -8.587  1.785   -8.566  1.00 40.24 ? 23  GLY A C   1 
ATOM   156  O O   . GLY A 1 19  ? -7.572  1.439   -7.932  1.00 40.34 ? 23  GLY A O   1 
ATOM   157  N N   . ILE A 1 20  ? -9.739  1.129   -8.483  1.00 40.08 ? 24  ILE A N   1 
ATOM   158  C CA  . ILE A 1 20  ? -9.961  0.114   -7.452  1.00 39.52 ? 24  ILE A CA  1 
ATOM   159  C C   . ILE A 1 20  ? -10.670 -1.109  -8.019  1.00 39.21 ? 24  ILE A C   1 
ATOM   160  O O   . ILE A 1 20  ? -11.666 -0.997  -8.709  1.00 38.06 ? 24  ILE A O   1 
ATOM   161  C CB  . ILE A 1 20  ? -10.853 0.670   -6.242  1.00 39.83 ? 24  ILE A CB  1 
ATOM   162  C CG1 . ILE A 1 20  ? -10.194 1.848   -5.522  1.00 36.97 ? 24  ILE A CG1 1 
ATOM   163  C CG2 . ILE A 1 20  ? -11.186 -0.484  -5.226  1.00 38.51 ? 24  ILE A CG2 1 
ATOM   164  C CD1 . ILE A 1 20  ? -11.189 2.716   -4.770  1.00 36.85 ? 24  ILE A CD1 1 
ATOM   165  N N   . SER A 1 21  ? -10.168 -2.287  -7.650  1.00 40.29 ? 25  SER A N   1 
ATOM   166  C CA  . SER A 1 21  ? -10.878 -3.515  -7.901  1.00 40.60 ? 25  SER A CA  1 
ATOM   167  C C   . SER A 1 21  ? -10.536 -4.507  -6.771  1.00 41.52 ? 25  SER A C   1 
ATOM   168  O O   . SER A 1 21  ? -9.345  -4.769  -6.516  1.00 42.86 ? 25  SER A O   1 
ATOM   169  C CB  . SER A 1 21  ? -10.408 -4.093  -9.233  1.00 41.23 ? 25  SER A CB  1 
ATOM   170  O OG  . SER A 1 21  ? -10.807 -5.432  -9.280  1.00 40.59 ? 25  SER A OG  1 
ATOM   171  N N   . GLY A 1 22  ? -11.552 -5.031  -6.081  1.00 42.46 ? 26  GLY A N   1 
ATOM   172  C CA  . GLY A 1 22  ? -11.322 -6.035  -5.040  1.00 42.65 ? 26  GLY A CA  1 
ATOM   173  C C   . GLY A 1 22  ? -10.688 -7.293  -5.590  1.00 42.52 ? 26  GLY A C   1 
ATOM   174  O O   . GLY A 1 22  ? -9.671  -7.765  -5.072  1.00 43.47 ? 26  GLY A O   1 
ATOM   175  N N   . SER A 1 23  ? -11.236 -7.797  -6.695  1.00 42.95 ? 27  SER A N   1 
ATOM   176  C CA  . SER A 1 23  ? -10.706 -9.001  -7.341  1.00 42.75 ? 27  SER A CA  1 
ATOM   177  C C   . SER A 1 23  ? -9.313  -8.815  -7.908  1.00 44.17 ? 27  SER A C   1 
ATOM   178  O O   . SER A 1 23  ? -8.441  -9.700  -7.770  1.00 43.59 ? 27  SER A O   1 
ATOM   179  C CB  . SER A 1 23  ? -11.694 -9.530  -8.402  1.00 44.15 ? 27  SER A CB  1 
ATOM   180  O OG  . SER A 1 23  ? -11.943 -8.522  -9.357  1.00 41.81 ? 27  SER A OG  1 
ATOM   181  N N   . ARG A 1 24  ? -9.040  -7.661  -8.515  1.00 44.04 ? 28  ARG A N   1 
ATOM   182  C CA  . ARG A 1 24  ? -7.696  -7.452  -9.011  1.00 43.98 ? 28  ARG A CA  1 
ATOM   183  C C   . ARG A 1 24  ? -6.653  -7.282  -7.877  1.00 44.39 ? 28  ARG A C   1 
ATOM   184  O O   . ARG A 1 24  ? -5.516  -7.712  -8.006  1.00 44.39 ? 28  ARG A O   1 
ATOM   185  C CB  . ARG A 1 24  ? -7.680  -6.262  -9.990  1.00 44.96 ? 28  ARG A CB  1 
ATOM   186  C CG  . ARG A 1 24  ? -6.750  -6.429  -11.114 1.00 48.05 ? 28  ARG A CG  1 
ATOM   187  C CD  . ARG A 1 24  ? -6.926  -5.360  -12.177 1.00 47.50 ? 28  ARG A CD  1 
ATOM   188  N NE  . ARG A 1 24  ? -8.090  -5.656  -12.999 1.00 46.35 ? 28  ARG A NE  1 
ATOM   189  C CZ  . ARG A 1 24  ? -8.560  -4.876  -13.970 1.00 43.23 ? 28  ARG A CZ  1 
ATOM   190  N NH1 . ARG A 1 24  ? -7.958  -3.734  -14.321 1.00 42.54 ? 28  ARG A NH1 1 
ATOM   191  N NH2 . ARG A 1 24  ? -9.637  -5.251  -14.589 1.00 44.97 ? 28  ARG A NH2 1 
ATOM   192  N N   . ILE A 1 25  ? -7.027  -6.636  -6.780  1.00 43.74 ? 29  ILE A N   1 
ATOM   193  C CA  . ILE A 1 25  ? -6.138  -6.490  -5.649  1.00 43.64 ? 29  ILE A CA  1 
ATOM   194  C C   . ILE A 1 25  ? -5.867  -7.865  -5.017  1.00 43.61 ? 29  ILE A C   1 
ATOM   195  O O   . ILE A 1 25  ? -4.727  -8.185  -4.662  1.00 43.42 ? 29  ILE A O   1 
ATOM   196  C CB  . ILE A 1 25  ? -6.718  -5.424  -4.594  1.00 45.79 ? 29  ILE A CB  1 
ATOM   197  C CG1 . ILE A 1 25  ? -6.751  -3.973  -5.232  1.00 45.78 ? 29  ILE A CG1 1 
ATOM   198  C CG2 . ILE A 1 25  ? -5.888  -5.408  -3.295  1.00 45.53 ? 29  ILE A CG2 1 
ATOM   199  C CD1 . ILE A 1 25  ? -7.481  -2.817  -4.358  1.00 40.77 ? 29  ILE A CD1 1 
ATOM   200  N N   . LYS A 1 26  ? -6.921  -8.657  -4.853  1.00 43.12 ? 30  LYS A N   1 
ATOM   201  C CA  . LYS A 1 26  ? -6.765  -10.019 -4.379  1.00 43.86 ? 30  LYS A CA  1 
ATOM   202  C C   . LYS A 1 26  ? -5.739  -10.754 -5.293  1.00 44.29 ? 30  LYS A C   1 
ATOM   203  O O   . LYS A 1 26  ? -4.841  -11.456 -4.804  1.00 45.26 ? 30  LYS A O   1 
ATOM   204  C CB  . LYS A 1 26  ? -8.113  -10.715 -4.360  1.00 42.66 ? 30  LYS A CB  1 
ATOM   205  C CG  . LYS A 1 26  ? -8.052  -12.087 -3.792  1.00 45.99 ? 30  LYS A CG  1 
ATOM   206  C CD  . LYS A 1 26  ? -9.358  -12.814 -3.909  1.00 49.73 ? 30  LYS A CD  1 
ATOM   207  C CE  . LYS A 1 26  ? -9.077  -14.303 -3.677  1.00 52.59 ? 30  LYS A CE  1 
ATOM   208  N NZ  . LYS A 1 26  ? -10.223 -14.973 -3.003  1.00 56.81 ? 30  LYS A NZ  1 
ATOM   209  N N   . LYS A 1 27  ? -5.853  -10.559 -6.603  1.00 43.75 ? 31  LYS A N   1 
ATOM   210  C CA  . LYS A 1 27  ? -4.946  -11.221 -7.586  1.00 45.52 ? 31  LYS A CA  1 
ATOM   211  C C   . LYS A 1 27  ? -3.477  -10.833 -7.314  1.00 44.89 ? 31  LYS A C   1 
ATOM   212  O O   . LYS A 1 27  ? -2.598  -11.674 -7.198  1.00 44.34 ? 31  LYS A O   1 
ATOM   213  C CB  . LYS A 1 27  ? -5.324  -10.774 -9.005  1.00 45.92 ? 31  LYS A CB  1 
ATOM   214  C CG  . LYS A 1 27  ? -5.039  -11.761 -10.079 1.00 48.92 ? 31  LYS A CG  1 
ATOM   215  C CD  . LYS A 1 27  ? -4.785  -11.082 -11.416 1.00 51.45 ? 31  LYS A CD  1 
ATOM   216  C CE  . LYS A 1 27  ? -4.265  -12.093 -12.467 1.00 54.98 ? 31  LYS A CE  1 
ATOM   217  N NZ  . LYS A 1 27  ? -3.997  -11.311 -13.680 1.00 56.59 ? 31  LYS A NZ  1 
ATOM   218  N N   . LEU A 1 28  ? -3.233  -9.538  -7.157  1.00 44.00 ? 32  LEU A N   1 
ATOM   219  C CA  . LEU A 1 28  ? -1.926  -9.063  -6.774  1.00 44.31 ? 32  LEU A CA  1 
ATOM   220  C C   . LEU A 1 28  ? -1.448  -9.625  -5.447  1.00 43.59 ? 32  LEU A C   1 
ATOM   221  O O   . LEU A 1 28  ? -0.253  -9.898  -5.266  1.00 44.82 ? 32  LEU A O   1 
ATOM   222  C CB  . LEU A 1 28  ? -1.905  -7.512  -6.749  1.00 43.53 ? 32  LEU A CB  1 
ATOM   223  C CG  . LEU A 1 28  ? -2.169  -6.724  -8.037  1.00 43.62 ? 32  LEU A CG  1 
ATOM   224  C CD1 . LEU A 1 28  ? -2.057  -5.179  -7.740  1.00 43.05 ? 32  LEU A CD1 1 
ATOM   225  C CD2 . LEU A 1 28  ? -1.239  -7.135  -9.237  1.00 40.70 ? 32  LEU A CD2 1 
ATOM   226  N N   . THR A 1 29  ? -2.375  -9.798  -4.516  1.00 43.37 ? 33  THR A N   1 
ATOM   227  C CA  . THR A 1 29  ? -2.031  -10.151 -3.140  1.00 43.31 ? 33  THR A CA  1 
ATOM   228  C C   . THR A 1 29  ? -1.645  -11.639 -3.085  1.00 43.33 ? 33  THR A C   1 
ATOM   229  O O   . THR A 1 29  ? -0.678  -12.046 -2.396  1.00 41.52 ? 33  THR A O   1 
ATOM   230  C CB  . THR A 1 29  ? -3.193  -9.828  -2.190  1.00 43.59 ? 33  THR A CB  1 
ATOM   231  O OG1 . THR A 1 29  ? -3.472  -8.409  -2.252  1.00 44.43 ? 33  THR A OG1 1 
ATOM   232  C CG2 . THR A 1 29  ? -2.834  -10.201 -0.753  1.00 43.07 ? 33  THR A CG2 1 
ATOM   233  N N   . THR A 1 30  ? -2.394  -12.444 -3.833  1.00 43.18 ? 34  THR A N   1 
ATOM   234  C CA  . THR A 1 30  ? -2.065  -13.865 -3.961  1.00 45.30 ? 34  THR A CA  1 
ATOM   235  C C   . THR A 1 30  ? -0.703  -14.067 -4.624  1.00 44.86 ? 34  THR A C   1 
ATOM   236  O O   . THR A 1 30  ? 0.107   -14.886 -4.158  1.00 44.88 ? 34  THR A O   1 
ATOM   237  C CB  . THR A 1 30  ? -3.196  -14.639 -4.658  1.00 44.84 ? 34  THR A CB  1 
ATOM   238  O OG1 . THR A 1 30  ? -4.359  -14.519 -3.827  1.00 47.65 ? 34  THR A OG1 1 
ATOM   239  C CG2 . THR A 1 30  ? -2.834  -16.143 -4.828  1.00 46.54 ? 34  THR A CG2 1 
ATOM   240  N N   . TYR A 1 31  ? -0.428  -13.276 -5.659  1.00 44.42 ? 35  TYR A N   1 
ATOM   241  C CA  . TYR A 1 31  ? 0.871   -13.338 -6.289  1.00 43.72 ? 35  TYR A CA  1 
ATOM   242  C C   . TYR A 1 31  ? 1.955   -12.964 -5.263  1.00 44.15 ? 35  TYR A C   1 
ATOM   243  O O   . TYR A 1 31  ? 2.997   -13.614 -5.205  1.00 44.81 ? 35  TYR A O   1 
ATOM   244  C CB  . TYR A 1 31  ? 0.954   -12.421 -7.519  1.00 44.13 ? 35  TYR A CB  1 
ATOM   245  C CG  . TYR A 1 31  ? 2.320   -12.539 -8.184  1.00 44.46 ? 35  TYR A CG  1 
ATOM   246  C CD1 . TYR A 1 31  ? 2.511   -13.446 -9.201  1.00 45.91 ? 35  TYR A CD1 1 
ATOM   247  C CD2 . TYR A 1 31  ? 3.423   -11.764 -7.748  1.00 43.04 ? 35  TYR A CD2 1 
ATOM   248  C CE1 . TYR A 1 31  ? 3.757   -13.600 -9.817  1.00 45.87 ? 35  TYR A CE1 1 
ATOM   249  C CE2 . TYR A 1 31  ? 4.677   -11.919 -8.337  1.00 45.77 ? 35  TYR A CE2 1 
ATOM   250  C CZ  . TYR A 1 31  ? 4.836   -12.853 -9.377  1.00 44.89 ? 35  TYR A CZ  1 
ATOM   251  O OH  . TYR A 1 31  ? 6.048   -13.048 -10.011 1.00 42.38 ? 35  TYR A OH  1 
ATOM   252  N N   . ALA A 1 32  ? 1.732   -11.899 -4.482  1.00 43.86 ? 36  ALA A N   1 
ATOM   253  C CA  . ALA A 1 32  ? 2.740   -11.430 -3.527  1.00 43.08 ? 36  ALA A CA  1 
ATOM   254  C C   . ALA A 1 32  ? 3.127   -12.520 -2.499  1.00 42.74 ? 36  ALA A C   1 
ATOM   255  O O   . ALA A 1 32  ? 4.316   -12.704 -2.183  1.00 42.36 ? 36  ALA A O   1 
ATOM   256  C CB  . ALA A 1 32  ? 2.274   -10.124 -2.819  1.00 40.40 ? 36  ALA A CB  1 
ATOM   257  N N   . LEU A 1 33  ? 2.118   -13.222 -1.977  1.00 43.08 ? 37  LEU A N   1 
ATOM   258  C CA  . LEU A 1 33  ? 2.321   -14.303 -0.983  1.00 42.96 ? 37  LEU A CA  1 
ATOM   259  C C   . LEU A 1 33  ? 2.975   -15.578 -1.562  1.00 42.81 ? 37  LEU A C   1 
ATOM   260  O O   . LEU A 1 33  ? 3.658   -16.330 -0.852  1.00 42.57 ? 37  LEU A O   1 
ATOM   261  C CB  . LEU A 1 33  ? 0.997   -14.638 -0.296  1.00 43.29 ? 37  LEU A CB  1 
ATOM   262  C CG  . LEU A 1 33  ? 0.355   -13.650 0.682   1.00 42.91 ? 37  LEU A CG  1 
ATOM   263  C CD1 . LEU A 1 33  ? -1.112  -14.156 0.903   1.00 42.92 ? 37  LEU A CD1 1 
ATOM   264  C CD2 . LEU A 1 33  ? 1.108   -13.584 2.033   1.00 38.58 ? 37  LEU A CD2 1 
ATOM   265  N N   . ASP A 1 34  ? 2.754   -15.810 -2.853  1.00 42.85 ? 38  ASP A N   1 
ATOM   266  C CA  . ASP A 1 34  ? 3.336   -16.915 -3.581  1.00 42.87 ? 38  ASP A CA  1 
ATOM   267  C C   . ASP A 1 34  ? 4.783   -16.666 -4.004  1.00 43.08 ? 38  ASP A C   1 
ATOM   268  O O   . ASP A 1 34  ? 5.472   -17.594 -4.415  1.00 41.66 ? 38  ASP A O   1 
ATOM   269  C CB  . ASP A 1 34  ? 2.520   -17.177 -4.840  1.00 43.14 ? 38  ASP A CB  1 
ATOM   270  C CG  . ASP A 1 34  ? 1.230   -17.915 -4.560  1.00 45.64 ? 38  ASP A CG  1 
ATOM   271  O OD1 . ASP A 1 34  ? 0.978   -18.309 -3.394  1.00 46.90 ? 38  ASP A OD1 1 
ATOM   272  O OD2 . ASP A 1 34  ? 0.464   -18.101 -5.522  1.00 47.38 ? 38  ASP A OD2 1 
ATOM   273  N N   . HIS A 1 35  ? 5.220   -15.407 -3.960  1.00 43.12 ? 39  HIS A N   1 
ATOM   274  C CA  . HIS A 1 35  ? 6.529   -15.066 -4.491  1.00 43.01 ? 39  HIS A CA  1 
ATOM   275  C C   . HIS A 1 35  ? 7.204   -14.088 -3.517  1.00 43.37 ? 39  HIS A C   1 
ATOM   276  O O   . HIS A 1 35  ? 7.689   -13.025 -3.913  1.00 42.92 ? 39  HIS A O   1 
ATOM   277  C CB  . HIS A 1 35  ? 6.386   -14.474 -5.913  1.00 43.78 ? 39  HIS A CB  1 
ATOM   278  C CG  . HIS A 1 35  ? 5.752   -15.407 -6.912  1.00 44.87 ? 39  HIS A CG  1 
ATOM   279  N ND1 . HIS A 1 35  ? 6.467   -16.337 -7.632  1.00 48.13 ? 39  HIS A ND1 1 
ATOM   280  C CD2 . HIS A 1 35  ? 4.461   -15.549 -7.307  1.00 48.60 ? 39  HIS A CD2 1 
ATOM   281  C CE1 . HIS A 1 35  ? 5.648   -17.022 -8.415  1.00 48.69 ? 39  HIS A CE1 1 
ATOM   282  N NE2 . HIS A 1 35  ? 4.422   -16.564 -8.236  1.00 46.80 ? 39  HIS A NE2 1 
ATOM   283  N N   . ILE A 1 36  ? 7.229   -14.453 -2.234  1.00 42.77 ? 40  ILE A N   1 
ATOM   284  C CA  . ILE A 1 36  ? 7.907   -13.651 -1.218  1.00 42.75 ? 40  ILE A CA  1 
ATOM   285  C C   . ILE A 1 36  ? 9.415   -13.501 -1.538  1.00 43.04 ? 40  ILE A C   1 
ATOM   286  O O   . ILE A 1 36  ? 10.027  -12.469 -1.222  1.00 42.22 ? 40  ILE A O   1 
ATOM   287  C CB  . ILE A 1 36  ? 7.659   -14.210 0.225   1.00 43.02 ? 40  ILE A CB  1 
ATOM   288  C CG1 . ILE A 1 36  ? 6.219   -13.909 0.676   1.00 42.84 ? 40  ILE A CG1 1 
ATOM   289  C CG2 . ILE A 1 36  ? 8.653   -13.642 1.254   1.00 43.03 ? 40  ILE A CG2 1 
ATOM   290  C CD1 . ILE A 1 36  ? 5.666   -14.959 1.637   1.00 42.13 ? 40  ILE A CD1 1 
ATOM   291  N N   . ASP A 1 37  ? 9.997   -14.514 -2.185  1.00 42.75 ? 41  ASP A N   1 
ATOM   292  C CA  . ASP A 1 37  ? 11.436  -14.476 -2.558  1.00 43.26 ? 41  ASP A CA  1 
ATOM   293  C C   . ASP A 1 37  ? 11.814  -13.235 -3.412  1.00 43.14 ? 41  ASP A C   1 
ATOM   294  O O   . ASP A 1 37  ? 12.855  -12.644 -3.201  1.00 43.04 ? 41  ASP A O   1 
ATOM   295  C CB  . ASP A 1 37  ? 11.939  -15.830 -3.141  1.00 42.57 ? 41  ASP A CB  1 
ATOM   296  C CG  . ASP A 1 37  ? 11.395  -16.149 -4.560  1.00 42.87 ? 41  ASP A CG  1 
ATOM   297  O OD1 . ASP A 1 37  ? 10.188  -16.015 -4.886  1.00 42.25 ? 41  ASP A OD1 1 
ATOM   298  O OD2 . ASP A 1 37  ? 12.212  -16.607 -5.377  1.00 49.57 ? 41  ASP A OD2 1 
ATOM   299  N N   . ILE A 1 38  ? 10.929  -12.834 -4.333  1.00 43.65 ? 42  ILE A N   1 
ATOM   300  C CA  . ILE A 1 38  ? 11.116  -11.614 -5.124  1.00 44.63 ? 42  ILE A CA  1 
ATOM   301  C C   . ILE A 1 38  ? 10.291  -10.403 -4.601  1.00 44.82 ? 42  ILE A C   1 
ATOM   302  O O   . ILE A 1 38  ? 9.985   -9.479  -5.362  1.00 45.08 ? 42  ILE A O   1 
ATOM   303  C CB  . ILE A 1 38  ? 10.902  -11.868 -6.661  1.00 43.76 ? 42  ILE A CB  1 
ATOM   304  C CG1 . ILE A 1 38  ? 9.522   -12.486 -6.897  1.00 45.73 ? 42  ILE A CG1 1 
ATOM   305  C CG2 . ILE A 1 38  ? 12.126  -12.703 -7.283  1.00 46.18 ? 42  ILE A CG2 1 
ATOM   306  C CD1 . ILE A 1 38  ? 8.922   -12.138 -8.218  1.00 47.22 ? 42  ILE A CD1 1 
ATOM   307  N N   . GLU A 1 39  ? 9.973   -10.382 -3.299  1.00 45.57 ? 43  GLU A N   1 
ATOM   308  C CA  . GLU A 1 39  ? 9.206   -9.284  -2.722  1.00 46.25 ? 43  GLU A CA  1 
ATOM   309  C C   . GLU A 1 39  ? 9.848   -7.928  -3.027  1.00 47.01 ? 43  GLU A C   1 
ATOM   310  O O   . GLU A 1 39  ? 9.160   -6.912  -3.085  1.00 47.53 ? 43  GLU A O   1 
ATOM   311  C CB  . GLU A 1 39  ? 9.055   -9.415  -1.195  1.00 46.48 ? 43  GLU A CB  1 
ATOM   312  C CG  . GLU A 1 39  ? 10.356  -9.541  -0.411  1.00 47.71 ? 43  GLU A CG  1 
ATOM   313  C CD  . GLU A 1 39  ? 11.094  -8.211  -0.152  1.00 48.33 ? 43  GLU A CD  1 
ATOM   314  O OE1 . GLU A 1 39  ? 12.286  -8.250  0.262   1.00 47.95 ? 43  GLU A OE1 1 
ATOM   315  O OE2 . GLU A 1 39  ? 10.477  -7.156  -0.355  1.00 47.97 ? 43  GLU A OE2 1 
ATOM   316  N N   . SER A 1 40  ? 11.167  -7.905  -3.203  1.00 45.96 ? 44  SER A N   1 
ATOM   317  C CA  . SER A 1 40  ? 11.852  -6.634  -3.324  1.00 47.25 ? 44  SER A CA  1 
ATOM   318  C C   . SER A 1 40  ? 11.372  -5.848  -4.562  1.00 46.51 ? 44  SER A C   1 
ATOM   319  O O   . SER A 1 40  ? 11.202  -4.634  -4.517  1.00 44.76 ? 44  SER A O   1 
ATOM   320  C CB  . SER A 1 40  ? 13.359  -6.850  -3.247  1.00 47.41 ? 44  SER A CB  1 
ATOM   321  O OG  . SER A 1 40  ? 14.053  -5.877  -3.992  1.00 53.45 ? 44  SER A OG  1 
ATOM   322  N N   . LYS A 1 41  ? 11.122  -6.557  -5.658  1.00 46.69 ? 45  LYS A N   1 
ATOM   323  C CA  . LYS A 1 41  ? 10.608  -5.893  -6.846  1.00 46.95 ? 45  LYS A CA  1 
ATOM   324  C C   . LYS A 1 41  ? 9.056   -5.796  -6.929  1.00 46.89 ? 45  LYS A C   1 
ATOM   325  O O   . LYS A 1 41  ? 8.534   -5.008  -7.732  1.00 47.81 ? 45  LYS A O   1 
ATOM   326  C CB  . LYS A 1 41  ? 11.290  -6.418  -8.139  1.00 47.55 ? 45  LYS A CB  1 
ATOM   327  C CG  . LYS A 1 41  ? 10.865  -7.776  -8.660  1.00 47.04 ? 45  LYS A CG  1 
ATOM   328  C CD  . LYS A 1 41  ? 11.714  -8.142  -9.916  1.00 45.68 ? 45  LYS A CD  1 
ATOM   329  C CE  . LYS A 1 41  ? 11.405  -9.600  -10.366 1.00 47.50 ? 45  LYS A CE  1 
ATOM   330  N NZ  . LYS A 1 41  ? 12.124  -10.176 -11.581 1.00 47.18 ? 45  LYS A NZ  1 
ATOM   331  N N   . ILE A 1 42  ? 8.340   -6.593  -6.127  1.00 45.58 ? 46  ILE A N   1 
ATOM   332  C CA  . ILE A 1 42  ? 6.888   -6.433  -5.954  1.00 44.41 ? 46  ILE A CA  1 
ATOM   333  C C   . ILE A 1 42  ? 6.630   -5.125  -5.177  1.00 44.71 ? 46  ILE A C   1 
ATOM   334  O O   . ILE A 1 42  ? 5.761   -4.310  -5.569  1.00 44.79 ? 46  ILE A O   1 
ATOM   335  C CB  . ILE A 1 42  ? 6.248   -7.644  -5.200  1.00 44.80 ? 46  ILE A CB  1 
ATOM   336  C CG1 . ILE A 1 42  ? 6.236   -8.915  -6.118  1.00 44.11 ? 46  ILE A CG1 1 
ATOM   337  C CG2 . ILE A 1 42  ? 4.856   -7.237  -4.552  1.00 44.86 ? 46  ILE A CG2 1 
ATOM   338  C CD1 . ILE A 1 42  ? 6.350   -10.270 -5.373  1.00 42.71 ? 46  ILE A CD1 1 
ATOM   339  N N   . ILE A 1 43  ? 7.412   -4.930  -4.123  1.00 43.72 ? 47  ILE A N   1 
ATOM   340  C CA  . ILE A 1 43  ? 7.270   -3.813  -3.194  1.00 44.66 ? 47  ILE A CA  1 
ATOM   341  C C   . ILE A 1 43  ? 7.647   -2.473  -3.875  1.00 44.66 ? 47  ILE A C   1 
ATOM   342  O O   . ILE A 1 43  ? 6.861   -1.507  -3.799  1.00 45.72 ? 47  ILE A O   1 
ATOM   343  C CB  . ILE A 1 43  ? 8.037   -4.112  -1.843  1.00 45.04 ? 47  ILE A CB  1 
ATOM   344  C CG1 . ILE A 1 43  ? 7.351   -5.293  -1.081  1.00 42.93 ? 47  ILE A CG1 1 
ATOM   345  C CG2 . ILE A 1 43  ? 8.207   -2.842  -0.958  1.00 44.29 ? 47  ILE A CG2 1 
ATOM   346  C CD1 . ILE A 1 43  ? 6.006   -4.941  -0.450  1.00 39.04 ? 47  ILE A CD1 1 
ATOM   347  N N   . SER A 1 44  ? 8.778   -2.448  -4.571  1.00 43.88 ? 48  SER A N   1 
ATOM   348  C CA  . SER A 1 44  ? 9.204   -1.248  -5.331  1.00 44.46 ? 48  SER A CA  1 
ATOM   349  C C   . SER A 1 44  ? 8.142   -0.854  -6.361  1.00 44.90 ? 48  SER A C   1 
ATOM   350  O O   . SER A 1 44  ? 7.721   0.317   -6.421  1.00 45.26 ? 48  SER A O   1 
ATOM   351  C CB  . SER A 1 44  ? 10.626  -1.384  -5.933  1.00 42.18 ? 48  SER A CB  1 
ATOM   352  O OG  . SER A 1 44  ? 10.619  -2.096  -7.160  1.00 45.07 ? 48  SER A OG  1 
ATOM   353  N N   . LEU A 1 45  ? 7.611   -1.833  -7.086  1.00 46.02 ? 49  LEU A N   1 
ATOM   354  C CA  . LEU A 1 45  ? 6.547   -1.524  -8.028  1.00 47.54 ? 49  LEU A CA  1 
ATOM   355  C C   . LEU A 1 45  ? 5.276   -0.921  -7.432  1.00 46.50 ? 49  LEU A C   1 
ATOM   356  O O   . LEU A 1 45  ? 4.744   0.048   -7.986  1.00 46.46 ? 49  LEU A O   1 
ATOM   357  C CB  . LEU A 1 45  ? 6.251   -2.680  -8.990  1.00 48.26 ? 49  LEU A CB  1 
ATOM   358  C CG  . LEU A 1 45  ? 5.249   -2.395  -10.135 1.00 51.09 ? 49  LEU A CG  1 
ATOM   359  C CD1 . LEU A 1 45  ? 5.688   -1.194  -11.053 1.00 52.09 ? 49  LEU A CD1 1 
ATOM   360  C CD2 . LEU A 1 45  ? 4.993   -3.673  -11.019 1.00 49.96 ? 49  LEU A CD2 1 
ATOM   361  N N   . ILE A 1 46  ? 4.792   -1.466  -6.305  1.00 46.50 ? 50  ILE A N   1 
ATOM   362  C CA  . ILE A 1 46  ? 3.558   -0.976  -5.714  1.00 45.02 ? 50  ILE A CA  1 
ATOM   363  C C   . ILE A 1 46  ? 3.776   0.381   -5.044  1.00 44.25 ? 50  ILE A C   1 
ATOM   364  O O   . ILE A 1 46  ? 2.870   1.187   -4.997  1.00 45.33 ? 50  ILE A O   1 
ATOM   365  C CB  . ILE A 1 46  ? 2.822   -2.052  -4.807  1.00 45.93 ? 50  ILE A CB  1 
ATOM   366  C CG1 . ILE A 1 46  ? 3.494   -2.255  -3.431  1.00 42.74 ? 50  ILE A CG1 1 
ATOM   367  C CG2 . ILE A 1 46  ? 2.579   -3.375  -5.625  1.00 41.48 ? 50  ILE A CG2 1 
ATOM   368  C CD1 . ILE A 1 46  ? 2.749   -3.223  -2.465  1.00 45.17 ? 50  ILE A CD1 1 
ATOM   369  N N   . ILE A 1 47  ? 4.964   0.592   -4.507  1.00 43.50 ? 51  ILE A N   1 
ATOM   370  C CA  . ILE A 1 47  ? 5.412   1.919   -4.004  1.00 42.91 ? 51  ILE A CA  1 
ATOM   371  C C   . ILE A 1 47  ? 5.369   2.960   -5.122  1.00 42.56 ? 51  ILE A C   1 
ATOM   372  O O   . ILE A 1 47  ? 4.816   4.059   -4.965  1.00 43.47 ? 51  ILE A O   1 
ATOM   373  C CB  . ILE A 1 47  ? 6.827   1.843   -3.373  1.00 42.51 ? 51  ILE A CB  1 
ATOM   374  C CG1 . ILE A 1 47  ? 6.757   1.056   -2.033  1.00 41.46 ? 51  ILE A CG1 1 
ATOM   375  C CG2 . ILE A 1 47  ? 7.376   3.246   -3.098  1.00 41.58 ? 51  ILE A CG2 1 
ATOM   376  C CD1 . ILE A 1 47  ? 8.110   0.731   -1.403  1.00 40.40 ? 51  ILE A CD1 1 
ATOM   377  N N   . ASP A 1 48  ? 5.937   2.585   -6.264  1.00 42.51 ? 52  ASP A N   1 
ATOM   378  C CA  . ASP A 1 48  ? 6.036   3.465   -7.409  1.00 42.66 ? 52  ASP A CA  1 
ATOM   379  C C   . ASP A 1 48  ? 4.669   3.695   -8.061  1.00 42.58 ? 52  ASP A C   1 
ATOM   380  O O   . ASP A 1 48  ? 4.390   4.778   -8.587  1.00 42.91 ? 52  ASP A O   1 
ATOM   381  C CB  . ASP A 1 48  ? 7.072   2.893   -8.391  1.00 41.49 ? 52  ASP A CB  1 
ATOM   382  C CG  . ASP A 1 48  ? 8.520   3.040   -7.870  1.00 42.35 ? 52  ASP A CG  1 
ATOM   383  O OD1 . ASP A 1 48  ? 8.759   3.865   -6.962  1.00 44.23 ? 52  ASP A OD1 1 
ATOM   384  O OD2 . ASP A 1 48  ? 9.468   2.402   -8.416  1.00 42.06 ? 52  ASP A OD2 1 
ATOM   385  N N   . TYR A 1 49  ? 3.827   2.669   -8.047  1.00 42.74 ? 53  TYR A N   1 
ATOM   386  C CA  . TYR A 1 49  ? 2.477   2.832   -8.531  1.00 44.15 ? 53  TYR A CA  1 
ATOM   387  C C   . TYR A 1 49  ? 1.761   3.933   -7.693  1.00 44.09 ? 53  TYR A C   1 
ATOM   388  O O   . TYR A 1 49  ? 1.111   4.819   -8.238  1.00 44.69 ? 53  TYR A O   1 
ATOM   389  C CB  . TYR A 1 49  ? 1.691   1.499   -8.435  1.00 43.19 ? 53  TYR A CB  1 
ATOM   390  C CG  . TYR A 1 49  ? 0.279   1.734   -8.844  1.00 44.62 ? 53  TYR A CG  1 
ATOM   391  C CD1 . TYR A 1 49  ? -0.035  1.986   -10.200 1.00 45.08 ? 53  TYR A CD1 1 
ATOM   392  C CD2 . TYR A 1 49  ? -0.746  1.805   -7.885  1.00 44.81 ? 53  TYR A CD2 1 
ATOM   393  C CE1 . TYR A 1 49  ? -1.367  2.248   -10.588 1.00 45.85 ? 53  TYR A CE1 1 
ATOM   394  C CE2 . TYR A 1 49  ? -2.049  2.025   -8.251  1.00 38.32 ? 53  TYR A CE2 1 
ATOM   395  C CZ  . TYR A 1 49  ? -2.351  2.308   -9.600  1.00 44.06 ? 53  TYR A CZ  1 
ATOM   396  O OH  . TYR A 1 49  ? -3.650  2.598   -9.965  1.00 46.03 ? 53  TYR A OH  1 
ATOM   397  N N   . SER A 1 50  ? 1.883   3.848   -6.381  1.00 42.72 ? 54  SER A N   1 
ATOM   398  C CA  . SER A 1 50  ? 1.389   4.908   -5.474  1.00 44.20 ? 54  SER A CA  1 
ATOM   399  C C   . SER A 1 50  ? 1.909   6.318   -5.800  1.00 43.32 ? 54  SER A C   1 
ATOM   400  O O   . SER A 1 50  ? 1.178   7.317   -5.744  1.00 42.51 ? 54  SER A O   1 
ATOM   401  C CB  . SER A 1 50  ? 1.742   4.556   -4.007  1.00 42.02 ? 54  SER A CB  1 
ATOM   402  O OG  . SER A 1 50  ? 0.949   5.316   -3.101  1.00 46.01 ? 54  SER A OG  1 
ATOM   403  N N   . ARG A 1 51  ? 3.209   6.388   -6.031  1.00 43.54 ? 55  ARG A N   1 
ATOM   404  C CA  . ARG A 1 51  ? 3.875   7.644   -6.407  1.00 44.22 ? 55  ARG A CA  1 
ATOM   405  C C   . ARG A 1 51  ? 3.393   8.281   -7.687  1.00 43.79 ? 55  ARG A C   1 
ATOM   406  O O   . ARG A 1 51  ? 3.353   9.492   -7.775  1.00 43.13 ? 55  ARG A O   1 
ATOM   407  C CB  . ARG A 1 51  ? 5.381   7.442   -6.539  1.00 43.47 ? 55  ARG A CB  1 
ATOM   408  C CG  . ARG A 1 51  ? 6.028   7.217   -5.228  1.00 42.72 ? 55  ARG A CG  1 
ATOM   409  C CD  . ARG A 1 51  ? 7.478   6.868   -5.468  1.00 45.07 ? 55  ARG A CD  1 
ATOM   410  N NE  . ARG A 1 51  ? 8.205   6.975   -4.189  1.00 47.97 ? 55  ARG A NE  1 
ATOM   411  C CZ  . ARG A 1 51  ? 9.328   6.322   -3.889  1.00 44.98 ? 55  ARG A CZ  1 
ATOM   412  N NH1 . ARG A 1 51  ? 9.903   5.521   -4.808  1.00 43.19 ? 55  ARG A NH1 1 
ATOM   413  N NH2 . ARG A 1 51  ? 9.915   6.546   -2.705  1.00 39.46 ? 55  ARG A NH2 1 
ATOM   414  N N   . LEU A 1 52  ? 3.023   7.461   -8.659  1.00 43.10 ? 56  LEU A N   1 
ATOM   415  C CA  . LEU A 1 52  ? 2.874   7.915   -10.024 1.00 44.08 ? 56  LEU A CA  1 
ATOM   416  C C   . LEU A 1 52  ? 1.438   7.853   -10.572 1.00 44.93 ? 56  LEU A C   1 
ATOM   417  O O   . LEU A 1 52  ? 1.179   8.349   -11.662 1.00 45.28 ? 56  LEU A O   1 
ATOM   418  C CB  . LEU A 1 52  ? 3.795   7.060   -10.936 1.00 43.87 ? 56  LEU A CB  1 
ATOM   419  C CG  . LEU A 1 52  ? 5.314   7.259   -10.656 1.00 43.75 ? 56  LEU A CG  1 
ATOM   420  C CD1 . LEU A 1 52  ? 6.222   6.206   -11.361 1.00 39.42 ? 56  LEU A CD1 1 
ATOM   421  C CD2 . LEU A 1 52  ? 5.792   8.679   -10.947 1.00 41.47 ? 56  LEU A CD2 1 
ATOM   422  N N   . CYS A 1 53  ? 0.517   7.228   -9.844  1.00 44.47 ? 57  CYS A N   1 
ATOM   423  C CA  . CYS A 1 53  ? -0.806  7.005   -10.376 1.00 44.39 ? 57  CYS A CA  1 
ATOM   424  C C   . CYS A 1 53  ? -1.611  8.334   -10.395 1.00 44.00 ? 57  CYS A C   1 
ATOM   425  O O   . CYS A 1 53  ? -1.256  9.288   -9.695  1.00 42.64 ? 57  CYS A O   1 
ATOM   426  C CB  . CYS A 1 53  ? -1.543  5.916   -9.550  1.00 43.23 ? 57  CYS A CB  1 
ATOM   427  S SG  . CYS A 1 53  ? -1.851  6.400   -7.850  1.00 45.50 ? 57  CYS A SG  1 
ATOM   428  N N   . PRO A 1 54  ? -2.702  8.377   -11.193 1.00 43.84 ? 58  PRO A N   1 
ATOM   429  C CA  . PRO A 1 54  ? -3.644  9.538   -11.148 1.00 43.89 ? 58  PRO A CA  1 
ATOM   430  C C   . PRO A 1 54  ? -4.103  9.913   -9.705  1.00 44.30 ? 58  PRO A C   1 
ATOM   431  O O   . PRO A 1 54  ? -4.166  9.050   -8.805  1.00 45.21 ? 58  PRO A O   1 
ATOM   432  C CB  . PRO A 1 54  ? -4.826  9.047   -12.017 1.00 43.52 ? 58  PRO A CB  1 
ATOM   433  C CG  . PRO A 1 54  ? -4.171  8.072   -12.981 1.00 43.47 ? 58  PRO A CG  1 
ATOM   434  C CD  . PRO A 1 54  ? -3.142  7.334   -12.158 1.00 43.05 ? 58  PRO A CD  1 
ATOM   435  N N   . ASP A 1 55  ? -4.409  11.176  -9.466  1.00 44.01 ? 59  ASP A N   1 
ATOM   436  C CA  . ASP A 1 55  ? -4.886  11.641  -8.143  1.00 44.23 ? 59  ASP A CA  1 
ATOM   437  C C   . ASP A 1 55  ? -6.038  10.801  -7.577  1.00 43.37 ? 59  ASP A C   1 
ATOM   438  O O   . ASP A 1 55  ? -6.021  10.388  -6.419  1.00 42.57 ? 59  ASP A O   1 
ATOM   439  C CB  . ASP A 1 55  ? -5.357  13.117  -8.223  1.00 44.90 ? 59  ASP A CB  1 
ATOM   440  C CG  . ASP A 1 55  ? -4.210  14.087  -8.507  1.00 47.35 ? 59  ASP A CG  1 
ATOM   441  O OD1 . ASP A 1 55  ? -3.064  13.592  -8.720  1.00 48.42 ? 59  ASP A OD1 1 
ATOM   442  O OD2 . ASP A 1 55  ? -4.466  15.325  -8.509  1.00 47.45 ? 59  ASP A OD2 1 
ATOM   443  N N   . SER A 1 56  ? -7.064  10.602  -8.393  1.00 42.92 ? 60  SER A N   1 
ATOM   444  C CA  . SER A 1 56  ? -8.252  9.849   -7.969  1.00 43.48 ? 60  SER A CA  1 
ATOM   445  C C   . SER A 1 56  ? -7.892  8.342   -7.647  1.00 42.94 ? 60  SER A C   1 
ATOM   446  O O   . SER A 1 56  ? -8.597  7.662   -6.892  1.00 43.90 ? 60  SER A O   1 
ATOM   447  C CB  . SER A 1 56  ? -9.331  9.977   -9.037  1.00 41.87 ? 60  SER A CB  1 
ATOM   448  O OG  . SER A 1 56  ? -8.982  9.133   -10.138 1.00 44.26 ? 60  SER A OG  1 
ATOM   449  N N   . HIS A 1 57  ? -6.769  7.883   -8.193  1.00 42.47 ? 61  HIS A N   1 
ATOM   450  C CA  . HIS A 1 57  ? -6.250  6.549   -8.048  1.00 42.32 ? 61  HIS A CA  1 
ATOM   451  C C   . HIS A 1 57  ? -5.356  6.321   -6.795  1.00 43.47 ? 61  HIS A C   1 
ATOM   452  O O   . HIS A 1 57  ? -4.998  5.177   -6.473  1.00 44.58 ? 61  HIS A O   1 
ATOM   453  C CB  . HIS A 1 57  ? -5.520  6.117   -9.353  1.00 39.79 ? 61  HIS A CB  1 
ATOM   454  C CG  . HIS A 1 57  ? -6.441  5.795   -10.505 1.00 37.23 ? 61  HIS A CG  1 
ATOM   455  N ND1 . HIS A 1 57  ? -7.590  6.498   -10.775 1.00 38.21 ? 61  HIS A ND1 1 
ATOM   456  C CD2 . HIS A 1 57  ? -6.371  4.830   -11.457 1.00 40.38 ? 61  HIS A CD2 1 
ATOM   457  C CE1 . HIS A 1 57  ? -8.180  6.005   -11.849 1.00 39.06 ? 61  HIS A CE1 1 
ATOM   458  N NE2 . HIS A 1 57  ? -7.459  4.984   -12.282 1.00 39.46 ? 61  HIS A NE2 1 
ATOM   459  N N   . LYS A 1 58  ? -5.015  7.378   -6.065  1.00 44.12 ? 62  LYS A N   1 
ATOM   460  C CA  . LYS A 1 58  ? -4.150  7.221   -4.888  1.00 42.73 ? 62  LYS A CA  1 
ATOM   461  C C   . LYS A 1 58  ? -4.750  6.351   -3.776  1.00 42.42 ? 62  LYS A C   1 
ATOM   462  O O   . LYS A 1 58  ? -4.028  5.573   -3.161  1.00 42.99 ? 62  LYS A O   1 
ATOM   463  C CB  . LYS A 1 58  ? -3.769  8.587   -4.318  1.00 42.81 ? 62  LYS A CB  1 
ATOM   464  C CG  . LYS A 1 58  ? -3.035  9.491   -5.287  1.00 44.62 ? 62  LYS A CG  1 
ATOM   465  C CD  . LYS A 1 58  ? -1.532  9.240   -5.232  1.00 42.97 ? 62  LYS A CD  1 
ATOM   466  C CE  . LYS A 1 58  ? -0.844  9.968   -6.403  1.00 45.55 ? 62  LYS A CE  1 
ATOM   467  N NZ  . LYS A 1 58  ? 0.641   10.001  -6.190  1.00 46.81 ? 62  LYS A NZ  1 
ATOM   468  N N   . LEU A 1 59  ? -6.054  6.480   -3.531  1.00 42.35 ? 63  LEU A N   1 
ATOM   469  C CA  . LEU A 1 59  ? -6.739  5.634   -2.585  1.00 42.13 ? 63  LEU A CA  1 
ATOM   470  C C   . LEU A 1 59  ? -6.527  4.150   -2.942  1.00 43.28 ? 63  LEU A C   1 
ATOM   471  O O   . LEU A 1 59  ? -6.029  3.367   -2.104  1.00 43.98 ? 63  LEU A O   1 
ATOM   472  C CB  . LEU A 1 59  ? -8.227  5.979   -2.568  1.00 41.93 ? 63  LEU A CB  1 
ATOM   473  C CG  . LEU A 1 59  ? -9.123  5.123   -1.634  1.00 41.60 ? 63  LEU A CG  1 
ATOM   474  C CD1 . LEU A 1 59  ? -8.587  5.160   -0.151  1.00 36.24 ? 63  LEU A CD1 1 
ATOM   475  C CD2 . LEU A 1 59  ? -10.601 5.499   -1.739  1.00 39.47 ? 63  LEU A CD2 1 
ATOM   476  N N   . GLY A 1 60  ? -6.841  3.777   -4.183  1.00 42.48 ? 64  GLY A N   1 
ATOM   477  C CA  . GLY A 1 60  ? -6.575  2.403   -4.693  1.00 41.58 ? 64  GLY A CA  1 
ATOM   478  C C   . GLY A 1 60  ? -5.163  1.916   -4.436  1.00 41.96 ? 64  GLY A C   1 
ATOM   479  O O   . GLY A 1 60  ? -4.950  0.764   -4.050  1.00 41.32 ? 64  GLY A O   1 
ATOM   480  N N   . SER A 1 61  ? -4.191  2.796   -4.659  1.00 42.31 ? 65  SER A N   1 
ATOM   481  C CA  . SER A 1 61  ? -2.789  2.473   -4.425  1.00 42.15 ? 65  SER A CA  1 
ATOM   482  C C   . SER A 1 61  ? -2.480  2.158   -2.949  1.00 42.84 ? 65  SER A C   1 
ATOM   483  O O   . SER A 1 61  ? -1.657  1.279   -2.650  1.00 41.65 ? 65  SER A O   1 
ATOM   484  C CB  . SER A 1 61  ? -1.879  3.575   -4.952  1.00 42.72 ? 65  SER A CB  1 
ATOM   485  O OG  . SER A 1 61  ? -1.758  4.648   -3.968  1.00 44.68 ? 65  SER A OG  1 
ATOM   486  N N   . LEU A 1 62  ? -3.167  2.832   -2.034  1.00 41.99 ? 66  LEU A N   1 
ATOM   487  C CA  . LEU A 1 62  ? -3.027  2.513   -0.595  1.00 43.45 ? 66  LEU A CA  1 
ATOM   488  C C   . LEU A 1 62  ? -3.785  1.220   -0.197  1.00 42.41 ? 66  LEU A C   1 
ATOM   489  O O   . LEU A 1 62  ? -3.372  0.500   0.743   1.00 43.26 ? 66  LEU A O   1 
ATOM   490  C CB  . LEU A 1 62  ? -3.475  3.723   0.268   1.00 41.77 ? 66  LEU A CB  1 
ATOM   491  C CG  . LEU A 1 62  ? -2.572  4.968   0.150   1.00 43.70 ? 66  LEU A CG  1 
ATOM   492  C CD1 . LEU A 1 62  ? -3.233  6.184   0.867   1.00 39.91 ? 66  LEU A CD1 1 
ATOM   493  C CD2 . LEU A 1 62  ? -1.125  4.790   0.597   1.00 45.65 ? 66  LEU A CD2 1 
ATOM   494  N N   . TYR A 1 63  ? -4.875  0.934   -0.915  1.00 41.84 ? 67  TYR A N   1 
ATOM   495  C CA  . TYR A 1 63  ? -5.593  -0.366  -0.777  1.00 42.01 ? 67  TYR A CA  1 
ATOM   496  C C   . TYR A 1 63  ? -4.681  -1.525  -1.213  1.00 42.07 ? 67  TYR A C   1 
ATOM   497  O O   . TYR A 1 63  ? -4.655  -2.604  -0.597  1.00 41.72 ? 67  TYR A O   1 
ATOM   498  C CB  . TYR A 1 63  ? -6.887  -0.399  -1.582  1.00 39.36 ? 67  TYR A CB  1 
ATOM   499  C CG  . TYR A 1 63  ? -8.041  0.436   -1.002  1.00 41.61 ? 67  TYR A CG  1 
ATOM   500  C CD1 . TYR A 1 63  ? -8.003  0.938   0.317   1.00 39.04 ? 67  TYR A CD1 1 
ATOM   501  C CD2 . TYR A 1 63  ? -9.175  0.684   -1.771  1.00 38.31 ? 67  TYR A CD2 1 
ATOM   502  C CE1 . TYR A 1 63  ? -9.092  1.677   0.846   1.00 41.20 ? 67  TYR A CE1 1 
ATOM   503  C CE2 . TYR A 1 63  ? -10.247 1.414   -1.281  1.00 41.49 ? 67  TYR A CE2 1 
ATOM   504  C CZ  . TYR A 1 63  ? -10.212 1.896   0.029   1.00 40.43 ? 67  TYR A CZ  1 
ATOM   505  O OH  . TYR A 1 63  ? -11.295 2.594   0.488   1.00 44.73 ? 67  TYR A OH  1 
ATOM   506  N N   . ILE A 1 64  ? -3.917  -1.314  -2.281  1.00 43.93 ? 68  ILE A N   1 
ATOM   507  C CA  . ILE A 1 64  ? -3.009  -2.358  -2.738  1.00 43.41 ? 68  ILE A CA  1 
ATOM   508  C C   . ILE A 1 64  ? -1.926  -2.633  -1.668  1.00 44.67 ? 68  ILE A C   1 
ATOM   509  O O   . ILE A 1 64  ? -1.629  -3.791  -1.332  1.00 44.23 ? 68  ILE A O   1 
ATOM   510  C CB  . ILE A 1 64  ? -2.325  -1.981  -4.091  1.00 44.78 ? 68  ILE A CB  1 
ATOM   511  C CG1 . ILE A 1 64  ? -3.290  -2.106  -5.280  1.00 42.19 ? 68  ILE A CG1 1 
ATOM   512  C CG2 . ILE A 1 64  ? -1.132  -2.931  -4.395  1.00 42.58 ? 68  ILE A CG2 1 
ATOM   513  C CD1 . ILE A 1 64  ? -2.793  -1.318  -6.596  1.00 42.61 ? 68  ILE A CD1 1 
ATOM   514  N N   . ILE A 1 65  ? -1.341  -1.562  -1.133  1.00 44.05 ? 69  ILE A N   1 
ATOM   515  C CA  . ILE A 1 65  ? -0.410  -1.640  0.005   1.00 44.80 ? 69  ILE A CA  1 
ATOM   516  C C   . ILE A 1 65  ? -1.012  -2.209  1.309   1.00 43.92 ? 69  ILE A C   1 
ATOM   517  O O   . ILE A 1 65  ? -0.335  -2.965  2.050   1.00 44.89 ? 69  ILE A O   1 
ATOM   518  C CB  . ILE A 1 65  ? 0.288   -0.229  0.229   1.00 45.53 ? 69  ILE A CB  1 
ATOM   519  C CG1 . ILE A 1 65  ? 1.207   0.072   -0.950  1.00 47.70 ? 69  ILE A CG1 1 
ATOM   520  C CG2 . ILE A 1 65  ? 0.996   -0.146  1.625   1.00 45.84 ? 69  ILE A CG2 1 
ATOM   521  C CD1 . ILE A 1 65  ? 1.551   1.576   -1.106  1.00 46.80 ? 69  ILE A CD1 1 
ATOM   522  N N   . ASP A 1 66  ? -2.255  -1.829  1.628   1.00 42.65 ? 70  ASP A N   1 
ATOM   523  C CA  . ASP A 1 66  ? -2.980  -2.420  2.724   1.00 43.41 ? 70  ASP A CA  1 
ATOM   524  C C   . ASP A 1 66  ? -3.091  -3.916  2.595   1.00 43.05 ? 70  ASP A C   1 
ATOM   525  O O   . ASP A 1 66  ? -2.899  -4.637  3.545   1.00 42.66 ? 70  ASP A O   1 
ATOM   526  C CB  . ASP A 1 66  ? -4.428  -1.834  2.814   1.00 44.49 ? 70  ASP A CB  1 
ATOM   527  C CG  . ASP A 1 66  ? -5.229  -2.456  3.916   1.00 44.83 ? 70  ASP A CG  1 
ATOM   528  O OD1 . ASP A 1 66  ? -4.837  -2.350  5.098   1.00 44.70 ? 70  ASP A OD1 1 
ATOM   529  O OD2 . ASP A 1 66  ? -6.272  -3.089  3.645   1.00 41.06 ? 70  ASP A OD2 1 
ATOM   530  N N   . SER A 1 67  ? -3.489  -4.364  1.423   1.00 43.48 ? 71  SER A N   1 
ATOM   531  C CA  . SER A 1 67  ? -3.760  -5.776  1.211   1.00 43.27 ? 71  SER A CA  1 
ATOM   532  C C   . SER A 1 67  ? -2.470  -6.630  1.301   1.00 43.57 ? 71  SER A C   1 
ATOM   533  O O   . SER A 1 67  ? -2.424  -7.619  2.020   1.00 43.30 ? 71  SER A O   1 
ATOM   534  C CB  . SER A 1 67  ? -4.415  -5.968  -0.162  1.00 42.32 ? 71  SER A CB  1 
ATOM   535  O OG  . SER A 1 67  ? -4.822  -7.318  -0.311  1.00 44.37 ? 71  SER A OG  1 
ATOM   536  N N   . ILE A 1 68  ? -1.446  -6.225  0.565   1.00 43.53 ? 72  ILE A N   1 
ATOM   537  C CA  . ILE A 1 68  ? -0.200  -6.923  0.551   1.00 43.80 ? 72  ILE A CA  1 
ATOM   538  C C   . ILE A 1 68  ? 0.511   -6.713  1.910   1.00 43.34 ? 72  ILE A C   1 
ATOM   539  O O   . ILE A 1 68  ? 0.994   -7.676  2.534   1.00 43.34 ? 72  ILE A O   1 
ATOM   540  C CB  . ILE A 1 68  ? 0.653   -6.475  -0.678  1.00 44.68 ? 72  ILE A CB  1 
ATOM   541  C CG1 . ILE A 1 68  ? 0.064   -7.091  -1.959  1.00 43.29 ? 72  ILE A CG1 1 
ATOM   542  C CG2 . ILE A 1 68  ? 2.174   -6.875  -0.488  1.00 43.21 ? 72  ILE A CG2 1 
ATOM   543  C CD1 . ILE A 1 68  ? 0.746   -6.546  -3.290  1.00 43.97 ? 72  ILE A CD1 1 
ATOM   544  N N   . GLY A 1 69  ? 0.516   -5.476  2.398   1.00 42.12 ? 73  GLY A N   1 
ATOM   545  C CA  . GLY A 1 69  ? 1.108   -5.223  3.681   1.00 42.38 ? 73  GLY A CA  1 
ATOM   546  C C   . GLY A 1 69  ? 0.571   -6.019  4.836   1.00 42.39 ? 73  GLY A C   1 
ATOM   547  O O   . GLY A 1 69  ? 1.372   -6.527  5.654   1.00 43.14 ? 73  GLY A O   1 
ATOM   548  N N   . ARG A 1 70  ? -0.780  -6.148  4.938   1.00 42.87 ? 74  ARG A N   1 
ATOM   549  C CA  . ARG A 1 70  ? -1.372  -6.856  6.081   1.00 41.17 ? 74  ARG A CA  1 
ATOM   550  C C   . ARG A 1 70  ? -1.290  -8.362  5.826   1.00 40.99 ? 74  ARG A C   1 
ATOM   551  O O   . ARG A 1 70  ? -1.193  -9.116  6.779   1.00 40.55 ? 74  ARG A O   1 
ATOM   552  C CB  . ARG A 1 70  ? -2.807  -6.398  6.488   1.00 41.35 ? 74  ARG A CB  1 
ATOM   553  C CG  . ARG A 1 70  ? -2.920  -5.042  7.293   1.00 40.20 ? 74  ARG A CG  1 
ATOM   554  C CD  . ARG A 1 70  ? -4.402  -4.672  7.816   1.00 41.72 ? 74  ARG A CD  1 
ATOM   555  N NE  . ARG A 1 70  ? -5.309  -4.614  6.666   1.00 42.69 ? 74  ARG A NE  1 
ATOM   556  C CZ  . ARG A 1 70  ? -6.131  -5.589  6.275   1.00 43.12 ? 74  ARG A CZ  1 
ATOM   557  N NH1 . ARG A 1 70  ? -6.269  -6.715  6.980   1.00 43.88 ? 74  ARG A NH1 1 
ATOM   558  N NH2 . ARG A 1 70  ? -6.793  -5.436  5.145   1.00 43.86 ? 74  ARG A NH2 1 
ATOM   559  N N   . ALA A 1 71  ? -1.277  -8.789  4.551   1.00 41.36 ? 75  ALA A N   1 
ATOM   560  C CA  . ALA A 1 71  ? -1.046  -10.228 4.237   1.00 42.34 ? 75  ALA A CA  1 
ATOM   561  C C   . ALA A 1 71  ? 0.365   -10.676 4.682   1.00 41.14 ? 75  ALA A C   1 
ATOM   562  O O   . ALA A 1 71  ? 0.533   -11.713 5.318   1.00 42.19 ? 75  ALA A O   1 
ATOM   563  C CB  . ALA A 1 71  ? -1.289  -10.551 2.760   1.00 41.27 ? 75  ALA A CB  1 
ATOM   564  N N   . TYR A 1 72  ? 1.351   -9.844  4.403   1.00 41.40 ? 76  TYR A N   1 
ATOM   565  C CA  . TYR A 1 72  ? 2.746   -10.112 4.762   1.00 41.30 ? 76  TYR A CA  1 
ATOM   566  C C   . TYR A 1 72  ? 2.921   -10.058 6.260   1.00 41.20 ? 76  TYR A C   1 
ATOM   567  O O   . TYR A 1 72  ? 3.640   -10.876 6.819   1.00 40.56 ? 76  TYR A O   1 
ATOM   568  C CB  . TYR A 1 72  ? 3.651   -9.083  4.069   1.00 41.00 ? 76  TYR A CB  1 
ATOM   569  C CG  . TYR A 1 72  ? 4.100   -9.484  2.679   1.00 42.02 ? 76  TYR A CG  1 
ATOM   570  C CD1 . TYR A 1 72  ? 3.553   -10.586 2.028   1.00 40.78 ? 76  TYR A CD1 1 
ATOM   571  C CD2 . TYR A 1 72  ? 5.035   -8.720  1.988   1.00 41.38 ? 76  TYR A CD2 1 
ATOM   572  C CE1 . TYR A 1 72  ? 3.978   -10.956 0.726   1.00 43.02 ? 76  TYR A CE1 1 
ATOM   573  C CE2 . TYR A 1 72  ? 5.477   -9.099  0.677   1.00 44.06 ? 76  TYR A CE2 1 
ATOM   574  C CZ  . TYR A 1 72  ? 4.961   -10.218 0.053   1.00 43.59 ? 76  TYR A CZ  1 
ATOM   575  O OH  . TYR A 1 72  ? 5.427   -10.620 -1.223  1.00 41.09 ? 76  TYR A OH  1 
ATOM   576  N N   . LEU A 1 73  ? 2.270   -9.072  6.887   1.00 42.82 ? 77  LEU A N   1 
ATOM   577  C CA  . LEU A 1 73  ? 2.221   -8.904  8.357   1.00 44.07 ? 77  LEU A CA  1 
ATOM   578  C C   . LEU A 1 73  ? 1.647   -10.131 9.023   1.00 45.67 ? 77  LEU A C   1 
ATOM   579  O O   . LEU A 1 73  ? 2.102   -10.522 10.108  1.00 45.61 ? 77  LEU A O   1 
ATOM   580  C CB  . LEU A 1 73  ? 1.429   -7.640  8.790   1.00 43.24 ? 77  LEU A CB  1 
ATOM   581  C CG  . LEU A 1 73  ? 1.350   -7.306  10.293  1.00 43.91 ? 77  LEU A CG  1 
ATOM   582  C CD1 . LEU A 1 73  ? 2.754   -7.129  10.903  1.00 45.95 ? 77  LEU A CD1 1 
ATOM   583  C CD2 . LEU A 1 73  ? 0.471   -6.105  10.609  1.00 44.95 ? 77  LEU A CD2 1 
ATOM   584  N N   . ASP A 1 74  ? 0.663   -10.766 8.389   1.00 47.91 ? 78  ASP A N   1 
ATOM   585  C CA  . ASP A 1 74  ? 0.217   -12.063 8.904   1.00 50.69 ? 78  ASP A CA  1 
ATOM   586  C C   . ASP A 1 74  ? 1.222   -13.204 8.769   1.00 51.04 ? 78  ASP A C   1 
ATOM   587  O O   . ASP A 1 74  ? 1.304   -14.026 9.659   1.00 50.73 ? 78  ASP A O   1 
ATOM   588  C CB  . ASP A 1 74  ? -1.120  -12.481 8.311   1.00 52.30 ? 78  ASP A CB  1 
ATOM   589  C CG  . ASP A 1 74  ? -2.272  -11.792 8.978   1.00 57.79 ? 78  ASP A CG  1 
ATOM   590  O OD1 . ASP A 1 74  ? -2.118  -11.358 10.171  1.00 60.61 ? 78  ASP A OD1 1 
ATOM   591  O OD2 . ASP A 1 74  ? -3.321  -11.678 8.294   1.00 63.60 ? 78  ASP A OD2 1 
ATOM   592  N N   . GLU A 1 75  ? 1.950   -13.265 7.654   1.00 52.40 ? 79  GLU A N   1 
ATOM   593  C CA  . GLU A 1 75  ? 2.982   -14.279 7.445   1.00 54.30 ? 79  GLU A CA  1 
ATOM   594  C C   . GLU A 1 75  ? 4.130   -14.169 8.465   1.00 55.65 ? 79  GLU A C   1 
ATOM   595  O O   . GLU A 1 75  ? 4.646   -15.170 8.959   1.00 55.86 ? 79  GLU A O   1 
ATOM   596  C CB  . GLU A 1 75  ? 3.548   -14.176 6.039   1.00 54.12 ? 79  GLU A CB  1 
ATOM   597  C CG  . GLU A 1 75  ? 2.663   -14.715 4.980   1.00 55.18 ? 79  GLU A CG  1 
ATOM   598  C CD  . GLU A 1 75  ? 2.407   -16.199 5.117   1.00 58.91 ? 79  GLU A CD  1 
ATOM   599  O OE1 . GLU A 1 75  ? 3.374   -16.963 5.355   1.00 59.63 ? 79  GLU A OE1 1 
ATOM   600  O OE2 . GLU A 1 75  ? 1.226   -16.599 4.984   1.00 60.31 ? 79  GLU A OE2 1 
ATOM   601  N N   . THR A 1 76  ? 4.519   -12.928 8.732   1.00 57.68 ? 80  THR A N   1 
ATOM   602  C CA  . THR A 1 76  ? 5.403   -12.522 9.807   1.00 58.98 ? 80  THR A CA  1 
ATOM   603  C C   . THR A 1 76  ? 4.982   -13.076 11.181  1.00 59.87 ? 80  THR A C   1 
ATOM   604  O O   . THR A 1 76  ? 5.830   -13.583 11.934  1.00 59.53 ? 80  THR A O   1 
ATOM   605  C CB  . THR A 1 76  ? 5.500   -10.984 9.787   1.00 59.17 ? 80  THR A CB  1 
ATOM   606  O OG1 . THR A 1 76  ? 6.660   -10.619 9.044   1.00 60.83 ? 80  THR A OG1 1 
ATOM   607  C CG2 . THR A 1 76  ? 5.554   -10.362 11.192  1.00 60.54 ? 80  THR A CG2 1 
ATOM   608  N N   . ARG A 1 77  ? 3.682   -13.016 11.483  1.00 60.96 ? 81  ARG A N   1 
ATOM   609  C CA  . ARG A 1 77  ? 3.146   -13.446 12.794  1.00 62.57 ? 81  ARG A CA  1 
ATOM   610  C C   . ARG A 1 77  ? 2.904   -14.951 12.959  1.00 63.22 ? 81  ARG A C   1 
ATOM   611  O O   . ARG A 1 77  ? 2.892   -15.442 14.088  1.00 62.84 ? 81  ARG A O   1 
ATOM   612  C CB  . ARG A 1 77  ? 1.871   -12.668 13.151  1.00 62.69 ? 81  ARG A CB  1 
ATOM   613  C CG  . ARG A 1 77  ? 2.171   -11.287 13.681  1.00 63.70 ? 81  ARG A CG  1 
ATOM   614  C CD  . ARG A 1 77  ? 1.099   -10.314 13.308  1.00 64.47 ? 81  ARG A CD  1 
ATOM   615  N NE  . ARG A 1 77  ? 1.369   -9.020  13.914  1.00 65.43 ? 81  ARG A NE  1 
ATOM   616  C CZ  . ARG A 1 77  ? 0.521   -7.995  13.910  1.00 66.38 ? 81  ARG A CZ  1 
ATOM   617  N NH1 . ARG A 1 77  ? -0.667  -8.123  13.319  1.00 67.67 ? 81  ARG A NH1 1 
ATOM   618  N NH2 . ARG A 1 77  ? 0.856   -6.844  14.499  1.00 64.16 ? 81  ARG A NH2 1 
ATOM   619  N N   . SER A 1 78  ? 2.725   -15.656 11.834  1.00 64.44 ? 82  SER A N   1 
ATOM   620  C CA  . SER A 1 78  ? 2.451   -17.104 11.790  1.00 65.71 ? 82  SER A CA  1 
ATOM   621  C C   . SER A 1 78  ? 3.560   -17.948 12.445  1.00 66.39 ? 82  SER A C   1 
ATOM   622  O O   . SER A 1 78  ? 3.331   -19.102 12.848  1.00 66.74 ? 82  SER A O   1 
ATOM   623  C CB  . SER A 1 78  ? 2.200   -17.556 10.343  1.00 65.86 ? 82  SER A CB  1 
ATOM   624  O OG  . SER A 1 78  ? 3.412   -17.609 9.605   1.00 65.97 ? 82  SER A OG  1 
ATOM   625  N N   . ASN A 1 79  ? 4.750   -17.358 12.550  1.00 67.16 ? 83  ASN A N   1 
ATOM   626  C CA  . ASN A 1 79  ? 5.855   -17.895 13.360  1.00 67.91 ? 83  ASN A CA  1 
ATOM   627  C C   . ASN A 1 79  ? 5.475   -18.032 14.842  1.00 67.84 ? 83  ASN A C   1 
ATOM   628  O O   . ASN A 1 79  ? 6.150   -18.715 15.615  1.00 68.15 ? 83  ASN A O   1 
ATOM   629  C CB  . ASN A 1 79  ? 7.095   -16.994 13.218  1.00 68.24 ? 83  ASN A CB  1 
ATOM   630  C CG  . ASN A 1 79  ? 7.454   -16.712 11.762  1.00 68.88 ? 83  ASN A CG  1 
ATOM   631  O OD1 . ASN A 1 79  ? 7.440   -17.613 10.915  1.00 69.27 ? 83  ASN A OD1 1 
ATOM   632  N ND2 . ASN A 1 79  ? 7.776   -15.453 11.465  1.00 70.97 ? 83  ASN A ND2 1 
ATOM   633  N N   . SER A 1 84  ? 14.895  -13.008 10.468  1.00 59.66 ? 88  SER A N   1 
ATOM   634  C CA  . SER A 1 84  ? 15.723  -12.297 9.491   1.00 59.68 ? 88  SER A CA  1 
ATOM   635  C C   . SER A 1 84  ? 14.923  -11.209 8.765   1.00 60.16 ? 88  SER A C   1 
ATOM   636  O O   . SER A 1 84  ? 13.675  -11.251 8.694   1.00 60.09 ? 88  SER A O   1 
ATOM   637  C CB  . SER A 1 84  ? 16.353  -13.286 8.483   1.00 60.24 ? 88  SER A CB  1 
ATOM   638  O OG  . SER A 1 84  ? 15.428  -13.645 7.435   1.00 58.99 ? 88  SER A OG  1 
ATOM   639  N N   . ASN A 1 85  ? 15.665  -10.240 8.226   1.00 60.19 ? 89  ASN A N   1 
ATOM   640  C CA  . ASN A 1 85  ? 15.116  -9.103  7.501   1.00 59.55 ? 89  ASN A CA  1 
ATOM   641  C C   . ASN A 1 85  ? 15.845  -8.851  6.184   1.00 58.98 ? 89  ASN A C   1 
ATOM   642  O O   . ASN A 1 85  ? 15.893  -7.701  5.725   1.00 59.79 ? 89  ASN A O   1 
ATOM   643  C CB  . ASN A 1 85  ? 15.257  -7.843  8.348   1.00 60.23 ? 89  ASN A CB  1 
ATOM   644  C CG  . ASN A 1 85  ? 14.272  -7.789  9.478   1.00 60.93 ? 89  ASN A CG  1 
ATOM   645  O OD1 . ASN A 1 85  ? 14.483  -8.385  10.538  1.00 61.72 ? 89  ASN A OD1 1 
ATOM   646  N ND2 . ASN A 1 85  ? 13.201  -7.030  9.280   1.00 61.51 ? 89  ASN A ND2 1 
ATOM   647  N N   . LYS A 1 86  ? 16.436  -9.898  5.604   1.00 57.38 ? 90  LYS A N   1 
ATOM   648  C CA  . LYS A 1 86  ? 17.126  -9.806  4.312   1.00 55.47 ? 90  LYS A CA  1 
ATOM   649  C C   . LYS A 1 86  ? 16.084  -9.700  3.202   1.00 53.70 ? 90  LYS A C   1 
ATOM   650  O O   . LYS A 1 86  ? 14.923  -10.081 3.410   1.00 52.60 ? 90  LYS A O   1 
ATOM   651  C CB  . LYS A 1 86  ? 18.010  -11.037 4.050   1.00 55.59 ? 90  LYS A CB  1 
ATOM   652  C CG  . LYS A 1 86  ? 18.676  -11.657 5.272   1.00 57.09 ? 90  LYS A CG  1 
ATOM   653  C CD  . LYS A 1 86  ? 20.040  -11.066 5.627   1.00 58.03 ? 90  LYS A CD  1 
ATOM   654  C CE  . LYS A 1 86  ? 20.944  -12.182 6.158   1.00 58.41 ? 90  LYS A CE  1 
ATOM   655  N NZ  . LYS A 1 86  ? 21.715  -11.812 7.369   1.00 59.13 ? 90  LYS A NZ  1 
ATOM   656  N N   . PRO A 1 87  ? 16.479  -9.137  2.038   1.00 52.46 ? 91  PRO A N   1 
ATOM   657  C CA  . PRO A 1 87  ? 15.607  -9.181  0.863   1.00 51.65 ? 91  PRO A CA  1 
ATOM   658  C C   . PRO A 1 87  ? 15.039  -10.577 0.630   1.00 50.58 ? 91  PRO A C   1 
ATOM   659  O O   . PRO A 1 87  ? 15.727  -11.568 0.872   1.00 50.22 ? 91  PRO A O   1 
ATOM   660  C CB  . PRO A 1 87  ? 16.535  -8.742  -0.270  1.00 51.93 ? 91  PRO A CB  1 
ATOM   661  C CG  . PRO A 1 87  ? 17.468  -7.760  0.405   1.00 52.02 ? 91  PRO A CG  1 
ATOM   662  C CD  . PRO A 1 87  ? 17.703  -8.350  1.779   1.00 52.28 ? 91  PRO A CD  1 
ATOM   663  N N   . GLY A 1 88  ? 13.780  -10.646 0.188   1.00 49.54 ? 92  GLY A N   1 
ATOM   664  C CA  . GLY A 1 88  ? 13.101  -11.936 0.028   1.00 48.27 ? 92  GLY A CA  1 
ATOM   665  C C   . GLY A 1 88  ? 12.427  -12.447 1.305   1.00 47.83 ? 92  GLY A C   1 
ATOM   666  O O   . GLY A 1 88  ? 12.152  -13.636 1.419   1.00 47.99 ? 92  GLY A O   1 
ATOM   667  N N   . THR A 1 89  ? 12.201  -11.562 2.280   1.00 47.14 ? 93  THR A N   1 
ATOM   668  C CA  . THR A 1 89  ? 11.338  -11.860 3.435   1.00 46.49 ? 93  THR A CA  1 
ATOM   669  C C   . THR A 1 89  ? 10.169  -10.851 3.560   1.00 47.06 ? 93  THR A C   1 
ATOM   670  O O   . THR A 1 89  ? 10.269  -9.696  3.093   1.00 47.44 ? 93  THR A O   1 
ATOM   671  C CB  . THR A 1 89  ? 12.113  -11.939 4.799   1.00 46.30 ? 93  THR A CB  1 
ATOM   672  O OG1 . THR A 1 89  ? 12.587  -10.643 5.196   1.00 45.40 ? 93  THR A OG1 1 
ATOM   673  C CG2 . THR A 1 89  ? 13.266  -12.948 4.753   1.00 43.58 ? 93  THR A CG2 1 
ATOM   674  N N   . CYS A 1 90  ? 9.076   -11.283 4.201   1.00 46.60 ? 94  CYS A N   1 
ATOM   675  C CA  . CYS A 1 90  ? 7.975   -10.407 4.598   1.00 46.76 ? 94  CYS A CA  1 
ATOM   676  C C   . CYS A 1 90  ? 8.397   -9.273  5.531   1.00 46.74 ? 94  CYS A C   1 
ATOM   677  O O   . CYS A 1 90  ? 7.841   -8.193  5.468   1.00 47.42 ? 94  CYS A O   1 
ATOM   678  C CB  . CYS A 1 90  ? 6.843   -11.201 5.275   1.00 47.83 ? 94  CYS A CB  1 
ATOM   679  S SG  . CYS A 1 90  ? 6.085   -12.496 4.272   1.00 46.19 ? 94  CYS A SG  1 
ATOM   680  N N   . ALA A 1 91  ? 9.349   -9.534  6.415   1.00 46.20 ? 95  ALA A N   1 
ATOM   681  C CA  . ALA A 1 91  ? 9.823   -8.518  7.346   1.00 45.87 ? 95  ALA A CA  1 
ATOM   682  C C   . ALA A 1 91  ? 10.470  -7.338  6.599   1.00 45.42 ? 95  ALA A C   1 
ATOM   683  O O   . ALA A 1 91  ? 10.197  -6.182  6.905   1.00 45.58 ? 95  ALA A O   1 
ATOM   684  C CB  . ALA A 1 91  ? 10.798  -9.129  8.338   1.00 45.40 ? 95  ALA A CB  1 
ATOM   685  N N   . HIS A 1 92  ? 11.299  -7.651  5.611   1.00 44.96 ? 96  HIS A N   1 
ATOM   686  C CA  . HIS A 1 92  ? 11.978  -6.652  4.782   1.00 45.15 ? 96  HIS A CA  1 
ATOM   687  C C   . HIS A 1 92  ? 10.934  -5.848  3.964   1.00 44.25 ? 96  HIS A C   1 
ATOM   688  O O   . HIS A 1 92  ? 10.977  -4.611  3.932   1.00 43.54 ? 96  HIS A O   1 
ATOM   689  C CB  . HIS A 1 92  ? 12.996  -7.349  3.877   1.00 44.39 ? 96  HIS A CB  1 
ATOM   690  C CG  . HIS A 1 92  ? 13.733  -6.420  2.970   1.00 46.85 ? 96  HIS A CG  1 
ATOM   691  N ND1 . HIS A 1 92  ? 13.487  -6.350  1.611   1.00 46.78 ? 96  HIS A ND1 1 
ATOM   692  C CD2 . HIS A 1 92  ? 14.709  -5.516  3.226   1.00 46.84 ? 96  HIS A CD2 1 
ATOM   693  C CE1 . HIS A 1 92  ? 14.274  -5.435  1.074   1.00 47.32 ? 96  HIS A CE1 1 
ATOM   694  N NE2 . HIS A 1 92  ? 15.032  -4.923  2.028   1.00 47.65 ? 96  HIS A NE2 1 
ATOM   695  N N   . ALA A 1 93  ? 10.010  -6.566  3.327   1.00 43.81 ? 97  ALA A N   1 
ATOM   696  C CA  . ALA A 1 93  ? 8.935   -5.949  2.559   1.00 45.12 ? 97  ALA A CA  1 
ATOM   697  C C   . ALA A 1 93  ? 8.213   -4.893  3.393   1.00 45.85 ? 97  ALA A C   1 
ATOM   698  O O   . ALA A 1 93  ? 8.012   -3.766  2.922   1.00 46.95 ? 97  ALA A O   1 
ATOM   699  C CB  . ALA A 1 93  ? 7.954   -7.010  2.035   1.00 43.52 ? 97  ALA A CB  1 
ATOM   700  N N   . ILE A 1 94  ? 7.830   -5.259  4.628   1.00 46.11 ? 98  ILE A N   1 
ATOM   701  C CA  . ILE A 1 94  ? 7.104   -4.357  5.540   1.00 46.84 ? 98  ILE A CA  1 
ATOM   702  C C   . ILE A 1 94  ? 7.997   -3.202  5.994   1.00 46.70 ? 98  ILE A C   1 
ATOM   703  O O   . ILE A 1 94  ? 7.511   -2.102  6.206   1.00 47.07 ? 98  ILE A O   1 
ATOM   704  C CB  . ILE A 1 94  ? 6.539   -5.125  6.787   1.00 46.66 ? 98  ILE A CB  1 
ATOM   705  C CG1 . ILE A 1 94  ? 5.403   -6.073  6.360   1.00 46.55 ? 98  ILE A CG1 1 
ATOM   706  C CG2 . ILE A 1 94  ? 5.978   -4.157  7.838   1.00 48.01 ? 98  ILE A CG2 1 
ATOM   707  C CD1 . ILE A 1 94  ? 5.158   -7.175  7.409   1.00 48.62 ? 98  ILE A CD1 1 
ATOM   708  N N   . ASN A 1 95  ? 9.293   -3.463  6.131   1.00 45.55 ? 99  ASN A N   1 
ATOM   709  C CA  . ASN A 1 95  ? 10.244  -2.423  6.494   1.00 45.71 ? 99  ASN A CA  1 
ATOM   710  C C   . ASN A 1 95  ? 10.395  -1.413  5.404   1.00 44.27 ? 99  ASN A C   1 
ATOM   711  O O   . ASN A 1 95  ? 10.361  -0.237  5.690   1.00 44.62 ? 99  ASN A O   1 
ATOM   712  C CB  . ASN A 1 95  ? 11.612  -3.014  6.910   1.00 46.88 ? 99  ASN A CB  1 
ATOM   713  C CG  . ASN A 1 95  ? 11.623  -3.440  8.363   1.00 51.35 ? 99  ASN A CG  1 
ATOM   714  O OD1 . ASN A 1 95  ? 10.806  -2.934  9.165   1.00 57.11 ? 99  ASN A OD1 1 
ATOM   715  N ND2 . ASN A 1 95  ? 12.523  -4.390  8.726   1.00 55.37 ? 99  ASN A ND2 1 
ATOM   716  N N   . THR A 1 96  ? 10.473  -1.887  4.158   1.00 43.40 ? 100 THR A N   1 
ATOM   717  C CA  . THR A 1 96  ? 10.559  -1.025  2.962   1.00 44.30 ? 100 THR A CA  1 
ATOM   718  C C   . THR A 1 96  ? 9.335   -0.105  2.827   1.00 43.90 ? 100 THR A C   1 
ATOM   719  O O   . THR A 1 96  ? 9.478   1.082   2.575   1.00 44.15 ? 100 THR A O   1 
ATOM   720  C CB  . THR A 1 96  ? 10.729  -1.874  1.688   1.00 44.54 ? 100 THR A CB  1 
ATOM   721  O OG1 . THR A 1 96  ? 11.903  -2.669  1.834   1.00 42.01 ? 100 THR A OG1 1 
ATOM   722  C CG2 . THR A 1 96  ? 10.874  -1.029  0.399   1.00 45.21 ? 100 THR A CG2 1 
ATOM   723  N N   . LEU A 1 97  ? 8.150   -0.682  2.989   1.00 43.11 ? 101 LEU A N   1 
ATOM   724  C CA  . LEU A 1 97  ? 6.924   0.041   2.929   1.00 43.46 ? 101 LEU A CA  1 
ATOM   725  C C   . LEU A 1 97  ? 6.890   1.062   4.044   1.00 43.81 ? 101 LEU A C   1 
ATOM   726  O O   . LEU A 1 97  ? 6.589   2.230   3.783   1.00 44.08 ? 101 LEU A O   1 
ATOM   727  C CB  . LEU A 1 97  ? 5.719   -0.892  3.022   1.00 41.86 ? 101 LEU A CB  1 
ATOM   728  C CG  . LEU A 1 97  ? 5.393   -1.785  1.839   1.00 44.32 ? 101 LEU A CG  1 
ATOM   729  C CD1 . LEU A 1 97  ? 4.396   -2.896  2.255   1.00 40.64 ? 101 LEU A CD1 1 
ATOM   730  C CD2 . LEU A 1 97  ? 4.880   -0.939  0.640   1.00 42.12 ? 101 LEU A CD2 1 
ATOM   731  N N   . GLY A 1 98  ? 7.163   0.618   5.276   1.00 43.86 ? 102 GLY A N   1 
ATOM   732  C CA  . GLY A 1 98  ? 7.233   1.536   6.410   1.00 44.21 ? 102 GLY A CA  1 
ATOM   733  C C   . GLY A 1 98  ? 8.185   2.718   6.182   1.00 44.02 ? 102 GLY A C   1 
ATOM   734  O O   . GLY A 1 98  ? 7.872   3.859   6.625   1.00 45.17 ? 102 GLY A O   1 
ATOM   735  N N   . GLU A 1 99  ? 9.336   2.496   5.517   1.00 44.34 ? 103 GLU A N   1 
ATOM   736  C CA  A GLU A 1 99  ? 10.235  3.625   5.256   0.50 44.49 ? 103 GLU A CA  1 
ATOM   737  C CA  B GLU A 1 99  ? 10.288  3.580   5.149   0.50 44.45 ? 103 GLU A CA  1 
ATOM   738  C C   . GLU A 1 99  ? 9.694   4.703   4.284   1.00 44.14 ? 103 GLU A C   1 
ATOM   739  O O   . GLU A 1 99  ? 10.141  5.824   4.330   1.00 43.76 ? 103 GLU A O   1 
ATOM   740  C CB  A GLU A 1 99  ? 11.667  3.167   4.928   0.50 45.21 ? 103 GLU A CB  1 
ATOM   741  C CB  B GLU A 1 99  ? 11.536  3.047   4.414   0.50 44.60 ? 103 GLU A CB  1 
ATOM   742  C CG  A GLU A 1 99  ? 12.412  2.481   6.115   0.50 46.97 ? 103 GLU A CG  1 
ATOM   743  C CG  B GLU A 1 99  ? 12.157  1.758   4.953   0.50 45.44 ? 103 GLU A CG  1 
ATOM   744  C CD  A GLU A 1 99  ? 12.416  3.310   7.414   0.50 51.64 ? 103 GLU A CD  1 
ATOM   745  C CD  B GLU A 1 99  ? 13.616  1.548   4.525   0.50 45.63 ? 103 GLU A CD  1 
ATOM   746  O OE1 A GLU A 1 99  ? 13.121  4.347   7.469   0.50 51.37 ? 103 GLU A OE1 1 
ATOM   747  O OE1 B GLU A 1 99  ? 13.908  1.130   3.366   0.50 47.56 ? 103 GLU A OE1 1 
ATOM   748  O OE2 A GLU A 1 99  ? 11.700  2.924   8.379   0.50 52.60 ? 103 GLU A OE2 1 
ATOM   749  O OE2 B GLU A 1 99  ? 14.481  1.799   5.377   0.50 48.29 ? 103 GLU A OE2 1 
ATOM   750  N N   . VAL A 1 100 ? 8.706   4.383   3.440   1.00 43.32 ? 104 VAL A N   1 
ATOM   751  C CA  . VAL A 1 100 ? 8.106   5.369   2.523   1.00 43.81 ? 104 VAL A CA  1 
ATOM   752  C C   . VAL A 1 100 ? 6.640   5.708   2.794   1.00 43.63 ? 104 VAL A C   1 
ATOM   753  O O   . VAL A 1 100 ? 6.106   6.585   2.126   1.00 43.70 ? 104 VAL A O   1 
ATOM   754  C CB  . VAL A 1 100 ? 8.202   4.957   1.008   1.00 42.92 ? 104 VAL A CB  1 
ATOM   755  C CG1 . VAL A 1 100 ? 9.716   4.852   0.572   1.00 48.72 ? 104 VAL A CG1 1 
ATOM   756  C CG2 . VAL A 1 100 ? 7.384   3.695   0.780   1.00 42.96 ? 104 VAL A CG2 1 
ATOM   757  N N   . ILE A 1 101 ? 5.993   5.020   3.749   1.00 44.06 ? 105 ILE A N   1 
ATOM   758  C CA  . ILE A 1 101 ? 4.567   5.201   3.955   1.00 44.22 ? 105 ILE A CA  1 
ATOM   759  C C   . ILE A 1 101 ? 4.121   6.667   4.281   1.00 46.06 ? 105 ILE A C   1 
ATOM   760  O O   . ILE A 1 101 ? 3.030   7.081   3.891   1.00 44.74 ? 105 ILE A O   1 
ATOM   761  C CB  . ILE A 1 101 ? 3.958   4.174   4.977   1.00 43.93 ? 105 ILE A CB  1 
ATOM   762  C CG1 . ILE A 1 101 ? 2.486   3.970   4.688   1.00 41.03 ? 105 ILE A CG1 1 
ATOM   763  C CG2 . ILE A 1 101 ? 4.214   4.556   6.468   1.00 41.45 ? 105 ILE A CG2 1 
ATOM   764  C CD1 . ILE A 1 101 ? 2.156   3.559   3.264   1.00 40.96 ? 105 ILE A CD1 1 
ATOM   765  N N   . GLN A 1 102 ? 4.932   7.423   5.032   1.00 45.60 ? 106 GLN A N   1 
ATOM   766  C CA  . GLN A 1 102 ? 4.555   8.795   5.284   1.00 46.04 ? 106 GLN A CA  1 
ATOM   767  C C   . GLN A 1 102 ? 4.571   9.662   4.021   1.00 45.37 ? 106 GLN A C   1 
ATOM   768  O O   . GLN A 1 102 ? 3.651   10.482  3.833   1.00 44.76 ? 106 GLN A O   1 
ATOM   769  C CB  . GLN A 1 102 ? 5.478   9.369   6.318   1.00 47.24 ? 106 GLN A CB  1 
ATOM   770  C CG  . GLN A 1 102 ? 5.255   8.691   7.637   1.00 51.40 ? 106 GLN A CG  1 
ATOM   771  C CD  . GLN A 1 102 ? 6.246   9.136   8.674   1.00 56.60 ? 106 GLN A CD  1 
ATOM   772  O OE1 . GLN A 1 102 ? 7.116   8.369   9.072   1.00 56.03 ? 106 GLN A OE1 1 
ATOM   773  N NE2 . GLN A 1 102 ? 6.160   10.401  9.070   1.00 58.14 ? 106 GLN A NE2 1 
ATOM   774  N N   . GLU A 1 103 ? 5.597   9.479   3.171   1.00 44.65 ? 107 GLU A N   1 
ATOM   775  C CA  . GLU A 1 103 ? 5.654   10.113  1.834   1.00 45.94 ? 107 GLU A CA  1 
ATOM   776  C C   . GLU A 1 103 ? 4.391   9.787   1.018   1.00 45.39 ? 107 GLU A C   1 
ATOM   777  O O   . GLU A 1 103 ? 3.722   10.674  0.427   1.00 43.95 ? 107 GLU A O   1 
ATOM   778  C CB  . GLU A 1 103 ? 6.896   9.638   1.054   1.00 46.67 ? 107 GLU A CB  1 
ATOM   779  C CG  . GLU A 1 103 ? 6.913   10.019  -0.427  1.00 47.96 ? 107 GLU A CG  1 
ATOM   780  C CD  . GLU A 1 103 ? 7.827   9.136   -1.269  1.00 48.49 ? 107 GLU A CD  1 
ATOM   781  O OE1 . GLU A 1 103 ? 8.786   8.517   -0.697  1.00 50.48 ? 107 GLU A OE1 1 
ATOM   782  O OE2 . GLU A 1 103 ? 7.569   9.079   -2.502  1.00 46.68 ? 107 GLU A OE2 1 
ATOM   783  N N   . LEU A 1 104 ? 4.081   8.492   0.974   1.00 45.01 ? 108 LEU A N   1 
ATOM   784  C CA  . LEU A 1 104 ? 2.981   8.047   0.150   1.00 44.47 ? 108 LEU A CA  1 
ATOM   785  C C   . LEU A 1 104 ? 1.654   8.540   0.708   1.00 44.97 ? 108 LEU A C   1 
ATOM   786  O O   . LEU A 1 104 ? 0.787   8.901   -0.059  1.00 44.96 ? 108 LEU A O   1 
ATOM   787  C CB  . LEU A 1 104 ? 2.951   6.500   0.038   1.00 42.81 ? 108 LEU A CB  1 
ATOM   788  C CG  . LEU A 1 104 ? 4.166   5.826   -0.584  1.00 41.91 ? 108 LEU A CG  1 
ATOM   789  C CD1 . LEU A 1 104 ? 3.847   4.295   -0.704  1.00 40.51 ? 108 LEU A CD1 1 
ATOM   790  C CD2 . LEU A 1 104 ? 4.607   6.440   -1.924  1.00 40.66 ? 108 LEU A CD2 1 
ATOM   791  N N   . LEU A 1 105 ? 1.462   8.447   2.018   1.00 43.67 ? 109 LEU A N   1 
ATOM   792  C CA  . LEU A 1 105 ? 0.225   8.979   2.639   1.00 44.41 ? 109 LEU A CA  1 
ATOM   793  C C   . LEU A 1 105 ? 0.019   10.470  2.464   1.00 44.65 ? 109 LEU A C   1 
ATOM   794  O O   . LEU A 1 105 ? -1.083  10.895  2.124   1.00 45.16 ? 109 LEU A O   1 
ATOM   795  C CB  . LEU A 1 105 ? 0.218   8.700   4.161   1.00 43.89 ? 109 LEU A CB  1 
ATOM   796  C CG  . LEU A 1 105 ? -0.087  7.231   4.504   1.00 42.50 ? 109 LEU A CG  1 
ATOM   797  C CD1 . LEU A 1 105 ? 0.466   6.877   5.953   1.00 40.16 ? 109 LEU A CD1 1 
ATOM   798  C CD2 . LEU A 1 105 ? -1.597  6.908   4.335   1.00 40.00 ? 109 LEU A CD2 1 
ATOM   799  N N   . SER A 1 106 ? 1.060   11.280  2.743   1.00 45.42 ? 110 SER A N   1 
ATOM   800  C CA  . SER A 1 106 ? 0.933   12.725  2.619   1.00 45.15 ? 110 SER A CA  1 
ATOM   801  C C   . SER A 1 106 ? 0.511   13.102  1.214   1.00 44.69 ? 110 SER A C   1 
ATOM   802  O O   . SER A 1 106 ? -0.377  13.931  1.050   1.00 44.28 ? 110 SER A O   1 
ATOM   803  C CB  . SER A 1 106 ? 2.234   13.463  3.030   1.00 45.25 ? 110 SER A CB  1 
ATOM   804  O OG  . SER A 1 106 ? 2.522   13.047  4.370   1.00 50.59 ? 110 SER A OG  1 
ATOM   805  N N   . ASP A 1 107 ? 1.159   12.506  0.212   1.00 43.81 ? 111 ASP A N   1 
ATOM   806  C CA  . ASP A 1 107 ? 0.811   12.776  -1.170  1.00 44.72 ? 111 ASP A CA  1 
ATOM   807  C C   . ASP A 1 107 ? -0.604  12.270  -1.518  1.00 44.28 ? 111 ASP A C   1 
ATOM   808  O O   . ASP A 1 107 ? -1.347  12.964  -2.186  1.00 44.55 ? 111 ASP A O   1 
ATOM   809  C CB  . ASP A 1 107 ? 1.826   12.146  -2.142  1.00 44.13 ? 111 ASP A CB  1 
ATOM   810  C CG  . ASP A 1 107 ? 1.726   12.716  -3.527  1.00 47.86 ? 111 ASP A CG  1 
ATOM   811  O OD1 . ASP A 1 107 ? 1.594   13.966  -3.647  1.00 51.63 ? 111 ASP A OD1 1 
ATOM   812  O OD2 . ASP A 1 107 ? 1.858   11.950  -4.510  1.00 49.33 ? 111 ASP A OD2 1 
ATOM   813  N N   . ALA A 1 108 ? -0.951  11.055  -1.108  1.00 44.50 ? 112 ALA A N   1 
ATOM   814  C CA  . ALA A 1 108 ? -2.286  10.517  -1.421  1.00 43.98 ? 112 ALA A CA  1 
ATOM   815  C C   . ALA A 1 108 ? -3.364  11.438  -0.847  1.00 44.19 ? 112 ALA A C   1 
ATOM   816  O O   . ALA A 1 108 ? -4.342  11.738  -1.540  1.00 43.71 ? 112 ALA A O   1 
ATOM   817  C CB  . ALA A 1 108 ? -2.443  9.064   -0.889  1.00 42.49 ? 112 ALA A CB  1 
ATOM   818  N N   . ILE A 1 109 ? -3.158  11.903  0.412   1.00 44.15 ? 113 ILE A N   1 
ATOM   819  C CA  . ILE A 1 109 ? -4.121  12.770  1.095   1.00 44.20 ? 113 ILE A CA  1 
ATOM   820  C C   . ILE A 1 109 ? -4.254  14.106  0.357   1.00 44.92 ? 113 ILE A C   1 
ATOM   821  O O   . ILE A 1 109 ? -5.378  14.554  0.058   1.00 45.93 ? 113 ILE A O   1 
ATOM   822  C CB  . ILE A 1 109 ? -3.800  12.943  2.574   1.00 44.72 ? 113 ILE A CB  1 
ATOM   823  C CG1 . ILE A 1 109 ? -4.151  11.653  3.326   1.00 43.53 ? 113 ILE A CG1 1 
ATOM   824  C CG2 . ILE A 1 109 ? -4.561  14.138  3.166   1.00 43.23 ? 113 ILE A CG2 1 
ATOM   825  C CD1 . ILE A 1 109 ? -3.477  11.542  4.740   1.00 43.18 ? 113 ILE A CD1 1 
ATOM   826  N N   . ALA A 1 110 ? -3.113  14.703  0.006   1.00 45.51 ? 114 ALA A N   1 
ATOM   827  C CA  . ALA A 1 110 ? -3.040  16.012  -0.685  1.00 45.81 ? 114 ALA A CA  1 
ATOM   828  C C   . ALA A 1 110 ? -3.736  15.945  -2.069  1.00 46.35 ? 114 ALA A C   1 
ATOM   829  O O   . ALA A 1 110 ? -4.272  16.911  -2.568  1.00 47.15 ? 114 ALA A O   1 
ATOM   830  C CB  . ALA A 1 110 ? -1.577  16.420  -0.863  1.00 44.68 ? 114 ALA A CB  1 
ATOM   831  N N   . LYS A 1 111 ? -3.699  14.792  -2.705  1.00 46.61 ? 115 LYS A N   1 
ATOM   832  C CA  . LYS A 1 111 ? -4.281  14.674  -4.018  1.00 46.82 ? 115 LYS A CA  1 
ATOM   833  C C   . LYS A 1 111 ? -5.720  14.123  -4.036  1.00 46.83 ? 115 LYS A C   1 
ATOM   834  O O   . LYS A 1 111 ? -6.351  14.080  -5.080  1.00 46.32 ? 115 LYS A O   1 
ATOM   835  C CB  . LYS A 1 111 ? -3.337  13.844  -4.876  1.00 46.47 ? 115 LYS A CB  1 
ATOM   836  C CG  . LYS A 1 111 ? -1.991  14.569  -5.163  1.00 47.13 ? 115 LYS A CG  1 
ATOM   837  C CD  . LYS A 1 111 ? -1.024  13.630  -5.907  1.00 47.50 ? 115 LYS A CD  1 
ATOM   838  C CE  . LYS A 1 111 ? -0.025  14.403  -6.764  1.00 50.59 ? 115 LYS A CE  1 
ATOM   839  N NZ  . LYS A 1 111 ? 0.631   15.497  -6.006  1.00 47.88 ? 115 LYS A NZ  1 
ATOM   840  N N   . SER A 1 112 ? -6.226  13.723  -2.864  1.00 47.13 ? 116 SER A N   1 
ATOM   841  C CA  . SER A 1 112 ? -7.548  13.094  -2.727  1.00 46.22 ? 116 SER A CA  1 
ATOM   842  C C   . SER A 1 112 ? -8.684  14.114  -2.449  1.00 46.16 ? 116 SER A C   1 
ATOM   843  O O   . SER A 1 112 ? -8.480  15.176  -1.836  1.00 45.01 ? 116 SER A O   1 
ATOM   844  C CB  . SER A 1 112 ? -7.540  12.022  -1.629  1.00 45.57 ? 116 SER A CB  1 
ATOM   845  O OG  . SER A 1 112 ? -6.780  10.899  -2.007  1.00 45.52 ? 116 SER A OG  1 
ATOM   846  N N   . ASN A 1 113 ? -9.888  13.778  -2.909  1.00 46.04 ? 117 ASN A N   1 
ATOM   847  C CA  . ASN A 1 113 ? -11.039 14.593  -2.585  1.00 47.17 ? 117 ASN A CA  1 
ATOM   848  C C   . ASN A 1 113 ? -11.414 14.257  -1.148  1.00 47.41 ? 117 ASN A C   1 
ATOM   849  O O   . ASN A 1 113 ? -10.803 13.393  -0.516  1.00 48.23 ? 117 ASN A O   1 
ATOM   850  C CB  . ASN A 1 113 ? -12.205 14.413  -3.595  1.00 46.79 ? 117 ASN A CB  1 
ATOM   851  C CG  . ASN A 1 113 ? -12.803 12.979  -3.609  1.00 48.30 ? 117 ASN A CG  1 
ATOM   852  O OD1 . ASN A 1 113 ? -12.529 12.129  -2.742  1.00 46.53 ? 117 ASN A OD1 1 
ATOM   853  N ND2 . ASN A 1 113 ? -13.653 12.732  -4.592  1.00 47.47 ? 117 ASN A ND2 1 
ATOM   854  N N   . GLN A 1 114 ? -12.408 14.948  -0.627  1.00 48.11 ? 118 GLN A N   1 
ATOM   855  C CA  . GLN A 1 114 ? -12.842 14.766  0.752   1.00 48.22 ? 118 GLN A CA  1 
ATOM   856  C C   . GLN A 1 114 ? -13.252 13.304  1.046   1.00 48.21 ? 118 GLN A C   1 
ATOM   857  O O   . GLN A 1 114 ? -12.871 12.701  2.078   1.00 48.18 ? 118 GLN A O   1 
ATOM   858  C CB  A GLN A 1 114 ? -13.943 15.745  1.158   0.50 47.99 ? 118 GLN A CB  1 
ATOM   859  C CB  B GLN A 1 114 ? -14.014 15.733  0.952   0.50 48.02 ? 118 GLN A CB  1 
ATOM   860  C CG  A GLN A 1 114 ? -13.462 17.185  1.388   0.50 48.43 ? 118 GLN A CG  1 
ATOM   861  C CG  B GLN A 1 114 ? -13.726 17.227  0.529   0.50 48.75 ? 118 GLN A CG  1 
ATOM   862  C CD  A GLN A 1 114 ? -12.160 17.298  2.171   0.50 46.77 ? 118 GLN A CD  1 
ATOM   863  C CD  B GLN A 1 114 ? -13.424 17.480  -0.976  0.50 47.35 ? 118 GLN A CD  1 
ATOM   864  O OE1 A GLN A 1 114 ? -11.934 16.597  3.162   0.50 46.54 ? 118 GLN A OE1 1 
ATOM   865  O OE1 B GLN A 1 114 ? -14.189 17.107  -1.866  0.50 46.07 ? 118 GLN A OE1 1 
ATOM   866  N NE2 A GLN A 1 114 ? -11.295 18.191  1.719   0.50 45.17 ? 118 GLN A NE2 1 
ATOM   867  N NE2 B GLN A 1 114 ? -12.311 18.163  -1.239  0.50 46.62 ? 118 GLN A NE2 1 
ATOM   868  N N   . ASP A 1 115 ? -14.015 12.732  0.112   1.00 47.93 ? 119 ASP A N   1 
ATOM   869  C CA  . ASP A 1 115 ? -14.464 11.359  0.185   1.00 47.25 ? 119 ASP A CA  1 
ATOM   870  C C   . ASP A 1 115 ? -13.266 10.375  0.354   1.00 46.88 ? 119 ASP A C   1 
ATOM   871  O O   . ASP A 1 115 ? -13.264 9.489   1.222   1.00 46.08 ? 119 ASP A O   1 
ATOM   872  C CB  . ASP A 1 115 ? -15.247 11.066  -1.097  1.00 47.65 ? 119 ASP A CB  1 
ATOM   873  C CG  . ASP A 1 115 ? -15.636 9.630   -1.204  1.00 49.90 ? 119 ASP A CG  1 
ATOM   874  O OD1 . ASP A 1 115 ? -16.255 9.190   -0.205  1.00 54.47 ? 119 ASP A OD1 1 
ATOM   875  O OD2 . ASP A 1 115 ? -15.315 8.959   -2.232  1.00 47.30 ? 119 ASP A OD2 1 
ATOM   876  N N   . HIS A 1 116 ? -12.256 10.537  -0.492  1.00 46.27 ? 120 HIS A N   1 
ATOM   877  C CA  . HIS A 1 116 ? -11.130 9.655   -0.511  1.00 46.12 ? 120 HIS A CA  1 
ATOM   878  C C   . HIS A 1 116 ? -10.217 9.931   0.713   1.00 47.40 ? 120 HIS A C   1 
ATOM   879  O O   . HIS A 1 116 ? -9.680  8.998   1.326   1.00 46.99 ? 120 HIS A O   1 
ATOM   880  C CB  . HIS A 1 116 ? -10.388 9.846   -1.830  1.00 45.32 ? 120 HIS A CB  1 
ATOM   881  C CG  . HIS A 1 116 ? -10.912 9.015   -2.961  1.00 45.25 ? 120 HIS A CG  1 
ATOM   882  N ND1 . HIS A 1 116 ? -10.122 8.639   -4.028  1.00 42.43 ? 120 HIS A ND1 1 
ATOM   883  C CD2 . HIS A 1 116 ? -12.145 8.497   -3.204  1.00 43.45 ? 120 HIS A CD2 1 
ATOM   884  C CE1 . HIS A 1 116 ? -10.840 7.914   -4.870  1.00 40.14 ? 120 HIS A CE1 1 
ATOM   885  N NE2 . HIS A 1 116 ? -12.067 7.802   -4.386  1.00 42.13 ? 120 HIS A NE2 1 
ATOM   886  N N   . LYS A 1 117 ? -10.069 11.213  1.080   1.00 48.50 ? 121 LYS A N   1 
ATOM   887  C CA  . LYS A 1 117 ? -9.347  11.578  2.326   1.00 48.93 ? 121 LYS A CA  1 
ATOM   888  C C   . LYS A 1 117 ? -9.920  10.810  3.502   1.00 48.99 ? 121 LYS A C   1 
ATOM   889  O O   . LYS A 1 117 ? -9.168  10.314  4.351   1.00 47.85 ? 121 LYS A O   1 
ATOM   890  C CB  . LYS A 1 117 ? -9.466  13.064  2.619   1.00 48.48 ? 121 LYS A CB  1 
ATOM   891  C CG  . LYS A 1 117 ? -8.570  13.953  1.770   1.00 50.16 ? 121 LYS A CG  1 
ATOM   892  C CD  . LYS A 1 117 ? -8.304  15.267  2.493   1.00 50.29 ? 121 LYS A CD  1 
ATOM   893  C CE  . LYS A 1 117 ? -8.496  16.526  1.610   1.00 53.28 ? 121 LYS A CE  1 
ATOM   894  N NZ  . LYS A 1 117 ? -7.670  16.488  0.355   1.00 52.76 ? 121 LYS A NZ  1 
ATOM   895  N N   . GLU A 1 118 ? -11.256 10.697  3.539   1.00 48.20 ? 122 GLU A N   1 
ATOM   896  C CA  . GLU A 1 118 ? -11.919 10.059  4.692   1.00 47.96 ? 122 GLU A CA  1 
ATOM   897  C C   . GLU A 1 118 ? -11.738 8.563   4.739   1.00 47.57 ? 122 GLU A C   1 
ATOM   898  O O   . GLU A 1 118 ? -11.658 7.973   5.805   1.00 47.55 ? 122 GLU A O   1 
ATOM   899  C CB  A GLU A 1 118 ? -13.311 10.624  5.078   0.50 48.69 ? 122 GLU A CB  1 
ATOM   900  C CB  B GLU A 1 118 ? -13.436 10.310  4.523   0.50 47.64 ? 122 GLU A CB  1 
ATOM   901  C CG  A GLU A 1 118 ? -13.238 12.100  5.685   0.50 50.69 ? 122 GLU A CG  1 
ATOM   902  C CG  B GLU A 1 118 ? -14.291 10.301  5.775   0.50 46.62 ? 122 GLU A CG  1 
ATOM   903  C CD  A GLU A 1 118 ? -12.415 12.304  7.024   0.50 52.54 ? 122 GLU A CD  1 
ATOM   904  C CD  B GLU A 1 118 ? -15.604 11.037  5.562   0.50 47.83 ? 122 GLU A CD  1 
ATOM   905  O OE1 A GLU A 1 118 ? -12.986 11.985  8.100   0.50 52.64 ? 122 GLU A OE1 1 
ATOM   906  O OE1 B GLU A 1 118 ? -15.794 12.122  6.162   0.50 47.52 ? 122 GLU A OE1 1 
ATOM   907  O OE2 A GLU A 1 118 ? -11.244 12.836  7.012   0.50 50.14 ? 122 GLU A OE2 1 
ATOM   908  O OE2 B GLU A 1 118 ? -16.442 10.542  4.772   0.50 46.79 ? 122 GLU A OE2 1 
ATOM   909  N N   . LYS A 1 119 ? -11.649 7.962   3.542   1.00 46.74 ? 123 LYS A N   1 
ATOM   910  C CA  . LYS A 1 119 ? -11.332 6.554   3.365   1.00 45.90 ? 123 LYS A CA  1 
ATOM   911  C C   . LYS A 1 119 ? -9.864  6.282   3.722   1.00 45.64 ? 123 LYS A C   1 
ATOM   912  O O   . LYS A 1 119 ? -9.545  5.211   4.273   1.00 46.06 ? 123 LYS A O   1 
ATOM   913  C CB  . LYS A 1 119 ? -11.655 6.101   1.914   1.00 44.66 ? 123 LYS A CB  1 
ATOM   914  C CG  . LYS A 1 119 ? -13.180 5.952   1.695   1.00 43.94 ? 123 LYS A CG  1 
ATOM   915  C CD  . LYS A 1 119 ? -13.588 5.972   0.209   1.00 45.30 ? 123 LYS A CD  1 
ATOM   916  C CE  . LYS A 1 119 ? -15.169 5.815   0.002   1.00 46.84 ? 123 LYS A CE  1 
ATOM   917  N NZ  . LYS A 1 119 ? -15.591 6.369   -1.357  1.00 45.02 ? 123 LYS A NZ  1 
ATOM   918  N N   . ILE A 1 120 ? -8.972  7.214   3.397   1.00 45.01 ? 124 ILE A N   1 
ATOM   919  C CA  . ILE A 1 120 ? -7.575  7.067   3.874   1.00 44.97 ? 124 ILE A CA  1 
ATOM   920  C C   . ILE A 1 120 ? -7.506  7.100   5.422   1.00 45.07 ? 124 ILE A C   1 
ATOM   921  O O   . ILE A 1 120 ? -6.890  6.242   6.042   1.00 47.00 ? 124 ILE A O   1 
ATOM   922  C CB  . ILE A 1 120 ? -6.616  8.123   3.244   1.00 46.00 ? 124 ILE A CB  1 
ATOM   923  C CG1 . ILE A 1 120 ? -6.552  7.952   1.709   1.00 45.23 ? 124 ILE A CG1 1 
ATOM   924  C CG2 . ILE A 1 120 ? -5.188  8.107   3.987   1.00 44.21 ? 124 ILE A CG2 1 
ATOM   925  C CD1 . ILE A 1 120 ? -5.914  9.085   0.950   1.00 43.96 ? 124 ILE A CD1 1 
ATOM   926  N N   . ARG A 1 121 ? -8.173  8.068   6.039   1.00 45.94 ? 125 ARG A N   1 
ATOM   927  C CA  . ARG A 1 121 ? -8.298  8.120   7.507   1.00 46.57 ? 125 ARG A CA  1 
ATOM   928  C C   . ARG A 1 121 ? -8.740  6.779   8.122   1.00 47.63 ? 125 ARG A C   1 
ATOM   929  O O   . ARG A 1 121 ? -8.105  6.309   9.069   1.00 47.03 ? 125 ARG A O   1 
ATOM   930  C CB  . ARG A 1 121 ? -9.207  9.294   7.873   1.00 46.75 ? 125 ARG A CB  1 
ATOM   931  C CG  A ARG A 1 121 ? -8.928  9.973   9.221   0.50 48.68 ? 125 ARG A CG  1 
ATOM   932  C CG  B ARG A 1 121 ? -8.496  10.682  7.618   0.50 45.08 ? 125 ARG A CG  1 
ATOM   933  C CD  A ARG A 1 121 ? -9.414  9.168   10.438  0.50 49.35 ? 125 ARG A CD  1 
ATOM   934  C CD  B ARG A 1 121 ? -7.260  10.533  6.687   0.50 39.76 ? 125 ARG A CD  1 
ATOM   935  N NE  A ARG A 1 121 ? -10.095 9.988   11.437  0.50 47.74 ? 125 ARG A NE  1 
ATOM   936  N NE  B ARG A 1 121 ? -6.384  11.665  6.631   0.50 44.09 ? 125 ARG A NE  1 
ATOM   937  C CZ  A ARG A 1 121 ? -9.885  11.284  11.666  0.50 47.42 ? 125 ARG A CZ  1 
ATOM   938  C CZ  B ARG A 1 121 ? -6.720  12.920  7.000   0.50 50.92 ? 125 ARG A CZ  1 
ATOM   939  N NH1 A ARG A 1 121 ? -8.984  11.965  10.990  0.50 49.00 ? 125 ARG A NH1 1 
ATOM   940  N NH1 B ARG A 1 121 ? -7.969  13.216  7.404   0.50 47.99 ? 125 ARG A NH1 1 
ATOM   941  N NH2 A ARG A 1 121 ? -10.599 11.912  12.579  0.50 47.78 ? 125 ARG A NH2 1 
ATOM   942  N NH2 B ARG A 1 121 ? -5.810  13.899  6.934   0.50 45.11 ? 125 ARG A NH2 1 
ATOM   943  N N   . MET A 1 122 ? -9.777  6.124   7.569   1.00 49.00 ? 126 MET A N   1 
ATOM   944  C CA  . MET A 1 122 ? -10.195 4.813   8.109   1.00 48.61 ? 126 MET A CA  1 
ATOM   945  C C   . MET A 1 122 ? -9.199  3.732   7.934   1.00 47.82 ? 126 MET A C   1 
ATOM   946  O O   . MET A 1 122 ? -8.983  2.895   8.812   1.00 48.25 ? 126 MET A O   1 
ATOM   947  C CB  . MET A 1 122 ? -11.513 4.288   7.511   1.00 51.70 ? 126 MET A CB  1 
ATOM   948  C CG  . MET A 1 122 ? -11.850 2.846   8.097   1.00 52.31 ? 126 MET A CG  1 
ATOM   949  S SD  . MET A 1 122 ? -12.293 2.796   9.882   1.00 65.43 ? 126 MET A SD  1 
ATOM   950  C CE  . MET A 1 122 ? -11.130 1.584   10.485  1.00 55.56 ? 126 MET A CE  1 
ATOM   951  N N   . LEU A 1 123 ? -8.550  3.745   6.788   1.00 46.67 ? 127 LEU A N   1 
ATOM   952  C CA  . LEU A 1 123 ? -7.458  2.862   6.550   1.00 46.47 ? 127 LEU A CA  1 
ATOM   953  C C   . LEU A 1 123 ? -6.308  3.061   7.550   1.00 46.17 ? 127 LEU A C   1 
ATOM   954  O O   . LEU A 1 123 ? -5.717  2.069   8.051   1.00 45.73 ? 127 LEU A O   1 
ATOM   955  C CB  . LEU A 1 123 ? -7.003  3.084   5.086   1.00 47.01 ? 127 LEU A CB  1 
ATOM   956  C CG  . LEU A 1 123 ? -6.248  2.028   4.330   1.00 47.71 ? 127 LEU A CG  1 
ATOM   957  C CD1 . LEU A 1 123 ? -7.051  0.716   4.185   1.00 41.13 ? 127 LEU A CD1 1 
ATOM   958  C CD2 . LEU A 1 123 ? -5.687  2.599   2.977   1.00 43.97 ? 127 LEU A CD2 1 
ATOM   959  N N   . LEU A 1 124 ? -5.950  4.334   7.835   1.00 45.38 ? 128 LEU A N   1 
ATOM   960  C CA  . LEU A 1 124 ? -5.016  4.626   8.957   1.00 44.56 ? 128 LEU A CA  1 
ATOM   961  C C   . LEU A 1 124 ? -5.456  3.993   10.269  1.00 44.52 ? 128 LEU A C   1 
ATOM   962  O O   . LEU A 1 124 ? -4.620  3.531   11.079  1.00 44.29 ? 128 LEU A O   1 
ATOM   963  C CB  . LEU A 1 124 ? -4.805  6.159   9.146   1.00 43.45 ? 128 LEU A CB  1 
ATOM   964  C CG  . LEU A 1 124 ? -3.976  6.725   7.970   1.00 45.17 ? 128 LEU A CG  1 
ATOM   965  C CD1 . LEU A 1 124 ? -3.917  8.258   7.951   1.00 44.31 ? 128 LEU A CD1 1 
ATOM   966  C CD2 . LEU A 1 124 ? -2.527  6.095   8.004   1.00 41.32 ? 128 LEU A CD2 1 
ATOM   967  N N   . ASP A 1 125 ? -6.771  3.980   10.506  1.00 44.90 ? 129 ASP A N   1 
ATOM   968  C CA  . ASP A 1 125 ? -7.297  3.407   11.756  1.00 45.98 ? 129 ASP A CA  1 
ATOM   969  C C   . ASP A 1 125 ? -7.140  1.892   11.821  1.00 45.70 ? 129 ASP A C   1 
ATOM   970  O O   . ASP A 1 125 ? -6.765  1.324   12.855  1.00 46.07 ? 129 ASP A O   1 
ATOM   971  C CB  . ASP A 1 125 ? -8.754  3.832   11.967  1.00 46.43 ? 129 ASP A CB  1 
ATOM   972  C CG  . ASP A 1 125 ? -8.870  5.303   12.369  1.00 50.23 ? 129 ASP A CG  1 
ATOM   973  O OD1 . ASP A 1 125 ? -7.825  5.894   12.745  1.00 52.69 ? 129 ASP A OD1 1 
ATOM   974  O OD2 . ASP A 1 125 ? -9.996  5.875   12.320  1.00 53.21 ? 129 ASP A OD2 1 
ATOM   975  N N   . ILE A 1 126 ? -7.407  1.240   10.699  1.00 46.55 ? 130 ILE A N   1 
ATOM   976  C CA  . ILE A 1 126 ? -7.127  -0.193  10.520  1.00 46.71 ? 130 ILE A CA  1 
ATOM   977  C C   . ILE A 1 126 ? -5.619  -0.483  10.640  1.00 46.50 ? 130 ILE A C   1 
ATOM   978  O O   . ILE A 1 126 ? -5.234  -1.414  11.345  1.00 48.26 ? 130 ILE A O   1 
ATOM   979  C CB  . ILE A 1 126 ? -7.731  -0.671  9.160   1.00 47.08 ? 130 ILE A CB  1 
ATOM   980  C CG1 . ILE A 1 126 ? -9.268  -0.783  9.272   1.00 47.94 ? 130 ILE A CG1 1 
ATOM   981  C CG2 . ILE A 1 126 ? -7.090  -1.963  8.628   1.00 48.91 ? 130 ILE A CG2 1 
ATOM   982  C CD1 . ILE A 1 126 ? -9.872  -0.448  7.947   1.00 52.75 ? 130 ILE A CD1 1 
ATOM   983  N N   . TRP A 1 127 ? -4.759  0.320   10.018  1.00 45.21 ? 131 TRP A N   1 
ATOM   984  C CA  . TRP A 1 127 ? -3.304  0.115   10.191  1.00 45.00 ? 131 TRP A CA  1 
ATOM   985  C C   . TRP A 1 127 ? -2.885  0.208   11.659  1.00 45.13 ? 131 TRP A C   1 
ATOM   986  O O   . TRP A 1 127 ? -2.093  -0.599  12.164  1.00 44.00 ? 131 TRP A O   1 
ATOM   987  C CB  . TRP A 1 127 ? -2.541  1.133   9.326   1.00 45.60 ? 131 TRP A CB  1 
ATOM   988  C CG  . TRP A 1 127 ? -2.717  0.815   7.852   1.00 44.22 ? 131 TRP A CG  1 
ATOM   989  C CD1 . TRP A 1 127 ? -3.411  -0.284  7.326   1.00 44.98 ? 131 TRP A CD1 1 
ATOM   990  C CD2 . TRP A 1 127 ? -2.222  1.541   6.718   1.00 45.08 ? 131 TRP A CD2 1 
ATOM   991  N NE1 . TRP A 1 127 ? -3.345  -0.285  5.972   1.00 45.27 ? 131 TRP A NE1 1 
ATOM   992  C CE2 . TRP A 1 127 ? -2.611  0.804   5.552   1.00 44.88 ? 131 TRP A CE2 1 
ATOM   993  C CE3 . TRP A 1 127 ? -1.444  2.697   6.559   1.00 45.04 ? 131 TRP A CE3 1 
ATOM   994  C CZ2 . TRP A 1 127 ? -2.250  1.186   4.275   1.00 44.70 ? 131 TRP A CZ2 1 
ATOM   995  C CZ3 . TRP A 1 127 ? -1.116  3.091   5.281   1.00 44.13 ? 131 TRP A CZ3 1 
ATOM   996  C CH2 . TRP A 1 127 ? -1.520  2.342   4.148   1.00 44.76 ? 131 TRP A CH2 1 
ATOM   997  N N   . ASP A 1 128 ? -3.412  1.226   12.333  1.00 45.89 ? 132 ASP A N   1 
ATOM   998  C CA  . ASP A 1 128 ? -3.196  1.449   13.763  1.00 47.40 ? 132 ASP A CA  1 
ATOM   999  C C   . ASP A 1 128 ? -3.661  0.224   14.561  1.00 48.34 ? 132 ASP A C   1 
ATOM   1000 O O   . ASP A 1 128 ? -2.922  -0.326  15.373  1.00 48.66 ? 132 ASP A O   1 
ATOM   1001 C CB  . ASP A 1 128 ? -3.973  2.712   14.196  1.00 47.12 ? 132 ASP A CB  1 
ATOM   1002 C CG  . ASP A 1 128 ? -3.724  3.106   15.641  1.00 49.34 ? 132 ASP A CG  1 
ATOM   1003 O OD1 . ASP A 1 128 ? -2.644  3.678   15.955  1.00 58.75 ? 132 ASP A OD1 1 
ATOM   1004 O OD2 . ASP A 1 128 ? -4.608  2.859   16.464  1.00 45.44 ? 132 ASP A OD2 1 
ATOM   1005 N N   . ARG A 1 129 ? -4.882  -0.228  14.336  1.00 50.29 ? 133 ARG A N   1 
ATOM   1006 C CA  . ARG A 1 129 ? -5.340  -1.389  15.125  1.00 51.69 ? 133 ARG A CA  1 
ATOM   1007 C C   . ARG A 1 129 ? -4.570  -2.700  14.837  1.00 51.44 ? 133 ARG A C   1 
ATOM   1008 O O   . ARG A 1 129 ? -4.375  -3.495  15.743  1.00 50.86 ? 133 ARG A O   1 
ATOM   1009 C CB  . ARG A 1 129 ? -6.855  -1.540  15.102  1.00 52.29 ? 133 ARG A CB  1 
ATOM   1010 C CG  . ARG A 1 129 ? -7.487  -1.181  16.455  1.00 58.83 ? 133 ARG A CG  1 
ATOM   1011 C CD  . ARG A 1 129 ? -8.211  0.180   16.504  1.00 67.96 ? 133 ARG A CD  1 
ATOM   1012 N NE  . ARG A 1 129 ? -7.408  1.321   16.027  1.00 72.61 ? 133 ARG A NE  1 
ATOM   1013 C CZ  . ARG A 1 129 ? -7.827  2.591   16.022  1.00 75.13 ? 133 ARG A CZ  1 
ATOM   1014 N NH1 . ARG A 1 129 ? -9.043  2.918   16.478  1.00 76.84 ? 133 ARG A NH1 1 
ATOM   1015 N NH2 . ARG A 1 129 ? -7.023  3.544   15.575  1.00 76.24 ? 133 ARG A NH2 1 
ATOM   1016 N N   . SER A 1 130 ? -4.036  -2.841  13.611  1.00 51.41 ? 134 SER A N   1 
ATOM   1017 C CA  . SER A 1 130 ? -3.249  -4.020  13.155  1.00 51.64 ? 134 SER A CA  1 
ATOM   1018 C C   . SER A 1 130 ? -1.796  -4.094  13.578  1.00 51.14 ? 134 SER A C   1 
ATOM   1019 O O   . SER A 1 130 ? -1.216  -5.199  13.607  1.00 50.78 ? 134 SER A O   1 
ATOM   1020 C CB  . SER A 1 130 ? -3.246  -4.090  11.618  1.00 51.79 ? 134 SER A CB  1 
ATOM   1021 O OG  . SER A 1 130 ? -4.579  -4.282  11.165  1.00 57.64 ? 134 SER A OG  1 
ATOM   1022 N N   . GLY A 1 131 ? -1.186  -2.934  13.853  1.00 49.43 ? 135 GLY A N   1 
ATOM   1023 C CA  . GLY A 1 131 ? 0.242   -2.890  14.060  1.00 48.21 ? 135 GLY A CA  1 
ATOM   1024 C C   . GLY A 1 131 ? 1.006   -2.760  12.747  1.00 48.02 ? 135 GLY A C   1 
ATOM   1025 O O   . GLY A 1 131 ? 2.222   -2.907  12.745  1.00 50.03 ? 135 GLY A O   1 
ATOM   1026 N N   . LEU A 1 132 ? 0.325   -2.482  11.636  1.00 46.58 ? 136 LEU A N   1 
ATOM   1027 C CA  . LEU A 1 132 ? 1.025   -2.217  10.373  1.00 47.00 ? 136 LEU A CA  1 
ATOM   1028 C C   . LEU A 1 132 ? 1.621   -0.774  10.435  1.00 46.62 ? 136 LEU A C   1 
ATOM   1029 O O   . LEU A 1 132 ? 0.883   0.211   10.628  1.00 47.82 ? 136 LEU A O   1 
ATOM   1030 C CB  . LEU A 1 132 ? 0.131   -2.411  9.113   1.00 46.51 ? 136 LEU A CB  1 
ATOM   1031 C CG  . LEU A 1 132 ? 0.890   -2.402  7.755   1.00 46.73 ? 136 LEU A CG  1 
ATOM   1032 C CD1 . LEU A 1 132 ? 1.897   -3.601  7.661   1.00 41.39 ? 136 LEU A CD1 1 
ATOM   1033 C CD2 . LEU A 1 132 ? -0.071  -2.360  6.584   1.00 46.76 ? 136 LEU A CD2 1 
ATOM   1034 N N   . PHE A 1 133 ? 2.937   -0.697  10.331  1.00 43.65 ? 137 PHE A N   1 
ATOM   1035 C CA  . PHE A 1 133 ? 3.676   0.571   10.392  1.00 44.21 ? 137 PHE A CA  1 
ATOM   1036 C C   . PHE A 1 133 ? 3.688   1.161   11.817  1.00 43.40 ? 137 PHE A C   1 
ATOM   1037 O O   . PHE A 1 133 ? 3.643   2.382   11.996  1.00 44.11 ? 137 PHE A O   1 
ATOM   1038 C CB  . PHE A 1 133 ? 3.198   1.595   9.324   1.00 42.81 ? 137 PHE A CB  1 
ATOM   1039 C CG  . PHE A 1 133 ? 2.990   1.002   7.935   1.00 43.35 ? 137 PHE A CG  1 
ATOM   1040 C CD1 . PHE A 1 133 ? 1.805   1.182   7.246   1.00 41.73 ? 137 PHE A CD1 1 
ATOM   1041 C CD2 . PHE A 1 133 ? 3.976   0.204   7.348   1.00 44.75 ? 137 PHE A CD2 1 
ATOM   1042 C CE1 . PHE A 1 133 ? 1.626   0.640   5.930   1.00 44.50 ? 137 PHE A CE1 1 
ATOM   1043 C CE2 . PHE A 1 133 ? 3.787   -0.345  6.072   1.00 43.45 ? 137 PHE A CE2 1 
ATOM   1044 C CZ  . PHE A 1 133 ? 2.628   -0.131  5.372   1.00 39.38 ? 137 PHE A CZ  1 
ATOM   1045 N N   . GLN A 1 134 ? 3.779   0.298   12.818  1.00 42.42 ? 138 GLN A N   1 
ATOM   1046 C CA  . GLN A 1 134 ? 3.758   0.730   14.207  1.00 41.92 ? 138 GLN A CA  1 
ATOM   1047 C C   . GLN A 1 134 ? 4.965   1.592   14.633  1.00 40.52 ? 138 GLN A C   1 
ATOM   1048 O O   . GLN A 1 134 ? 4.895   2.313   15.632  1.00 39.06 ? 138 GLN A O   1 
ATOM   1049 C CB  . GLN A 1 134 ? 3.525   -0.465  15.157  1.00 43.13 ? 138 GLN A CB  1 
ATOM   1050 C CG  . GLN A 1 134 ? 4.553   -1.615  15.149  1.00 46.72 ? 138 GLN A CG  1 
ATOM   1051 C CD  . GLN A 1 134 ? 5.902   -1.337  15.812  1.00 52.37 ? 138 GLN A CD  1 
ATOM   1052 O OE1 . GLN A 1 134 ? 6.008   -0.711  16.889  1.00 55.56 ? 138 GLN A OE1 1 
ATOM   1053 N NE2 . GLN A 1 134 ? 6.958   -1.852  15.180  1.00 55.65 ? 138 GLN A NE2 1 
ATOM   1054 N N   . LYS A 1 135 ? 6.072   1.506   13.885  1.00 40.28 ? 139 LYS A N   1 
ATOM   1055 C CA  . LYS A 1 135 ? 7.282   2.236   14.223  1.00 40.88 ? 139 LYS A CA  1 
ATOM   1056 C C   . LYS A 1 135 ? 7.122   3.721   13.824  1.00 39.15 ? 139 LYS A C   1 
ATOM   1057 O O   . LYS A 1 135 ? 7.832   4.594   14.337  1.00 39.39 ? 139 LYS A O   1 
ATOM   1058 C CB  . LYS A 1 135 ? 8.493   1.721   13.427  1.00 41.54 ? 139 LYS A CB  1 
ATOM   1059 C CG  . LYS A 1 135 ? 9.106   0.430   13.888  1.00 47.50 ? 139 LYS A CG  1 
ATOM   1060 C CD  . LYS A 1 135 ? 10.344  0.151   13.042  1.00 54.66 ? 139 LYS A CD  1 
ATOM   1061 C CE  . LYS A 1 135 ? 10.979  -1.188  13.416  1.00 58.68 ? 139 LYS A CE  1 
ATOM   1062 N NZ  . LYS A 1 135 ? 12.454  -1.176  13.140  1.00 61.40 ? 139 LYS A NZ  1 
ATOM   1063 N N   . SER A 1 136 ? 6.228   3.954   12.880  1.00 38.61 ? 140 SER A N   1 
ATOM   1064 C CA  . SER A 1 136 ? 5.928   5.294   12.328  1.00 39.22 ? 140 SER A CA  1 
ATOM   1065 C C   . SER A 1 136 ? 4.880   6.043   13.131  1.00 37.50 ? 140 SER A C   1 
ATOM   1066 O O   . SER A 1 136 ? 3.894   5.490   13.525  1.00 35.22 ? 140 SER A O   1 
ATOM   1067 C CB  . SER A 1 136 ? 5.410   5.177   10.928  1.00 38.07 ? 140 SER A CB  1 
ATOM   1068 O OG  . SER A 1 136 ? 6.466   4.787   10.115  1.00 42.79 ? 140 SER A OG  1 
ATOM   1069 N N   . TYR A 1 137 ? 5.125   7.323   13.386  1.00 37.96 ? 141 TYR A N   1 
ATOM   1070 C CA  . TYR A 1 137 ? 4.064   8.123   13.991  1.00 36.66 ? 141 TYR A CA  1 
ATOM   1071 C C   . TYR A 1 137 ? 3.171   8.600   12.845  1.00 35.55 ? 141 TYR A C   1 
ATOM   1072 O O   . TYR A 1 137 ? 3.593   9.397   12.025  1.00 36.72 ? 141 TYR A O   1 
ATOM   1073 C CB  . TYR A 1 137 ? 4.659   9.294   14.767  1.00 35.53 ? 141 TYR A CB  1 
ATOM   1074 C CG  . TYR A 1 137 ? 3.592   10.172  15.407  1.00 35.67 ? 141 TYR A CG  1 
ATOM   1075 C CD1 . TYR A 1 137 ? 2.775   9.664   16.427  1.00 32.08 ? 141 TYR A CD1 1 
ATOM   1076 C CD2 . TYR A 1 137 ? 3.429   11.531  15.008  1.00 35.16 ? 141 TYR A CD2 1 
ATOM   1077 C CE1 . TYR A 1 137 ? 1.817   10.439  17.043  1.00 34.15 ? 141 TYR A CE1 1 
ATOM   1078 C CE2 . TYR A 1 137 ? 2.467   12.341  15.636  1.00 33.22 ? 141 TYR A CE2 1 
ATOM   1079 C CZ  . TYR A 1 137 ? 1.660   11.783  16.645  1.00 32.42 ? 141 TYR A CZ  1 
ATOM   1080 O OH  . TYR A 1 137 ? 0.730   12.525  17.285  1.00 29.73 ? 141 TYR A OH  1 
ATOM   1081 N N   . LEU A 1 138 ? 1.935   8.105   12.808  1.00 35.06 ? 142 LEU A N   1 
ATOM   1082 C CA  . LEU A 1 138 ? 1.007   8.369   11.728  1.00 35.51 ? 142 LEU A CA  1 
ATOM   1083 C C   . LEU A 1 138 ? -0.187  9.225   12.236  1.00 35.91 ? 142 LEU A C   1 
ATOM   1084 O O   . LEU A 1 138 ? -1.054  9.583   11.429  1.00 36.45 ? 142 LEU A O   1 
ATOM   1085 C CB  . LEU A 1 138 ? 0.441   7.029   11.122  1.00 35.38 ? 142 LEU A CB  1 
ATOM   1086 C CG  . LEU A 1 138 ? 1.545   6.208   10.371  1.00 38.69 ? 142 LEU A CG  1 
ATOM   1087 C CD1 . LEU A 1 138 ? 0.936   5.033   9.611   1.00 39.01 ? 142 LEU A CD1 1 
ATOM   1088 C CD2 . LEU A 1 138 ? 2.399   7.055   9.375   1.00 40.21 ? 142 LEU A CD2 1 
ATOM   1089 N N   . ASN A 1 139 ? -0.221  9.524   13.534  1.00 33.18 ? 143 ASN A N   1 
ATOM   1090 C CA  . ASN A 1 139 ? -1.364  10.182  14.111  1.00 34.45 ? 143 ASN A CA  1 
ATOM   1091 C C   . ASN A 1 139 ? -1.548  11.671  13.676  1.00 34.12 ? 143 ASN A C   1 
ATOM   1092 O O   . ASN A 1 139 ? -2.667  12.182  13.718  1.00 34.98 ? 143 ASN A O   1 
ATOM   1093 C CB  . ASN A 1 139 ? -1.321  10.011  15.621  1.00 31.37 ? 143 ASN A CB  1 
ATOM   1094 C CG  . ASN A 1 139 ? -2.517  10.636  16.353  1.00 34.88 ? 143 ASN A CG  1 
ATOM   1095 O OD1 . ASN A 1 139 ? -2.343  11.536  17.189  1.00 35.65 ? 143 ASN A OD1 1 
ATOM   1096 N ND2 . ASN A 1 139 ? -3.705  10.114  16.108  1.00 33.34 ? 143 ASN A ND2 1 
ATOM   1097 N N   . ALA A 1 140 ? -0.463  12.348  13.341  1.00 33.91 ? 144 ALA A N   1 
ATOM   1098 C CA  . ALA A 1 140 ? -0.506  13.731  12.834  1.00 35.58 ? 144 ALA A CA  1 
ATOM   1099 C C   . ALA A 1 140 ? -0.991  13.725  11.357  1.00 36.65 ? 144 ALA A C   1 
ATOM   1100 O O   . ALA A 1 140 ? -1.893  14.476  11.023  1.00 36.95 ? 144 ALA A O   1 
ATOM   1101 C CB  . ALA A 1 140 ? 0.848   14.423  12.980  1.00 34.23 ? 144 ALA A CB  1 
ATOM   1102 N N   . ILE A 1 141 ? -0.471  12.797  10.548  1.00 37.77 ? 145 ILE A N   1 
ATOM   1103 C CA  . ILE A 1 141 ? -0.896  12.591  9.170   1.00 41.11 ? 145 ILE A CA  1 
ATOM   1104 C C   . ILE A 1 141 ? -2.389  12.264  9.108   1.00 41.33 ? 145 ILE A C   1 
ATOM   1105 O O   . ILE A 1 141 ? -3.101  12.746  8.239   1.00 39.94 ? 145 ILE A O   1 
ATOM   1106 C CB  . ILE A 1 141 ? -0.044  11.503  8.485   1.00 41.83 ? 145 ILE A CB  1 
ATOM   1107 C CG1 . ILE A 1 141 ? 1.375   11.997  8.297   1.00 46.08 ? 145 ILE A CG1 1 
ATOM   1108 C CG2 . ILE A 1 141 ? -0.650  11.049  7.143   1.00 44.98 ? 145 ILE A CG2 1 
ATOM   1109 C CD1 . ILE A 1 141 ? 2.372   10.844  7.973   1.00 50.90 ? 145 ILE A CD1 1 
ATOM   1110 N N   . ARG A 1 142 ? -2.858  11.489  10.084  1.00 41.84 ? 146 ARG A N   1 
ATOM   1111 C CA  . ARG A 1 142 ? -4.241  11.141  10.195  1.00 42.83 ? 146 ARG A CA  1 
ATOM   1112 C C   . ARG A 1 142 ? -5.184  12.350  10.412  1.00 42.91 ? 146 ARG A C   1 
ATOM   1113 O O   . ARG A 1 142 ? -6.356  12.300  10.057  1.00 42.66 ? 146 ARG A O   1 
ATOM   1114 C CB  . ARG A 1 142 ? -4.390  10.112  11.329  1.00 43.96 ? 146 ARG A CB  1 
ATOM   1115 C CG  . ARG A 1 142 ? -5.720  9.400   11.403  1.00 45.43 ? 146 ARG A CG  1 
ATOM   1116 C CD  . ARG A 1 142 ? -6.237  9.487   12.794  1.00 52.13 ? 146 ARG A CD  1 
ATOM   1117 N NE  . ARG A 1 142 ? -7.497  8.756   12.985  1.00 57.16 ? 146 ARG A NE  1 
ATOM   1118 C CZ  . ARG A 1 142 ? -8.323  8.907   14.031  1.00 60.93 ? 146 ARG A CZ  1 
ATOM   1119 N NH1 . ARG A 1 142 ? -8.048  9.772   15.008  1.00 60.70 ? 146 ARG A NH1 1 
ATOM   1120 N NH2 . ARG A 1 142 ? -9.445  8.184   14.114  1.00 58.98 ? 146 ARG A NH2 1 
ATOM   1121 N N   . SER A 1 143 ? -4.716  13.445  10.999  1.00 43.74 ? 147 SER A N   1 
ATOM   1122 C CA  . SER A 1 143 ? -5.667  14.550  11.298  1.00 43.96 ? 147 SER A CA  1 
ATOM   1123 C C   . SER A 1 143 ? -6.197  15.293  10.033  1.00 43.89 ? 147 SER A C   1 
ATOM   1124 O O   . SER A 1 143 ? -5.489  15.392  9.001   1.00 43.07 ? 147 SER A O   1 
ATOM   1125 C CB  . SER A 1 143 ? -5.100  15.503  12.346  1.00 43.91 ? 147 SER A CB  1 
ATOM   1126 O OG  . SER A 1 143 ? -3.935  16.091  11.854  1.00 43.15 ? 147 SER A OG  1 
ATOM   1127 N N   . LYS A 1 144 ? -7.471  15.702  10.111  1.00 44.46 ? 148 LYS A N   1 
ATOM   1128 C CA  . LYS A 1 144 ? -8.217  16.518  9.092   1.00 47.41 ? 148 LYS A CA  1 
ATOM   1129 C C   . LYS A 1 144 ? -7.555  17.889  8.843   1.00 48.42 ? 148 LYS A C   1 
ATOM   1130 O O   . LYS A 1 144 ? -7.696  18.499  7.755   1.00 49.22 ? 148 LYS A O   1 
ATOM   1131 C CB  . LYS A 1 144 ? -9.679  16.803  9.534   1.00 45.99 ? 148 LYS A CB  1 
ATOM   1132 C CG  . LYS A 1 144 ? -10.660 15.710  9.223   1.00 49.59 ? 148 LYS A CG  1 
ATOM   1133 C CD  . LYS A 1 144 ? -12.092 16.187  9.554   1.00 50.81 ? 148 LYS A CD  1 
ATOM   1134 C CE  . LYS A 1 144 ? -13.119 15.472  8.638   1.00 55.77 ? 148 LYS A CE  1 
ATOM   1135 N NZ  . LYS A 1 144 ? -14.559 15.870  8.822   1.00 55.51 ? 148 LYS A NZ  1 
ATOM   1136 N N   . CYS A 1 145 ? -6.901  18.387  9.891   1.00 48.13 ? 149 CYS A N   1 
ATOM   1137 C CA  . CYS A 1 145 ? -6.112  19.585  9.813   1.00 49.20 ? 149 CYS A CA  1 
ATOM   1138 C C   . CYS A 1 145 ? -4.918  19.397  8.912   1.00 49.85 ? 149 CYS A C   1 
ATOM   1139 O O   . CYS A 1 145 ? -4.507  20.347  8.260   1.00 49.31 ? 149 CYS A O   1 
ATOM   1140 C CB  . CYS A 1 145 ? -5.664  19.964  11.210  1.00 47.97 ? 149 CYS A CB  1 
ATOM   1141 S SG  . CYS A 1 145 ? -7.124  20.423  12.187  1.00 50.14 ? 149 CYS A SG  1 
ATOM   1142 N N   . PHE A 1 146 ? -4.391  18.161  8.868   1.00 51.31 ? 150 PHE A N   1 
ATOM   1143 C CA  . PHE A 1 146 ? -3.207  17.805  8.054   1.00 52.70 ? 150 PHE A CA  1 
ATOM   1144 C C   . PHE A 1 146 ? -3.523  18.006  6.606   1.00 54.82 ? 150 PHE A C   1 
ATOM   1145 O O   . PHE A 1 146 ? -2.714  18.609  5.849   1.00 53.92 ? 150 PHE A O   1 
ATOM   1146 C CB  . PHE A 1 146 ? -2.827  16.344  8.232   1.00 52.21 ? 150 PHE A CB  1 
ATOM   1147 C CG  . PHE A 1 146 ? -1.719  15.878  7.315   1.00 51.90 ? 150 PHE A CG  1 
ATOM   1148 C CD1 . PHE A 1 146 ? -0.386  16.268  7.538   1.00 55.22 ? 150 PHE A CD1 1 
ATOM   1149 C CD2 . PHE A 1 146 ? -1.980  15.010  6.263   1.00 53.68 ? 150 PHE A CD2 1 
ATOM   1150 C CE1 . PHE A 1 146 ? 0.682   15.795  6.714   1.00 53.56 ? 150 PHE A CE1 1 
ATOM   1151 C CE2 . PHE A 1 146 ? -0.931  14.548  5.424   1.00 54.03 ? 150 PHE A CE2 1 
ATOM   1152 C CZ  . PHE A 1 146 ? 0.413   14.952  5.672   1.00 51.63 ? 150 PHE A CZ  1 
ATOM   1153 N N   . ALA A 1 147 ? -4.693  17.437  6.246   1.00 57.00 ? 151 ALA A N   1 
ATOM   1154 C CA  . ALA A 1 147 ? -5.221  17.404  4.870   1.00 59.43 ? 151 ALA A CA  1 
ATOM   1155 C C   . ALA A 1 147 ? -5.394  18.847  4.335   1.00 61.38 ? 151 ALA A C   1 
ATOM   1156 O O   . ALA A 1 147 ? -4.947  19.143  3.209   1.00 62.64 ? 151 ALA A O   1 
ATOM   1157 C CB  . ALA A 1 147 ? -6.520  16.620  4.827   1.00 57.80 ? 151 ALA A CB  1 
ATOM   1158 N N   . ALA A 1 148 ? -5.995  19.716  5.171   1.00 62.46 ? 152 ALA A N   1 
ATOM   1159 C CA  . ALA A 1 148 ? -6.242  21.127  4.903   1.00 64.01 ? 152 ALA A CA  1 
ATOM   1160 C C   . ALA A 1 148 ? -4.969  21.959  4.770   1.00 65.05 ? 152 ALA A C   1 
ATOM   1161 O O   . ALA A 1 148 ? -4.905  22.878  3.951   1.00 65.71 ? 152 ALA A O   1 
ATOM   1162 C CB  . ALA A 1 148 ? -7.138  21.723  6.014   1.00 63.73 ? 152 ALA A CB  1 
ATOM   1163 N N   . ALA A 1 149 ? -3.974  21.667  5.603   1.00 66.08 ? 153 ALA A N   1 
ATOM   1164 C CA  . ALA A 1 149 ? -2.660  22.316  5.512   1.00 67.09 ? 153 ALA A CA  1 
ATOM   1165 C C   . ALA A 1 149 ? -1.892  21.977  4.207   1.00 68.12 ? 153 ALA A C   1 
ATOM   1166 O O   . ALA A 1 149 ? -0.928  22.663  3.868   1.00 69.06 ? 153 ALA A O   1 
ATOM   1167 C CB  . ALA A 1 149 ? -1.805  22.018  6.772   1.00 66.43 ? 153 ALA A CB  1 
ATOM   1168 N N   . LEU A 1 150 ? -2.331  20.950  3.474   1.00 68.88 ? 154 LEU A N   1 
ATOM   1169 C CA  . LEU A 1 150 ? -1.694  20.542  2.199   1.00 69.52 ? 154 LEU A CA  1 
ATOM   1170 C C   . LEU A 1 150 ? -2.299  21.210  0.951   1.00 70.03 ? 154 LEU A C   1 
ATOM   1171 O O   . LEU A 1 150 ? -3.278  21.974  1.028   1.00 70.19 ? 154 LEU A O   1 
ATOM   1172 C CB  . LEU A 1 150 ? -1.732  19.007  2.031   1.00 69.38 ? 154 LEU A CB  1 
ATOM   1173 C CG  . LEU A 1 150 ? -0.972  18.103  3.031   1.00 68.97 ? 154 LEU A CG  1 
ATOM   1174 C CD1 . LEU A 1 150 ? -1.443  16.598  2.938   1.00 68.05 ? 154 LEU A CD1 1 
ATOM   1175 C CD2 . LEU A 1 150 ? 0.557   18.217  2.916   1.00 66.95 ? 154 LEU A CD2 1 
HETATM 1176 S S   . SO4 B 2 .   ? -14.206 1.075   -12.681 1.00 73.25 ? 200 SO4 A S   1 
HETATM 1177 O O1  . SO4 B 2 .   ? -13.884 1.341   -14.106 1.00 73.53 ? 200 SO4 A O1  1 
HETATM 1178 O O2  . SO4 B 2 .   ? -12.971 1.037   -11.892 1.00 73.85 ? 200 SO4 A O2  1 
HETATM 1179 O O3  . SO4 B 2 .   ? -15.035 2.129   -12.074 1.00 71.55 ? 200 SO4 A O3  1 
HETATM 1180 O O4  . SO4 B 2 .   ? -14.848 -0.246  -12.580 1.00 74.30 ? 200 SO4 A O4  1 
HETATM 1181 C C1  . GOL C 3 .   ? -13.553 5.955   -6.196  1.00 60.40 ? 300 GOL A C1  1 
HETATM 1182 O O1  . GOL C 3 .   ? -12.239 5.832   -6.759  1.00 53.81 ? 300 GOL A O1  1 
HETATM 1183 C C2  . GOL C 3 .   ? -13.890 4.883   -5.141  1.00 58.89 ? 300 GOL A C2  1 
HETATM 1184 O O2  . GOL C 3 .   ? -14.500 3.700   -5.593  1.00 56.69 ? 300 GOL A O2  1 
HETATM 1185 C C3  . GOL C 3 .   ? -14.730 5.390   -3.997  1.00 58.03 ? 300 GOL A C3  1 
HETATM 1186 O O3  . GOL C 3 .   ? -14.392 4.534   -2.910  1.00 55.46 ? 300 GOL A O3  1 
HETATM 1187 C C1  . GOL D 3 .   ? -10.781 -8.957  -11.660 1.00 58.31 ? 301 GOL A C1  1 
HETATM 1188 O O1  . GOL D 3 .   ? -9.509  -9.280  -12.131 1.00 55.00 ? 301 GOL A O1  1 
HETATM 1189 C C2  . GOL D 3 .   ? -11.388 -7.874  -12.542 1.00 61.60 ? 301 GOL A C2  1 
HETATM 1190 O O2  . GOL D 3 .   ? -10.601 -7.932  -13.684 1.00 62.34 ? 301 GOL A O2  1 
HETATM 1191 C C3  . GOL D 3 .   ? -11.265 -6.468  -11.921 1.00 63.85 ? 301 GOL A C3  1 
HETATM 1192 O O3  . GOL D 3 .   ? -12.440 -5.648  -11.864 1.00 65.14 ? 301 GOL A O3  1 
HETATM 1193 C C1  . GOL E 3 .   ? 9.984   -14.288 6.271   1.00 69.49 ? 302 GOL A C1  1 
HETATM 1194 O O1  . GOL E 3 .   ? 9.122   -14.078 5.194   1.00 63.12 ? 302 GOL A O1  1 
HETATM 1195 C C2  . GOL E 3 .   ? 9.138   -14.261 7.531   1.00 72.54 ? 302 GOL A C2  1 
HETATM 1196 O O2  . GOL E 3 .   ? 7.763   -14.430 7.232   1.00 72.84 ? 302 GOL A O2  1 
HETATM 1197 C C3  . GOL E 3 .   ? 9.393   -12.964 8.286   1.00 74.04 ? 302 GOL A C3  1 
HETATM 1198 O O3  . GOL E 3 .   ? 9.785   -12.015 7.328   1.00 75.04 ? 302 GOL A O3  1 
HETATM 1199 C C1  . GOL F 3 .   ? 8.980   -15.439 -13.002 1.00 76.99 ? 303 GOL A C1  1 
HETATM 1200 O O1  . GOL F 3 .   ? 8.170   -14.584 -13.784 1.00 75.01 ? 303 GOL A O1  1 
HETATM 1201 C C2  . GOL F 3 .   ? 8.683   -15.175 -11.522 1.00 76.55 ? 303 GOL A C2  1 
HETATM 1202 O O2  . GOL F 3 .   ? 9.773   -15.491 -10.668 1.00 77.23 ? 303 GOL A O2  1 
HETATM 1203 C C3  . GOL F 3 .   ? 7.471   -15.987 -11.084 1.00 76.85 ? 303 GOL A C3  1 
HETATM 1204 O O3  . GOL F 3 .   ? 6.316   -15.474 -11.703 1.00 74.89 ? 303 GOL A O3  1 
HETATM 1205 O O   . HOH G 4 .   ? 2.029   11.664  11.708  1.00 27.67 ? 304 HOH A O   1 
HETATM 1206 O O   . HOH G 4 .   ? -8.601  5.130   -6.091  1.00 29.79 ? 305 HOH A O   1 
HETATM 1207 O O   . HOH G 4 .   ? -5.295  2.811   -7.915  1.00 33.60 ? 306 HOH A O   1 
HETATM 1208 O O   . HOH G 4 .   ? 1.046   8.319   -2.731  1.00 29.64 ? 307 HOH A O   1 
HETATM 1209 O O   . HOH G 4 .   ? 8.364   8.393   4.042   1.00 36.75 ? 308 HOH A O   1 
HETATM 1210 O O   . HOH G 4 .   ? -7.495  9.201   -4.287  1.00 34.62 ? 309 HOH A O   1 
HETATM 1211 O O   . HOH G 4 .   ? -4.080  12.527  19.343  1.00 34.26 ? 310 HOH A O   1 
HETATM 1212 O O   . HOH G 4 .   ? 5.798   10.424  -3.699  1.00 38.57 ? 311 HOH A O   1 
HETATM 1213 O O   . HOH G 4 .   ? 10.342  5.261   14.147  1.00 35.08 ? 312 HOH A O   1 
HETATM 1214 O O   . HOH G 4 .   ? 4.832   13.095  -0.172  1.00 35.29 ? 313 HOH A O   1 
HETATM 1215 O O   . HOH G 4 .   ? 0.136   0.618   -4.832  1.00 31.05 ? 314 HOH A O   1 
HETATM 1216 O O   . HOH G 4 .   ? 7.494   8.666   12.193  1.00 34.88 ? 315 HOH A O   1 
HETATM 1217 O O   . HOH G 4 .   ? 9.992   8.315   1.916   1.00 37.10 ? 316 HOH A O   1 
HETATM 1218 O O   . HOH G 4 .   ? 7.529   6.605   6.410   1.00 36.26 ? 317 HOH A O   1 
HETATM 1219 O O   . HOH G 4 .   ? -7.346  -8.239  -1.023  1.00 36.45 ? 318 HOH A O   1 
HETATM 1220 O O   . HOH G 4 .   ? -4.518  -9.981  5.706   1.00 44.92 ? 319 HOH A O   1 
HETATM 1221 O O   . HOH G 4 .   ? -14.705 1.199   -5.192  1.00 35.68 ? 320 HOH A O   1 
HETATM 1222 O O   . HOH G 4 .   ? -13.413 2.458   -1.161  1.00 40.51 ? 321 HOH A O   1 
HETATM 1223 O O   . HOH G 4 .   ? -13.378 -1.933  -10.770 1.00 44.17 ? 322 HOH A O   1 
HETATM 1224 O O   . HOH G 4 .   ? 3.243   9.676   -3.738  1.00 38.65 ? 323 HOH A O   1 
HETATM 1225 O O   . HOH G 4 .   ? -9.238  -7.313  -2.426  1.00 33.59 ? 324 HOH A O   1 
HETATM 1226 O O   . HOH G 4 .   ? 0.688   6.637   14.858  1.00 34.41 ? 325 HOH A O   1 
HETATM 1227 O O   . HOH G 4 .   ? 10.307  -1.770  -9.739  1.00 39.62 ? 326 HOH A O   1 
HETATM 1228 O O   . HOH G 4 .   ? 10.823  1.356   -4.075  1.00 43.77 ? 327 HOH A O   1 
HETATM 1229 O O   . HOH G 4 .   ? 12.166  4.571   -2.623  1.00 46.67 ? 328 HOH A O   1 
HETATM 1230 O O   . HOH G 4 .   ? 11.441  -4.508  0.035   1.00 43.99 ? 329 HOH A O   1 
HETATM 1231 O O   . HOH G 4 .   ? 6.728   -0.149  11.459  1.00 45.20 ? 330 HOH A O   1 
HETATM 1232 O O   . HOH G 4 .   ? 3.770   13.714  11.008  1.00 39.35 ? 331 HOH A O   1 
HETATM 1233 O O   . HOH G 4 .   ? -2.105  4.284   11.484  1.00 35.67 ? 332 HOH A O   1 
HETATM 1234 O O   . HOH G 4 .   ? -0.308  2.584   12.272  1.00 45.93 ? 333 HOH A O   1 
HETATM 1235 O O   . HOH G 4 .   ? -12.856 14.750  4.437   1.00 56.81 ? 334 HOH A O   1 
HETATM 1236 O O   . HOH G 4 .   ? -1.044  -13.849 5.238   1.00 50.24 ? 335 HOH A O   1 
HETATM 1237 O O   . HOH G 4 .   ? -9.733  11.703  -5.195  1.00 44.76 ? 336 HOH A O   1 
HETATM 1238 O O   . HOH G 4 .   ? -5.338  12.385  14.756  1.00 42.16 ? 337 HOH A O   1 
HETATM 1239 O O   . HOH G 4 .   ? -9.103  -12.264 -7.937  1.00 40.97 ? 338 HOH A O   1 
HETATM 1240 O O   . HOH G 4 .   ? 11.892  -3.077  -2.294  1.00 39.02 ? 339 HOH A O   1 
HETATM 1241 O O   . HOH G 4 .   ? -4.933  -13.175 -1.417  1.00 46.31 ? 340 HOH A O   1 
HETATM 1242 O O   . HOH G 4 .   ? 1.673   3.909   13.643  1.00 39.27 ? 341 HOH A O   1 
HETATM 1243 O O   . HOH G 4 .   ? 12.238  -0.616  -3.071  1.00 41.86 ? 342 HOH A O   1 
HETATM 1244 O O   . HOH G 4 .   ? 2.990   15.514  0.304   1.00 46.94 ? 343 HOH A O   1 
HETATM 1245 O O   . HOH G 4 .   ? 6.298   -16.975 -1.268  1.00 52.31 ? 344 HOH A O   1 
HETATM 1246 O O   . HOH G 4 .   ? -6.605  -10.887 -0.506  1.00 47.28 ? 345 HOH A O   1 
HETATM 1247 O O   . HOH G 4 .   ? 7.050   1.918   9.574   1.00 51.27 ? 346 HOH A O   1 
HETATM 1248 O O   . HOH G 4 .   ? 13.331  -9.816  -2.708  1.00 48.16 ? 347 HOH A O   1 
HETATM 1249 O O   . HOH G 4 .   ? 12.605  4.434   -5.412  1.00 45.63 ? 348 HOH A O   1 
HETATM 1250 O O   . HOH G 4 .   ? -5.619  -10.907 1.950   1.00 41.63 ? 349 HOH A O   1 
HETATM 1251 O O   . HOH G 4 .   ? 13.217  5.430   -0.340  1.00 52.66 ? 350 HOH A O   1 
HETATM 1252 O O   . HOH G 4 .   ? 11.665  3.789   12.457  1.00 50.52 ? 351 HOH A O   1 
HETATM 1253 O O   . HOH G 4 .   ? -11.094 2.172   4.356   1.00 56.75 ? 352 HOH A O   1 
HETATM 1254 O O   . HOH G 4 .   ? 17.029  -2.873  2.014   1.00 59.24 ? 353 HOH A O   1 
HETATM 1255 O O   . HOH G 4 .   ? -5.093  -7.716  9.667   1.00 61.29 ? 354 HOH A O   1 
HETATM 1256 O O   . HOH G 4 .   ? 5.590   13.029  -2.529  1.00 47.10 ? 355 HOH A O   1 
HETATM 1257 O O   . HOH G 4 .   ? -4.362  12.949  -12.375 1.00 53.85 ? 356 HOH A O   1 
HETATM 1258 O O   . HOH G 4 .   ? -7.408  12.225  -11.228 1.00 55.56 ? 357 HOH A O   1 
HETATM 1259 O O   . HOH G 4 .   ? 11.565  2.212   1.341   1.00 48.40 ? 358 HOH A O   1 
HETATM 1260 O O   . HOH G 4 .   ? 1.183   11.804  -8.354  1.00 55.98 ? 359 HOH A O   1 
# 
